data_3NXD
#
_entry.id   3NXD
#
_cell.length_a   149.670
_cell.length_b   96.340
_cell.length_c   128.220
_cell.angle_alpha   90.00
_cell.angle_beta   110.28
_cell.angle_gamma   90.00
#
_symmetry.space_group_name_H-M   'C 1 2 1'
#
loop_
_entity.id
_entity.type
_entity.pdbx_description
1 polymer 'Major capsid protein VP1'
2 branched 'N-acetyl-alpha-neuraminic acid-(2-6)-beta-D-galactopyranose-(1-4)-2-acetamido-2-deoxy-beta-D-glucopyranose-(1-3)-beta-D-galactopyranose-(1-4)-beta-D-glucopyranose'
3 non-polymer GLYCEROL
4 non-polymer 1,2-ETHANEDIOL
5 water water
#
_entity_poly.entity_id   1
_entity_poly.type   'polypeptide(L)'
_entity_poly.pdbx_seq_one_letter_code
;GSHMGGVEVLEVKTGVDSITEVECFLTPEMGDPDEHLRGFSKSISISDTFESDSPNRDMLPCYSVARIPLPNLNEDLTCG
NILMWEAVTLKTEVIGVTSLMNVHSNGQATHDNGAGKPVQGTSFHFFSVGGEALELQGVLFNYRTKYPDGTIFPKNATVQ
SQVMNTEHKAYLDKNKAYPVECWVPDPTRNENTRYFGTLTGGENVPPVLHITNTATTVLLDEFGVGPLCKGDNLYLSAVD
VCGMFTNRSGSQQWRGLSRYFKVQLRKRRVKN
;
_entity_poly.pdbx_strand_id   C,B,A,D,E
#
loop_
_chem_comp.id
_chem_comp.type
_chem_comp.name
_chem_comp.formula
BGC D-saccharide, beta linking beta-D-glucopyranose 'C6 H12 O6'
EDO non-polymer 1,2-ETHANEDIOL 'C2 H6 O2'
GAL D-saccharide, beta linking beta-D-galactopyranose 'C6 H12 O6'
GOL non-polymer GLYCEROL 'C3 H8 O3'
NAG D-saccharide, beta linking 2-acetamido-2-deoxy-beta-D-glucopyranose 'C8 H15 N O6'
SIA D-saccharide, alpha linking 'N-acetyl-alpha-neuraminic acid' 'C11 H19 N O9'
#
# COMPACT_ATOMS: atom_id res chain seq x y z
N GLU A 8 -21.31 26.10 26.39
CA GLU A 8 -22.14 26.45 25.20
C GLU A 8 -21.31 27.23 24.18
N VAL A 9 -21.39 26.79 22.92
CA VAL A 9 -20.62 27.38 21.82
C VAL A 9 -21.52 28.24 20.94
N LEU A 10 -21.20 29.54 20.84
CA LEU A 10 -21.99 30.46 20.01
C LEU A 10 -21.30 30.82 18.69
N GLU A 11 -21.51 32.04 18.21
CA GLU A 11 -21.07 32.45 16.87
C GLU A 11 -19.57 32.76 16.77
N VAL A 12 -19.05 32.61 15.55
CA VAL A 12 -17.68 33.00 15.22
C VAL A 12 -17.61 34.51 15.00
N LYS A 13 -16.60 35.14 15.58
CA LYS A 13 -16.37 36.57 15.40
C LYS A 13 -15.70 36.80 14.03
N THR A 14 -16.17 37.79 13.28
CA THR A 14 -15.59 38.13 11.98
C THR A 14 -14.80 39.44 12.05
N GLY A 15 -14.19 39.82 10.92
CA GLY A 15 -13.33 40.98 10.87
C GLY A 15 -11.87 40.58 10.73
N VAL A 16 -11.01 41.57 10.48
CA VAL A 16 -9.59 41.32 10.21
C VAL A 16 -8.84 40.80 11.44
N ASP A 17 -9.14 41.37 12.60
CA ASP A 17 -8.47 41.02 13.86
C ASP A 17 -9.07 39.78 14.55
N SER A 18 -9.99 39.10 13.88
CA SER A 18 -10.67 37.94 14.44
C SER A 18 -9.98 36.61 14.13
N ILE A 19 -8.89 36.68 13.37
CA ILE A 19 -8.11 35.50 13.00
C ILE A 19 -6.65 35.68 13.41
N THR A 20 -6.02 34.59 13.82
CA THR A 20 -4.59 34.59 14.10
C THR A 20 -3.94 33.28 13.62
N GLU A 21 -2.61 33.29 13.56
CA GLU A 21 -1.86 32.17 13.04
C GLU A 21 -0.73 31.81 13.99
N VAL A 22 -0.57 30.51 14.23
CA VAL A 22 0.52 29.98 15.03
C VAL A 22 1.41 29.13 14.15
N GLU A 23 2.70 29.42 14.17
CA GLU A 23 3.66 28.70 13.35
C GLU A 23 4.91 28.41 14.16
N CYS A 24 5.33 27.14 14.17
CA CYS A 24 6.49 26.73 14.94
C CYS A 24 6.96 25.31 14.61
N PHE A 25 8.12 24.96 15.16
CA PHE A 25 8.68 23.61 15.03
C PHE A 25 8.80 23.01 16.42
N LEU A 26 8.45 21.73 16.54
CA LEU A 26 8.69 20.98 17.76
C LEU A 26 9.85 20.04 17.56
N THR A 27 10.89 20.22 18.38
CA THR A 27 12.08 19.38 18.29
C THR A 27 11.82 18.01 18.93
N PRO A 28 12.45 16.95 18.39
CA PRO A 28 12.24 15.63 18.97
C PRO A 28 13.01 15.47 20.28
N GLU A 29 12.54 14.57 21.14
CA GLU A 29 13.23 14.27 22.39
C GLU A 29 13.52 12.76 22.48
N MET A 30 14.64 12.37 21.87
CA MET A 30 14.97 10.96 21.67
C MET A 30 15.83 10.38 22.79
N GLY A 31 16.41 11.24 23.61
CA GLY A 31 17.27 10.82 24.71
C GLY A 31 18.54 11.64 24.84
N ASP A 32 19.11 12.05 23.70
CA ASP A 32 20.31 12.91 23.64
C ASP A 32 21.41 12.47 24.63
N PRO A 33 22.05 11.32 24.35
CA PRO A 33 23.00 10.70 25.30
C PRO A 33 24.26 11.51 25.58
N ASP A 34 24.69 12.35 24.64
CA ASP A 34 25.80 13.28 24.89
C ASP A 34 25.64 14.61 24.15
N GLU A 35 26.68 15.45 24.26
CA GLU A 35 26.68 16.81 23.71
C GLU A 35 26.68 16.85 22.18
N HIS A 36 26.93 15.70 21.55
CA HIS A 36 27.02 15.62 20.09
C HIS A 36 25.80 14.94 19.45
N LEU A 37 24.90 14.42 20.28
CA LEU A 37 23.89 13.47 19.79
C LEU A 37 22.42 13.88 19.94
N ARG A 38 22.16 15.18 19.83
CA ARG A 38 20.79 15.71 19.79
C ARG A 38 20.03 15.05 18.63
N GLY A 39 18.86 14.49 18.91
CA GLY A 39 18.04 13.82 17.90
C GLY A 39 18.23 12.31 17.86
N PHE A 40 19.20 11.82 18.61
CA PHE A 40 19.49 10.40 18.75
C PHE A 40 19.21 9.94 20.18
N SER A 41 18.93 8.66 20.34
CA SER A 41 18.90 8.04 21.66
C SER A 41 20.26 7.44 21.98
N LYS A 42 20.46 7.04 23.23
CA LYS A 42 21.56 6.16 23.60
C LYS A 42 21.35 4.82 22.88
N SER A 43 22.46 4.14 22.57
CA SER A 43 22.37 2.81 21.97
CA SER A 43 22.40 2.80 21.98
C SER A 43 21.48 1.91 22.82
N ILE A 44 20.68 1.09 22.13
CA ILE A 44 19.70 0.26 22.80
C ILE A 44 20.31 -1.04 23.32
N SER A 45 20.20 -1.24 24.63
CA SER A 45 20.66 -2.47 25.28
CA SER A 45 20.66 -2.48 25.25
C SER A 45 19.48 -3.37 25.60
N ILE A 46 19.74 -4.67 25.71
CA ILE A 46 18.70 -5.64 26.03
C ILE A 46 18.96 -6.18 27.44
N SER A 47 17.92 -6.18 28.28
CA SER A 47 18.01 -6.71 29.64
C SER A 47 18.34 -8.20 29.64
N ASP A 48 19.01 -8.64 30.70
CA ASP A 48 19.47 -10.03 30.84
C ASP A 48 18.29 -11.01 30.99
N THR A 49 17.25 -10.54 31.65
CA THR A 49 16.01 -11.31 31.83
C THR A 49 14.82 -10.38 31.59
N PHE A 50 13.64 -10.96 31.43
CA PHE A 50 12.42 -10.18 31.20
C PHE A 50 12.08 -9.27 32.39
N GLU A 51 12.19 -9.83 33.60
CA GLU A 51 11.85 -9.11 34.82
C GLU A 51 12.83 -7.98 35.19
N SER A 52 14.05 -8.05 34.66
CA SER A 52 15.10 -7.07 34.99
C SER A 52 15.21 -5.90 33.99
N ASP A 53 14.23 -5.78 33.10
CA ASP A 53 14.16 -4.66 32.15
C ASP A 53 14.28 -3.32 32.91
N SER A 54 15.33 -2.57 32.59
CA SER A 54 15.64 -1.32 33.29
CA SER A 54 15.63 -1.32 33.28
C SER A 54 16.27 -0.30 32.32
N PRO A 55 15.44 0.27 31.42
CA PRO A 55 16.02 1.21 30.44
C PRO A 55 16.52 2.48 31.09
N ASN A 56 17.70 2.94 30.66
CA ASN A 56 18.22 4.23 31.09
C ASN A 56 17.48 5.37 30.42
N ARG A 57 17.47 6.53 31.08
CA ARG A 57 16.70 7.70 30.62
C ARG A 57 17.02 8.10 29.19
N ASP A 58 18.31 8.18 28.87
CA ASP A 58 18.74 8.64 27.54
C ASP A 58 18.51 7.61 26.42
N MET A 59 17.99 6.44 26.78
CA MET A 59 17.63 5.39 25.83
C MET A 59 16.13 5.43 25.49
N LEU A 60 15.39 6.31 26.16
CA LEU A 60 13.94 6.38 25.99
C LEU A 60 13.44 7.66 25.32
N PRO A 61 12.95 7.55 24.06
CA PRO A 61 12.31 8.69 23.43
C PRO A 61 11.08 9.13 24.23
N CYS A 62 10.85 10.44 24.28
CA CYS A 62 9.71 10.98 25.01
C CYS A 62 8.81 11.77 24.06
N TYR A 63 7.57 11.98 24.49
CA TYR A 63 6.64 12.87 23.79
C TYR A 63 7.17 14.30 23.83
N SER A 64 7.03 15.02 22.73
CA SER A 64 7.33 16.44 22.69
C SER A 64 6.05 17.24 22.92
N VAL A 65 6.18 18.38 23.60
CA VAL A 65 5.04 19.25 23.83
C VAL A 65 5.46 20.72 23.86
N ALA A 66 4.64 21.56 23.24
CA ALA A 66 4.81 23.00 23.31
C ALA A 66 3.47 23.65 23.62
N ARG A 67 3.47 24.56 24.59
CA ARG A 67 2.33 25.41 24.88
C ARG A 67 2.65 26.81 24.36
N ILE A 68 1.83 27.27 23.42
CA ILE A 68 2.07 28.56 22.77
C ILE A 68 1.02 29.58 23.21
N PRO A 69 1.49 30.73 23.73
CA PRO A 69 0.60 31.81 24.12
C PRO A 69 -0.04 32.48 22.90
N LEU A 70 -1.33 32.73 22.97
CA LEU A 70 -2.08 33.37 21.90
C LEU A 70 -2.38 34.82 22.28
N PRO A 71 -2.80 35.66 21.31
CA PRO A 71 -3.17 37.03 21.66
C PRO A 71 -4.21 37.04 22.79
N ASN A 72 -3.96 37.86 23.80
CA ASN A 72 -4.81 37.92 24.98
C ASN A 72 -6.23 38.38 24.65
N LEU A 73 -7.21 37.58 25.05
CA LEU A 73 -8.62 37.90 24.85
C LEU A 73 -9.29 38.28 26.16
N ASN A 74 -10.51 38.79 26.06
CA ASN A 74 -11.33 39.15 27.22
C ASN A 74 -10.63 40.14 28.17
N GLU A 75 -10.12 41.22 27.58
CA GLU A 75 -9.44 42.28 28.32
C GLU A 75 -10.42 43.10 29.16
N ASP A 76 -11.67 43.17 28.68
CA ASP A 76 -12.77 43.80 29.43
C ASP A 76 -13.66 42.72 30.02
N LEU A 77 -14.28 43.02 31.16
CA LEU A 77 -15.14 42.04 31.84
C LEU A 77 -16.46 41.80 31.09
N ILE A 82 -17.69 35.66 26.81
CA ILE A 82 -16.31 35.17 26.78
C ILE A 82 -15.91 34.77 25.36
N LEU A 83 -14.74 35.26 24.93
CA LEU A 83 -14.16 34.85 23.64
C LEU A 83 -13.03 33.85 23.86
N MET A 84 -12.97 32.84 22.99
CA MET A 84 -11.88 31.87 23.01
C MET A 84 -11.33 31.69 21.60
N TRP A 85 -10.03 31.45 21.50
CA TRP A 85 -9.43 31.08 20.22
C TRP A 85 -9.82 29.65 19.88
N GLU A 86 -10.28 29.46 18.65
CA GLU A 86 -10.69 28.15 18.15
C GLU A 86 -9.73 27.72 17.04
N ALA A 87 -9.09 26.57 17.22
CA ALA A 87 -8.18 26.02 16.21
C ALA A 87 -8.99 25.37 15.09
N VAL A 88 -8.79 25.85 13.86
CA VAL A 88 -9.63 25.42 12.72
C VAL A 88 -8.89 24.48 11.76
N THR A 89 -7.66 24.84 11.41
CA THR A 89 -6.89 24.09 10.43
C THR A 89 -5.45 23.85 10.89
N LEU A 90 -4.84 22.81 10.34
CA LEU A 90 -3.46 22.46 10.64
C LEU A 90 -2.72 22.08 9.37
N LYS A 91 -1.54 22.66 9.18
CA LYS A 91 -0.56 22.13 8.23
C LYS A 91 0.62 21.61 9.02
N THR A 92 1.09 20.41 8.67
CA THR A 92 2.16 19.78 9.41
C THR A 92 2.98 18.83 8.54
N GLU A 93 4.27 18.74 8.83
CA GLU A 93 5.17 17.76 8.22
C GLU A 93 6.46 17.59 9.03
N VAL A 94 7.15 16.49 8.78
CA VAL A 94 8.45 16.23 9.38
C VAL A 94 9.50 17.09 8.69
N ILE A 95 10.35 17.74 9.48
CA ILE A 95 11.40 18.63 8.96
C ILE A 95 12.76 17.92 8.92
N GLY A 96 13.38 17.93 7.74
CA GLY A 96 14.70 17.33 7.55
C GLY A 96 14.68 15.88 7.12
N VAL A 97 13.66 15.50 6.35
CA VAL A 97 13.50 14.12 5.88
C VAL A 97 14.69 13.63 5.05
N THR A 98 15.32 14.53 4.31
CA THR A 98 16.45 14.18 3.44
C THR A 98 17.72 13.84 4.22
N SER A 99 17.80 14.28 5.47
CA SER A 99 18.96 13.97 6.32
C SER A 99 19.19 12.46 6.45
N LEU A 100 18.10 11.69 6.35
CA LEU A 100 18.15 10.24 6.41
C LEU A 100 18.85 9.61 5.20
N MET A 101 19.24 10.44 4.24
CA MET A 101 20.02 9.97 3.09
C MET A 101 21.52 9.91 3.38
N ASN A 102 21.95 10.43 4.53
CA ASN A 102 23.35 10.29 4.93
C ASN A 102 23.64 8.82 5.27
N VAL A 103 24.20 8.11 4.31
CA VAL A 103 24.51 6.69 4.46
C VAL A 103 26.02 6.47 4.51
N HIS A 104 26.76 7.51 4.90
CA HIS A 104 28.22 7.49 4.86
C HIS A 104 28.89 7.82 6.20
N SER A 105 28.09 8.07 7.24
CA SER A 105 28.60 8.50 8.52
C SER A 105 28.82 7.35 9.51
N ASN A 106 29.88 6.57 9.28
CA ASN A 106 30.24 5.42 10.13
C ASN A 106 29.10 4.46 10.47
N GLY A 107 28.28 4.13 9.47
CA GLY A 107 27.20 3.19 9.66
C GLY A 107 27.66 1.76 9.43
N GLN A 108 26.72 0.82 9.44
CA GLN A 108 27.03 -0.56 9.15
C GLN A 108 26.77 -0.86 7.67
N ALA A 109 27.83 -1.20 6.95
CA ALA A 109 27.71 -1.55 5.53
C ALA A 109 26.71 -2.68 5.35
N THR A 110 25.81 -2.49 4.38
CA THR A 110 24.75 -3.47 4.10
C THR A 110 25.33 -4.81 3.63
N HIS A 111 26.47 -4.74 2.92
CA HIS A 111 27.23 -5.90 2.47
C HIS A 111 28.66 -5.42 2.23
N ASP A 112 29.55 -6.32 1.79
CA ASP A 112 30.94 -5.96 1.51
C ASP A 112 31.04 -4.85 0.47
N ASN A 113 31.69 -3.76 0.87
CA ASN A 113 31.89 -2.56 0.03
C ASN A 113 30.63 -1.72 -0.22
N GLY A 114 29.51 -2.11 0.41
CA GLY A 114 28.25 -1.40 0.24
C GLY A 114 28.19 -0.11 1.05
N ALA A 115 27.14 0.67 0.80
CA ALA A 115 26.88 1.87 1.58
C ALA A 115 26.36 1.49 2.96
N GLY A 116 26.32 2.48 3.86
CA GLY A 116 25.78 2.28 5.21
C GLY A 116 24.28 2.04 5.18
N LYS A 117 23.83 1.20 6.10
CA LYS A 117 22.41 0.92 6.29
C LYS A 117 21.70 2.21 6.69
N PRO A 118 20.61 2.57 5.98
CA PRO A 118 19.93 3.83 6.33
C PRO A 118 19.08 3.67 7.58
N VAL A 119 18.66 4.79 8.15
CA VAL A 119 17.70 4.78 9.26
C VAL A 119 16.45 4.03 8.81
N GLN A 120 16.03 3.07 9.63
CA GLN A 120 14.89 2.23 9.32
C GLN A 120 14.44 1.49 10.58
N GLY A 121 13.35 0.76 10.46
CA GLY A 121 12.84 0.01 11.60
C GLY A 121 11.66 0.69 12.24
N THR A 122 11.33 0.24 13.46
CA THR A 122 10.14 0.70 14.18
C THR A 122 10.04 2.22 14.23
N SER A 123 8.88 2.73 13.82
CA SER A 123 8.63 4.17 13.83
C SER A 123 7.31 4.50 14.52
N PHE A 124 7.26 5.68 15.12
CA PHE A 124 6.01 6.24 15.62
C PHE A 124 5.94 7.71 15.24
N HIS A 125 4.94 8.03 14.42
CA HIS A 125 4.70 9.40 13.97
C HIS A 125 3.34 9.86 14.48
N PHE A 126 3.37 10.91 15.28
CA PHE A 126 2.20 11.36 16.04
C PHE A 126 2.18 12.87 16.15
N PHE A 127 0.98 13.44 16.10
CA PHE A 127 0.79 14.87 16.37
C PHE A 127 -0.59 15.16 16.92
N SER A 128 -0.69 16.21 17.73
CA SER A 128 -1.97 16.64 18.26
C SER A 128 -2.04 18.15 18.43
N VAL A 129 -3.24 18.69 18.28
CA VAL A 129 -3.52 20.10 18.49
C VAL A 129 -4.70 20.17 19.46
N GLY A 130 -4.53 20.88 20.57
CA GLY A 130 -5.59 20.99 21.56
C GLY A 130 -5.63 22.33 22.28
N GLY A 131 -6.76 22.61 22.93
CA GLY A 131 -6.91 23.82 23.73
C GLY A 131 -6.53 23.60 25.18
N GLU A 132 -5.84 22.49 25.43
CA GLU A 132 -5.38 22.09 26.76
C GLU A 132 -4.41 20.93 26.56
N ALA A 133 -3.71 20.55 27.63
CA ALA A 133 -2.73 19.46 27.56
C ALA A 133 -3.35 18.17 27.05
N LEU A 134 -2.61 17.47 26.19
CA LEU A 134 -3.00 16.15 25.72
C LEU A 134 -3.15 15.21 26.92
N GLU A 135 -4.27 14.49 26.96
CA GLU A 135 -4.52 13.56 28.04
C GLU A 135 -4.03 12.16 27.70
N LEU A 136 -3.30 11.56 28.63
CA LEU A 136 -2.59 10.31 28.40
C LEU A 136 -3.14 9.17 29.23
N GLN A 137 -3.05 7.97 28.66
CA GLN A 137 -3.37 6.72 29.35
C GLN A 137 -2.11 5.85 29.27
N GLY A 138 -1.76 5.22 30.39
CA GLY A 138 -0.56 4.37 30.45
C GLY A 138 -0.83 2.93 30.11
N VAL A 139 -0.01 2.38 29.21
CA VAL A 139 -0.01 0.95 28.91
C VAL A 139 1.44 0.48 28.82
N LEU A 140 1.75 -0.58 29.56
CA LEU A 140 3.12 -1.06 29.63
C LEU A 140 3.29 -2.37 28.88
N PHE A 141 4.38 -2.49 28.13
CA PHE A 141 4.71 -3.74 27.48
C PHE A 141 5.01 -4.80 28.53
N ASN A 142 5.70 -4.37 29.58
CA ASN A 142 6.15 -5.24 30.67
C ASN A 142 6.00 -4.46 31.98
N TYR A 143 5.06 -4.87 32.82
CA TYR A 143 4.76 -4.12 34.05
C TYR A 143 5.92 -4.11 35.05
N ARG A 144 6.85 -5.04 34.88
CA ARG A 144 8.02 -5.13 35.77
C ARG A 144 9.20 -4.30 35.26
N THR A 145 9.01 -3.57 34.17
CA THR A 145 10.03 -2.64 33.69
C THR A 145 10.24 -1.54 34.74
N LYS A 146 11.50 -1.36 35.12
CA LYS A 146 11.88 -0.26 36.01
C LYS A 146 12.18 0.96 35.15
N TYR A 147 11.28 1.95 35.20
CA TYR A 147 11.47 3.19 34.46
C TYR A 147 12.32 4.17 35.28
N PRO A 148 13.23 4.89 34.61
CA PRO A 148 14.30 5.62 35.29
C PRO A 148 13.89 6.98 35.87
N ASP A 149 14.64 7.41 36.88
CA ASP A 149 14.53 8.75 37.43
C ASP A 149 14.63 9.80 36.32
N GLY A 150 13.79 10.83 36.41
CA GLY A 150 13.76 11.87 35.40
C GLY A 150 12.63 11.71 34.41
N THR A 151 12.04 10.51 34.36
CA THR A 151 10.88 10.26 33.52
C THR A 151 9.61 10.19 34.35
N ILE A 152 8.47 10.50 33.74
CA ILE A 152 7.17 10.34 34.38
C ILE A 152 6.47 9.15 33.75
N PHE A 153 6.25 8.12 34.56
CA PHE A 153 5.80 6.81 34.10
C PHE A 153 4.60 6.33 34.91
N PRO A 154 3.85 5.33 34.38
CA PRO A 154 2.74 4.77 35.16
C PRO A 154 3.22 4.25 36.52
N LYS A 155 2.59 4.75 37.58
CA LYS A 155 2.93 4.38 38.95
C LYS A 155 2.00 3.29 39.47
N ASN A 156 2.47 2.53 40.46
CA ASN A 156 1.71 1.41 41.04
C ASN A 156 1.32 0.38 39.98
N ALA A 157 2.29 0.05 39.12
CA ALA A 157 2.09 -0.88 38.02
C ALA A 157 1.72 -2.27 38.52
N THR A 158 0.75 -2.89 37.86
CA THR A 158 0.39 -4.28 38.14
C THR A 158 0.40 -5.04 36.82
N VAL A 159 0.22 -6.36 36.88
CA VAL A 159 0.13 -7.17 35.65
C VAL A 159 -0.96 -6.65 34.71
N GLN A 160 -2.00 -6.07 35.27
CA GLN A 160 -3.11 -5.51 34.50
C GLN A 160 -2.69 -4.27 33.68
N SER A 161 -1.59 -3.64 34.09
CA SER A 161 -1.03 -2.50 33.37
C SER A 161 -0.56 -2.88 31.97
N GLN A 162 -0.34 -4.17 31.75
CA GLN A 162 0.09 -4.68 30.44
C GLN A 162 -1.03 -4.68 29.40
N VAL A 163 -2.27 -4.51 29.84
CA VAL A 163 -3.42 -4.42 28.93
C VAL A 163 -4.26 -3.16 29.14
N MET A 164 -4.70 -2.92 30.38
CA MET A 164 -5.43 -1.70 30.76
C MET A 164 -5.56 -1.57 32.26
N ASN A 165 -4.96 -0.50 32.79
CA ASN A 165 -5.09 -0.14 34.19
C ASN A 165 -5.48 1.33 34.22
N THR A 166 -6.76 1.58 34.57
CA THR A 166 -7.34 2.93 34.55
C THR A 166 -6.71 3.92 35.54
N GLU A 167 -5.86 3.42 36.43
CA GLU A 167 -5.14 4.30 37.37
C GLU A 167 -4.11 5.17 36.65
N HIS A 168 -3.58 4.68 35.53
CA HIS A 168 -2.50 5.37 34.82
C HIS A 168 -3.00 6.50 33.93
N LYS A 169 -3.42 7.59 34.56
CA LYS A 169 -3.85 8.80 33.85
C LYS A 169 -2.81 9.90 34.07
N ALA A 170 -2.52 10.65 33.00
CA ALA A 170 -1.58 11.77 33.06
C ALA A 170 -1.90 12.85 32.02
N TYR A 171 -1.30 14.02 32.23
CA TYR A 171 -1.33 15.10 31.24
C TYR A 171 0.06 15.25 30.65
N LEU A 172 0.13 15.48 29.35
CA LEU A 172 1.40 15.80 28.71
C LEU A 172 1.70 17.27 28.97
N ASP A 173 2.36 17.53 30.10
CA ASP A 173 2.55 18.87 30.62
C ASP A 173 4.02 19.20 30.90
N LYS A 174 4.91 18.39 30.33
CA LYS A 174 6.34 18.53 30.53
C LYS A 174 7.11 17.89 29.38
N ASN A 175 8.08 18.63 28.84
CA ASN A 175 8.95 18.14 27.79
C ASN A 175 10.01 17.21 28.36
N LYS A 176 10.51 16.28 27.54
CA LYS A 176 11.56 15.31 27.91
C LYS A 176 11.22 14.45 29.13
N ALA A 177 9.94 14.16 29.32
CA ALA A 177 9.51 13.51 30.56
C ALA A 177 8.68 12.24 30.38
N TYR A 178 7.75 12.27 29.43
CA TYR A 178 6.80 11.17 29.24
C TYR A 178 7.29 10.23 28.14
N PRO A 179 7.80 9.04 28.52
CA PRO A 179 8.35 8.13 27.51
C PRO A 179 7.28 7.64 26.54
N VAL A 180 7.62 7.59 25.26
CA VAL A 180 6.70 7.16 24.21
C VAL A 180 6.13 5.78 24.50
N GLU A 181 6.99 4.82 24.86
CA GLU A 181 6.58 3.43 25.07
C GLU A 181 5.60 3.19 26.24
N CYS A 182 5.49 4.16 27.15
CA CYS A 182 4.64 4.07 28.35
C CYS A 182 3.24 4.62 28.16
N TRP A 183 3.09 5.56 27.24
CA TRP A 183 1.90 6.41 27.20
C TRP A 183 1.28 6.51 25.81
N VAL A 184 -0.05 6.53 25.77
CA VAL A 184 -0.80 6.81 24.55
C VAL A 184 -1.84 7.88 24.85
N PRO A 185 -2.38 8.55 23.80
CA PRO A 185 -3.52 9.42 24.01
C PRO A 185 -4.68 8.63 24.64
N ASP A 186 -5.31 9.23 25.64
CA ASP A 186 -6.45 8.62 26.33
C ASP A 186 -7.71 8.84 25.50
N PRO A 187 -8.26 7.76 24.92
CA PRO A 187 -9.44 7.92 24.07
C PRO A 187 -10.73 8.19 24.86
N THR A 188 -10.71 7.95 26.17
CA THR A 188 -11.86 8.24 27.03
C THR A 188 -11.95 9.73 27.37
N ARG A 189 -10.87 10.46 27.10
CA ARG A 189 -10.81 11.89 27.33
CA ARG A 189 -10.83 11.90 27.32
C ARG A 189 -10.50 12.63 26.03
N ASN A 190 -9.70 13.70 26.10
CA ASN A 190 -9.27 14.46 24.89
C ASN A 190 -10.40 15.02 24.01
N GLU A 191 -11.47 15.49 24.64
CA GLU A 191 -12.60 16.08 23.94
C GLU A 191 -12.19 17.39 23.26
N ASN A 192 -11.19 18.06 23.85
CA ASN A 192 -10.74 19.38 23.40
C ASN A 192 -9.42 19.32 22.63
N THR A 193 -9.11 18.14 22.10
CA THR A 193 -7.87 17.89 21.34
C THR A 193 -8.19 17.03 20.12
N ARG A 194 -7.45 17.25 19.03
CA ARG A 194 -7.48 16.35 17.88
C ARG A 194 -6.11 15.70 17.76
N TYR A 195 -6.06 14.37 17.85
CA TYR A 195 -4.79 13.66 17.77
C TYR A 195 -4.76 12.62 16.64
N PHE A 196 -3.56 12.38 16.11
CA PHE A 196 -3.37 11.47 14.98
C PHE A 196 -2.00 10.80 15.15
N GLY A 197 -1.97 9.48 15.05
CA GLY A 197 -0.73 8.74 15.21
C GLY A 197 -0.70 7.42 14.47
N THR A 198 0.50 7.03 14.05
CA THR A 198 0.72 5.74 13.39
C THR A 198 1.99 5.10 13.92
N LEU A 199 1.84 3.89 14.46
CA LEU A 199 2.99 3.05 14.80
C LEU A 199 3.21 2.05 13.68
N THR A 200 4.44 1.98 13.18
CA THR A 200 4.86 0.95 12.24
C THR A 200 6.04 0.19 12.85
N GLY A 201 5.80 -1.04 13.29
CA GLY A 201 6.81 -1.84 13.99
C GLY A 201 7.50 -2.86 13.09
N GLY A 202 8.75 -3.15 13.36
CA GLY A 202 9.50 -4.10 12.55
C GLY A 202 10.88 -3.58 12.22
N GLU A 203 11.88 -4.46 12.36
CA GLU A 203 13.30 -4.14 12.21
C GLU A 203 13.66 -3.51 10.87
N ASN A 204 12.97 -3.93 9.82
CA ASN A 204 13.30 -3.54 8.45
C ASN A 204 12.29 -2.59 7.80
N VAL A 205 11.37 -2.08 8.60
CA VAL A 205 10.36 -1.12 8.14
C VAL A 205 11.02 0.11 7.51
N PRO A 206 10.67 0.40 6.24
CA PRO A 206 11.21 1.56 5.54
C PRO A 206 10.50 2.86 5.92
N PRO A 207 11.27 3.91 6.25
CA PRO A 207 10.61 5.21 6.46
C PRO A 207 9.97 5.69 5.17
N VAL A 208 8.70 6.12 5.25
CA VAL A 208 8.01 6.72 4.13
C VAL A 208 7.50 8.08 4.62
N LEU A 209 8.17 9.14 4.17
CA LEU A 209 7.92 10.48 4.69
C LEU A 209 7.56 11.45 3.58
N HIS A 210 6.32 11.95 3.63
CA HIS A 210 5.81 12.89 2.63
C HIS A 210 5.90 14.32 3.14
N ILE A 211 6.29 15.22 2.24
CA ILE A 211 6.30 16.66 2.54
C ILE A 211 5.56 17.42 1.44
N THR A 212 4.80 18.43 1.85
CA THR A 212 4.09 19.32 0.94
C THR A 212 3.45 20.49 1.71
N ASN A 213 3.45 21.67 1.10
CA ASN A 213 2.78 22.83 1.69
C ASN A 213 1.36 23.04 1.16
N THR A 214 0.80 21.98 0.55
CA THR A 214 -0.52 22.06 -0.08
C THR A 214 -1.60 21.26 0.67
N ALA A 215 -1.20 20.59 1.75
CA ALA A 215 -2.11 19.71 2.50
C ALA A 215 -2.55 20.32 3.83
N THR A 216 -3.87 20.39 4.03
CA THR A 216 -4.47 20.95 5.23
C THR A 216 -5.37 19.93 5.93
N THR A 217 -5.22 19.82 7.24
CA THR A 217 -6.12 19.03 8.08
C THR A 217 -7.11 19.96 8.79
N VAL A 218 -8.41 19.70 8.63
CA VAL A 218 -9.44 20.47 9.31
C VAL A 218 -9.65 19.88 10.71
N LEU A 219 -9.66 20.75 11.72
CA LEU A 219 -9.70 20.36 13.12
C LEU A 219 -11.09 20.41 13.75
N LEU A 220 -12.08 20.82 12.96
CA LEU A 220 -13.46 20.90 13.44
C LEU A 220 -14.03 19.52 13.66
N ASP A 221 -14.81 19.36 14.73
CA ASP A 221 -15.54 18.12 14.97
C ASP A 221 -16.80 18.07 14.10
N GLU A 222 -17.63 17.04 14.32
CA GLU A 222 -18.86 16.85 13.53
C GLU A 222 -19.89 17.97 13.74
N PHE A 223 -19.72 18.74 14.80
CA PHE A 223 -20.58 19.90 15.08
C PHE A 223 -19.97 21.21 14.58
N GLY A 224 -18.84 21.11 13.87
CA GLY A 224 -18.15 22.27 13.31
C GLY A 224 -17.38 23.09 14.33
N VAL A 225 -17.01 22.45 15.45
CA VAL A 225 -16.28 23.13 16.51
C VAL A 225 -14.86 22.56 16.61
N GLY A 226 -13.88 23.46 16.59
CA GLY A 226 -12.48 23.07 16.77
C GLY A 226 -12.06 23.14 18.22
N PRO A 227 -10.81 22.75 18.53
CA PRO A 227 -10.28 22.90 19.89
C PRO A 227 -10.36 24.35 20.38
N LEU A 228 -10.87 24.53 21.59
CA LEU A 228 -11.04 25.86 22.19
C LEU A 228 -9.94 26.08 23.22
N CYS A 229 -9.18 27.16 23.05
CA CYS A 229 -7.94 27.35 23.79
C CYS A 229 -8.13 28.00 25.16
N LYS A 230 -8.12 27.16 26.20
CA LYS A 230 -8.30 27.62 27.58
C LYS A 230 -7.11 28.48 28.01
N GLY A 231 -7.42 29.66 28.56
CA GLY A 231 -6.40 30.60 29.01
C GLY A 231 -5.56 31.20 27.89
N ASP A 232 -6.11 31.20 26.68
CA ASP A 232 -5.44 31.70 25.47
C ASP A 232 -4.11 30.99 25.21
N ASN A 233 -4.12 29.67 25.41
CA ASN A 233 -2.96 28.81 25.16
C ASN A 233 -3.28 27.68 24.20
N LEU A 234 -2.41 27.50 23.20
CA LEU A 234 -2.51 26.39 22.26
C LEU A 234 -1.48 25.31 22.58
N TYR A 235 -1.95 24.07 22.67
CA TYR A 235 -1.08 22.93 22.97
C TYR A 235 -0.77 22.09 21.73
N LEU A 236 0.52 21.95 21.44
CA LEU A 236 0.98 21.14 20.33
C LEU A 236 1.85 20.01 20.85
N SER A 237 1.57 18.80 20.38
CA SER A 237 2.32 17.62 20.82
C SER A 237 2.73 16.79 19.62
N ALA A 238 3.91 16.18 19.72
CA ALA A 238 4.45 15.38 18.61
C ALA A 238 5.37 14.27 19.09
N VAL A 239 5.38 13.17 18.33
CA VAL A 239 6.46 12.19 18.37
C VAL A 239 6.80 11.86 16.92
N ASP A 240 8.07 11.93 16.59
CA ASP A 240 8.51 11.51 15.26
C ASP A 240 9.79 10.68 15.36
N VAL A 241 9.64 9.49 15.94
CA VAL A 241 10.68 8.48 15.91
C VAL A 241 10.66 7.89 14.51
N CYS A 242 11.72 8.13 13.74
CA CYS A 242 11.76 7.75 12.33
C CYS A 242 12.24 6.32 12.12
N GLY A 243 12.87 5.77 13.14
CA GLY A 243 13.46 4.44 13.08
C GLY A 243 14.76 4.44 13.85
N MET A 244 15.63 3.49 13.53
CA MET A 244 16.92 3.36 14.21
C MET A 244 18.07 3.56 13.24
N PHE A 245 19.13 4.21 13.72
CA PHE A 245 20.39 4.25 13.01
C PHE A 245 21.29 3.14 13.53
N THR A 246 21.88 2.38 12.62
CA THR A 246 22.79 1.31 12.99
C THR A 246 24.24 1.74 12.81
N ASN A 247 24.99 1.71 13.90
CA ASN A 247 26.41 2.03 13.86
C ASN A 247 27.22 0.89 13.27
N ARG A 248 28.46 1.19 12.86
CA ARG A 248 29.40 0.18 12.37
C ARG A 248 29.41 -1.08 13.23
N SER A 249 29.44 -0.90 14.55
CA SER A 249 29.54 -2.01 15.51
C SER A 249 28.27 -2.87 15.60
N GLY A 250 27.18 -2.37 15.03
CA GLY A 250 25.89 -3.04 15.09
C GLY A 250 24.95 -2.43 16.12
N SER A 251 25.47 -1.58 17.00
CA SER A 251 24.67 -0.90 18.00
C SER A 251 23.65 0.03 17.33
N GLN A 252 22.49 0.19 17.95
CA GLN A 252 21.37 0.90 17.33
C GLN A 252 20.81 2.00 18.22
N GLN A 253 20.54 3.15 17.60
CA GLN A 253 20.02 4.33 18.29
C GLN A 253 18.77 4.83 17.59
N TRP A 254 17.73 5.16 18.37
CA TRP A 254 16.55 5.83 17.81
C TRP A 254 16.98 7.15 17.17
N ARG A 255 16.44 7.46 15.99
CA ARG A 255 16.64 8.77 15.36
C ARG A 255 15.30 9.46 15.16
N GLY A 256 15.21 10.71 15.63
CA GLY A 256 14.00 11.50 15.52
C GLY A 256 14.22 12.79 14.74
N LEU A 257 13.12 13.38 14.27
CA LEU A 257 13.16 14.65 13.55
C LEU A 257 12.11 15.62 14.07
N SER A 258 12.33 16.91 13.81
CA SER A 258 11.42 17.96 14.23
C SER A 258 10.14 17.95 13.41
N ARG A 259 9.07 18.49 13.98
CA ARG A 259 7.80 18.59 13.28
C ARG A 259 7.31 20.04 13.20
N TYR A 260 6.98 20.44 11.98
CA TYR A 260 6.41 21.76 11.71
C TYR A 260 4.91 21.75 12.00
N PHE A 261 4.42 22.82 12.61
CA PHE A 261 3.00 23.05 12.83
C PHE A 261 2.63 24.44 12.31
N LYS A 262 1.56 24.52 11.52
CA LYS A 262 0.91 25.81 11.26
C LYS A 262 -0.57 25.68 11.58
N VAL A 263 -1.03 26.47 12.54
CA VAL A 263 -2.42 26.41 12.99
C VAL A 263 -3.13 27.75 12.79
N GLN A 264 -4.26 27.71 12.09
CA GLN A 264 -5.10 28.90 11.91
C GLN A 264 -6.20 28.86 12.96
N LEU A 265 -6.37 29.99 13.65
CA LEU A 265 -7.35 30.09 14.72
C LEU A 265 -8.30 31.26 14.49
N ARG A 266 -9.51 31.14 15.02
CA ARG A 266 -10.51 32.20 14.93
C ARG A 266 -11.13 32.45 16.31
N LYS A 267 -11.62 33.68 16.53
CA LYS A 267 -12.28 34.03 17.78
C LYS A 267 -13.71 33.51 17.80
N ARG A 268 -14.05 32.76 18.84
CA ARG A 268 -15.41 32.24 19.02
C ARG A 268 -15.96 32.65 20.38
N ARG A 269 -17.22 33.08 20.40
CA ARG A 269 -17.88 33.42 21.66
C ARG A 269 -18.45 32.17 22.32
N VAL A 270 -18.24 32.09 23.64
CA VAL A 270 -18.65 30.94 24.44
C VAL A 270 -19.47 31.43 25.65
N LYS A 271 -20.49 30.67 26.04
CA LYS A 271 -21.35 31.01 27.18
C LYS A 271 -21.02 30.17 28.41
N ASN A 272 -21.05 30.82 29.57
CA ASN A 272 -20.82 30.18 30.87
C ASN A 272 -19.45 29.50 30.99
N GLU B 8 -40.84 -4.91 12.64
CA GLU B 8 -41.21 -3.64 11.95
C GLU B 8 -40.62 -2.43 12.67
N VAL B 9 -39.73 -1.72 11.97
CA VAL B 9 -39.00 -0.60 12.55
C VAL B 9 -39.70 0.72 12.22
N LEU B 10 -40.05 1.47 13.26
CA LEU B 10 -40.74 2.75 13.09
C LEU B 10 -39.81 3.94 13.36
N GLU B 11 -40.38 5.05 13.84
CA GLU B 11 -39.64 6.31 13.96
C GLU B 11 -38.62 6.35 15.10
N VAL B 12 -37.62 7.22 14.95
CA VAL B 12 -36.63 7.50 15.97
C VAL B 12 -37.19 8.52 16.96
N LYS B 13 -37.02 8.26 18.25
CA LYS B 13 -37.42 9.20 19.30
C LYS B 13 -36.47 10.39 19.37
N THR B 14 -37.02 11.59 19.55
CA THR B 14 -36.22 12.80 19.67
C THR B 14 -36.32 13.40 21.08
N GLY B 15 -35.52 14.44 21.34
CA GLY B 15 -35.41 15.02 22.67
C GLY B 15 -34.11 14.61 23.32
N VAL B 16 -33.75 15.30 24.40
CA VAL B 16 -32.45 15.12 25.08
C VAL B 16 -32.29 13.72 25.68
N ASP B 17 -33.39 13.19 26.25
CA ASP B 17 -33.37 11.91 26.95
C ASP B 17 -33.50 10.68 26.03
N SER B 18 -33.46 10.91 24.72
CA SER B 18 -33.63 9.83 23.74
C SER B 18 -32.30 9.28 23.20
N ILE B 19 -31.20 9.85 23.68
CA ILE B 19 -29.85 9.43 23.28
C ILE B 19 -29.03 9.00 24.49
N THR B 20 -28.28 7.91 24.33
CA THR B 20 -27.30 7.49 25.33
C THR B 20 -25.97 7.13 24.67
N GLU B 21 -24.92 7.03 25.49
CA GLU B 21 -23.58 6.75 25.00
C GLU B 21 -22.97 5.63 25.84
N VAL B 22 -22.33 4.68 25.15
CA VAL B 22 -21.57 3.61 25.81
C VAL B 22 -20.10 3.80 25.50
N GLU B 23 -19.27 3.77 26.54
CA GLU B 23 -17.84 3.96 26.42
C GLU B 23 -17.13 2.97 27.33
N CYS B 24 -16.23 2.18 26.75
CA CYS B 24 -15.48 1.17 27.51
C CYS B 24 -14.26 0.65 26.76
N PHE B 25 -13.47 -0.15 27.46
CA PHE B 25 -12.36 -0.87 26.86
C PHE B 25 -12.61 -2.37 26.99
N LEU B 26 -12.21 -3.12 25.97
CA LEU B 26 -12.22 -4.58 26.01
C LEU B 26 -10.79 -5.07 26.05
N THR B 27 -10.45 -5.76 27.13
CA THR B 27 -9.11 -6.29 27.31
C THR B 27 -8.91 -7.53 26.45
N PRO B 28 -7.67 -7.74 25.93
CA PRO B 28 -7.43 -8.92 25.11
C PRO B 28 -7.38 -10.19 25.95
N GLU B 29 -7.63 -11.32 25.30
CA GLU B 29 -7.56 -12.63 25.95
C GLU B 29 -6.62 -13.53 25.17
N MET B 30 -5.32 -13.35 25.43
CA MET B 30 -4.27 -14.02 24.68
C MET B 30 -3.88 -15.39 25.24
N GLY B 31 -4.28 -15.65 26.49
CA GLY B 31 -3.97 -16.93 27.14
C GLY B 31 -3.44 -16.77 28.55
N ASP B 32 -2.65 -15.70 28.77
CA ASP B 32 -2.12 -15.33 30.08
C ASP B 32 -1.52 -16.53 30.84
N PRO B 33 -0.35 -17.03 30.38
CA PRO B 33 0.24 -18.28 30.88
C PRO B 33 0.66 -18.26 32.34
N ASP B 34 0.95 -17.07 32.89
CA ASP B 34 1.20 -16.92 34.32
C ASP B 34 0.78 -15.55 34.87
N GLU B 35 1.05 -15.32 36.15
CA GLU B 35 0.62 -14.12 36.86
C GLU B 35 1.32 -12.84 36.39
N HIS B 36 2.34 -12.97 35.55
CA HIS B 36 3.11 -11.81 35.07
C HIS B 36 2.86 -11.51 33.59
N LEU B 37 2.10 -12.37 32.92
CA LEU B 37 2.05 -12.34 31.47
C LEU B 37 0.67 -12.06 30.86
N ARG B 38 -0.12 -11.23 31.53
CA ARG B 38 -1.38 -10.73 30.99
C ARG B 38 -1.10 -9.99 29.69
N GLY B 39 -1.84 -10.33 28.64
CA GLY B 39 -1.65 -9.75 27.32
C GLY B 39 -0.78 -10.61 26.40
N PHE B 40 -0.18 -11.65 26.97
CA PHE B 40 0.66 -12.57 26.21
C PHE B 40 0.03 -13.96 26.18
N SER B 41 0.40 -14.76 25.18
CA SER B 41 0.10 -16.18 25.18
C SER B 41 1.27 -16.94 25.77
N LYS B 42 1.07 -18.24 26.01
CA LYS B 42 2.16 -19.16 26.29
C LYS B 42 3.01 -19.24 25.03
N SER B 43 4.31 -19.54 25.20
CA SER B 43 5.19 -19.75 24.05
CA SER B 43 5.18 -19.75 24.05
C SER B 43 4.59 -20.81 23.12
N ILE B 44 4.71 -20.59 21.82
CA ILE B 44 4.09 -21.47 20.84
C ILE B 44 4.97 -22.67 20.55
N SER B 45 4.39 -23.86 20.73
CA SER B 45 5.04 -25.12 20.36
CA SER B 45 5.05 -25.12 20.36
C SER B 45 4.36 -25.73 19.13
N ILE B 46 5.10 -26.55 18.39
CA ILE B 46 4.60 -27.14 17.15
C ILE B 46 4.48 -28.65 17.27
N SER B 47 3.33 -29.20 16.92
CA SER B 47 3.13 -30.65 16.89
C SER B 47 3.92 -31.27 15.75
N ASP B 48 4.32 -32.54 15.92
CA ASP B 48 5.10 -33.26 14.91
C ASP B 48 4.23 -33.84 13.80
N THR B 49 2.93 -33.90 14.04
CA THR B 49 1.93 -34.37 13.07
C THR B 49 0.66 -33.57 13.25
N PHE B 50 -0.20 -33.57 12.22
CA PHE B 50 -1.54 -33.00 12.31
C PHE B 50 -2.38 -33.69 13.39
N GLU B 51 -2.30 -35.02 13.45
CA GLU B 51 -3.04 -35.84 14.42
C GLU B 51 -2.74 -35.46 15.87
N SER B 52 -1.49 -35.10 16.15
CA SER B 52 -1.05 -34.81 17.53
C SER B 52 -1.16 -33.33 17.94
N ASP B 53 -1.79 -32.51 17.09
CA ASP B 53 -2.00 -31.10 17.41
C ASP B 53 -2.95 -30.96 18.59
N SER B 54 -2.38 -30.62 19.75
CA SER B 54 -3.16 -30.43 20.98
CA SER B 54 -3.16 -30.44 20.98
C SER B 54 -2.72 -29.18 21.72
N PRO B 55 -3.15 -28.00 21.23
CA PRO B 55 -2.71 -26.76 21.85
C PRO B 55 -3.25 -26.57 23.27
N ASN B 56 -2.37 -26.19 24.20
CA ASN B 56 -2.80 -25.84 25.56
C ASN B 56 -3.62 -24.57 25.55
N ARG B 57 -4.54 -24.47 26.51
CA ARG B 57 -5.47 -23.34 26.59
C ARG B 57 -4.78 -21.96 26.66
N ASP B 58 -3.71 -21.87 27.43
CA ASP B 58 -3.00 -20.60 27.59
C ASP B 58 -2.15 -20.21 26.37
N MET B 59 -2.10 -21.09 25.37
CA MET B 59 -1.41 -20.85 24.11
C MET B 59 -2.39 -20.36 23.02
N LEU B 60 -3.67 -20.30 23.37
CA LEU B 60 -4.72 -19.94 22.39
C LEU B 60 -5.41 -18.60 22.66
N PRO B 61 -5.14 -17.60 21.81
CA PRO B 61 -5.91 -16.36 21.90
C PRO B 61 -7.40 -16.63 21.68
N CYS B 62 -8.24 -15.92 22.41
CA CYS B 62 -9.69 -16.06 22.30
C CYS B 62 -10.35 -14.73 21.94
N TYR B 63 -11.57 -14.79 21.40
CA TYR B 63 -12.37 -13.59 21.17
C TYR B 63 -12.73 -12.91 22.49
N SER B 64 -12.66 -11.59 22.51
CA SER B 64 -13.13 -10.81 23.65
C SER B 64 -14.58 -10.41 23.40
N VAL B 65 -15.36 -10.38 24.48
CA VAL B 65 -16.77 -9.97 24.39
C VAL B 65 -17.20 -9.25 25.65
N ALA B 66 -18.02 -8.22 25.49
CA ALA B 66 -18.65 -7.53 26.61
C ALA B 66 -20.13 -7.31 26.32
N ARG B 67 -20.98 -7.77 27.24
CA ARG B 67 -22.40 -7.48 27.22
C ARG B 67 -22.64 -6.29 28.13
N ILE B 68 -23.12 -5.19 27.54
CA ILE B 68 -23.29 -3.95 28.30
C ILE B 68 -24.77 -3.62 28.45
N PRO B 69 -25.26 -3.62 29.71
CA PRO B 69 -26.65 -3.25 29.95
C PRO B 69 -26.89 -1.77 29.72
N LEU B 70 -27.98 -1.45 29.03
CA LEU B 70 -28.35 -0.09 28.72
C LEU B 70 -29.53 0.34 29.60
N PRO B 71 -29.83 1.65 29.66
CA PRO B 71 -31.00 2.10 30.42
C PRO B 71 -32.27 1.36 30.01
N ASN B 72 -32.99 0.85 31.01
CA ASN B 72 -34.21 0.06 30.79
C ASN B 72 -35.29 0.83 30.02
N LEU B 73 -35.91 0.15 29.05
CA LEU B 73 -36.98 0.75 28.25
C LEU B 73 -38.30 -0.01 28.39
N ASN B 74 -38.27 -1.12 29.12
CA ASN B 74 -39.45 -1.96 29.33
C ASN B 74 -40.40 -1.34 30.36
N ILE B 82 -43.19 -0.86 21.51
CA ILE B 82 -42.07 -0.84 22.43
C ILE B 82 -40.84 -0.11 21.86
N LEU B 83 -39.93 0.30 22.74
CA LEU B 83 -38.72 1.02 22.33
C LEU B 83 -37.49 0.13 22.45
N MET B 84 -36.55 0.33 21.53
CA MET B 84 -35.26 -0.36 21.56
C MET B 84 -34.14 0.65 21.30
N TRP B 85 -33.02 0.46 21.99
CA TRP B 85 -31.82 1.24 21.72
C TRP B 85 -31.22 0.82 20.38
N GLU B 86 -30.91 1.82 19.55
CA GLU B 86 -30.35 1.58 18.22
C GLU B 86 -28.93 2.14 18.16
N ALA B 87 -27.95 1.28 17.92
CA ALA B 87 -26.55 1.69 17.81
C ALA B 87 -26.32 2.39 16.47
N VAL B 88 -25.86 3.65 16.53
CA VAL B 88 -25.78 4.51 15.35
C VAL B 88 -24.34 4.72 14.87
N THR B 89 -23.44 5.02 15.79
CA THR B 89 -22.04 5.30 15.44
C THR B 89 -21.05 4.61 16.37
N LEU B 90 -19.84 4.39 15.86
CA LEU B 90 -18.76 3.80 16.63
C LEU B 90 -17.47 4.60 16.47
N LYS B 91 -16.84 4.90 17.59
CA LYS B 91 -15.44 5.30 17.61
C LYS B 91 -14.66 4.16 18.27
N THR B 92 -13.56 3.77 17.65
CA THR B 92 -12.78 2.64 18.16
C THR B 92 -11.29 2.78 17.85
N GLU B 93 -10.46 2.26 18.74
CA GLU B 93 -9.03 2.10 18.47
C GLU B 93 -8.31 1.20 19.47
N VAL B 94 -7.13 0.76 19.06
CA VAL B 94 -6.28 -0.09 19.87
C VAL B 94 -5.56 0.79 20.90
N ILE B 95 -5.58 0.36 22.16
CA ILE B 95 -5.01 1.12 23.26
C ILE B 95 -3.65 0.56 23.64
N GLY B 96 -2.62 1.42 23.60
CA GLY B 96 -1.28 1.04 24.00
C GLY B 96 -0.34 0.67 22.85
N VAL B 97 -0.58 1.24 21.67
CA VAL B 97 0.20 0.89 20.49
C VAL B 97 1.70 1.13 20.68
N THR B 98 2.06 2.17 21.42
CA THR B 98 3.45 2.54 21.66
C THR B 98 4.22 1.55 22.53
N SER B 99 3.50 0.73 23.31
CA SER B 99 4.13 -0.30 24.13
C SER B 99 5.00 -1.25 23.29
N LEU B 100 4.67 -1.36 22.00
CA LEU B 100 5.40 -2.24 21.07
C LEU B 100 6.77 -1.70 20.69
N MET B 101 7.09 -0.49 21.16
CA MET B 101 8.41 0.09 20.96
C MET B 101 9.42 -0.38 22.01
N ASN B 102 8.96 -1.14 23.00
CA ASN B 102 9.87 -1.76 23.95
C ASN B 102 10.66 -2.89 23.28
N VAL B 103 11.87 -2.55 22.85
CA VAL B 103 12.76 -3.48 22.16
C VAL B 103 13.98 -3.81 23.04
N HIS B 104 13.80 -3.65 24.35
CA HIS B 104 14.90 -3.82 25.31
C HIS B 104 14.60 -4.84 26.42
N SER B 105 13.44 -5.46 26.39
CA SER B 105 13.00 -6.37 27.45
C SER B 105 13.29 -7.85 27.13
N ASN B 106 14.55 -8.23 27.26
CA ASN B 106 15.03 -9.60 27.02
C ASN B 106 14.52 -10.25 25.72
N GLY B 107 14.55 -9.47 24.64
CA GLY B 107 14.15 -9.99 23.34
C GLY B 107 15.32 -10.61 22.62
N GLN B 108 15.12 -10.91 21.34
CA GLN B 108 16.14 -11.55 20.52
C GLN B 108 16.80 -10.48 19.64
N ALA B 109 18.10 -10.26 19.87
CA ALA B 109 18.87 -9.30 19.09
C ALA B 109 18.78 -9.64 17.60
N THR B 110 18.50 -8.63 16.79
CA THR B 110 18.35 -8.80 15.35
C THR B 110 19.68 -9.09 14.68
N HIS B 111 20.77 -8.58 15.28
CA HIS B 111 22.14 -8.87 14.89
C HIS B 111 23.06 -8.58 16.09
N ASP B 112 24.34 -8.93 15.98
CA ASP B 112 25.29 -8.67 17.06
C ASP B 112 25.26 -7.20 17.49
N ASN B 113 24.98 -6.97 18.78
CA ASN B 113 24.91 -5.62 19.38
C ASN B 113 23.64 -4.83 19.04
N GLY B 114 22.74 -5.43 18.28
CA GLY B 114 21.51 -4.74 17.85
C GLY B 114 20.41 -4.74 18.90
N ALA B 115 19.36 -3.97 18.65
CA ALA B 115 18.18 -3.93 19.51
C ALA B 115 17.38 -5.23 19.37
N GLY B 116 16.47 -5.46 20.30
CA GLY B 116 15.60 -6.63 20.27
C GLY B 116 14.61 -6.56 19.12
N LYS B 117 14.32 -7.71 18.54
CA LYS B 117 13.30 -7.85 17.49
C LYS B 117 11.96 -7.37 18.04
N PRO B 118 11.31 -6.41 17.36
CA PRO B 118 10.03 -5.91 17.89
C PRO B 118 8.88 -6.86 17.59
N VAL B 119 7.75 -6.67 18.26
CA VAL B 119 6.56 -7.48 18.01
C VAL B 119 6.17 -7.39 16.54
N GLN B 120 5.96 -8.53 15.91
CA GLN B 120 5.63 -8.61 14.49
C GLN B 120 5.06 -9.98 14.15
N GLY B 121 4.63 -10.13 12.89
CA GLY B 121 4.09 -11.39 12.41
C GLY B 121 2.57 -11.39 12.37
N THR B 122 2.00 -12.57 12.18
CA THR B 122 0.56 -12.75 12.00
C THR B 122 -0.28 -11.95 12.99
N SER B 123 -1.19 -11.15 12.44
CA SER B 123 -2.08 -10.31 13.22
C SER B 123 -3.53 -10.51 12.83
N PHE B 124 -4.44 -10.36 13.78
CA PHE B 124 -5.87 -10.33 13.51
C PHE B 124 -6.49 -9.21 14.32
N HIS B 125 -7.03 -8.23 13.62
CA HIS B 125 -7.66 -7.07 14.23
C HIS B 125 -9.13 -7.05 13.84
N PHE B 126 -9.99 -7.13 14.85
CA PHE B 126 -11.40 -7.35 14.66
C PHE B 126 -12.22 -6.64 15.71
N PHE B 127 -13.36 -6.08 15.29
CA PHE B 127 -14.33 -5.52 16.22
C PHE B 127 -15.74 -5.65 15.66
N SER B 128 -16.71 -5.78 16.56
CA SER B 128 -18.12 -5.81 16.17
C SER B 128 -19.01 -5.13 17.20
N VAL B 129 -20.11 -4.57 16.70
CA VAL B 129 -21.13 -3.96 17.54
C VAL B 129 -22.46 -4.58 17.13
N GLY B 130 -23.22 -5.09 18.10
CA GLY B 130 -24.49 -5.74 17.82
C GLY B 130 -25.51 -5.61 18.93
N GLY B 131 -26.78 -5.87 18.58
CA GLY B 131 -27.87 -5.86 19.54
C GLY B 131 -28.13 -7.25 20.11
N GLU B 132 -27.18 -8.15 19.86
CA GLU B 132 -27.21 -9.53 20.35
C GLU B 132 -25.81 -10.11 20.17
N ALA B 133 -25.59 -11.32 20.69
CA ALA B 133 -24.30 -11.98 20.61
C ALA B 133 -23.84 -12.17 19.16
N LEU B 134 -22.54 -11.99 18.94
CA LEU B 134 -21.94 -12.26 17.64
C LEU B 134 -22.17 -13.72 17.28
N GLU B 135 -22.65 -13.98 16.07
CA GLU B 135 -22.88 -15.34 15.62
C GLU B 135 -21.66 -15.86 14.88
N LEU B 136 -21.23 -17.07 15.26
CA LEU B 136 -19.96 -17.63 14.79
C LEU B 136 -20.16 -18.86 13.90
N GLN B 137 -19.23 -19.03 12.96
CA GLN B 137 -19.13 -20.23 12.14
C GLN B 137 -17.74 -20.83 12.34
N GLY B 138 -17.69 -22.12 12.66
CA GLY B 138 -16.43 -22.80 12.90
C GLY B 138 -15.74 -23.22 11.61
N VAL B 139 -14.45 -22.89 11.50
CA VAL B 139 -13.59 -23.39 10.44
C VAL B 139 -12.24 -23.76 11.06
N LEU B 140 -11.75 -24.96 10.73
CA LEU B 140 -10.52 -25.47 11.31
C LEU B 140 -9.42 -25.60 10.27
N PHE B 141 -8.22 -25.15 10.62
CA PHE B 141 -7.05 -25.37 9.78
C PHE B 141 -6.80 -26.86 9.61
N ASN B 142 -6.93 -27.58 10.73
CA ASN B 142 -6.67 -29.00 10.84
C ASN B 142 -7.79 -29.58 11.73
N TYR B 143 -8.65 -30.40 11.12
CA TYR B 143 -9.83 -30.92 11.82
C TYR B 143 -9.50 -31.87 12.97
N ARG B 144 -8.28 -32.39 12.97
CA ARG B 144 -7.84 -33.33 14.01
C ARG B 144 -7.21 -32.62 15.21
N THR B 145 -7.09 -31.30 15.16
CA THR B 145 -6.65 -30.50 16.30
C THR B 145 -7.54 -30.81 17.51
N LYS B 146 -6.92 -31.18 18.61
CA LYS B 146 -7.65 -31.43 19.86
C LYS B 146 -7.60 -30.18 20.72
N TYR B 147 -8.73 -29.48 20.81
CA TYR B 147 -8.82 -28.24 21.58
C TYR B 147 -9.05 -28.52 23.07
N PRO B 148 -8.45 -27.70 23.95
CA PRO B 148 -8.34 -28.04 25.37
C PRO B 148 -9.60 -27.76 26.17
N ASP B 149 -9.67 -28.37 27.35
CA ASP B 149 -10.75 -28.15 28.30
CA ASP B 149 -10.76 -28.14 28.29
C ASP B 149 -10.80 -26.66 28.69
N GLY B 150 -12.00 -26.13 28.82
CA GLY B 150 -12.18 -24.73 29.16
C GLY B 150 -12.32 -23.82 27.95
N THR B 151 -12.16 -24.39 26.75
CA THR B 151 -12.46 -23.67 25.51
C THR B 151 -13.71 -24.24 24.86
N ILE B 152 -14.43 -23.39 24.13
CA ILE B 152 -15.60 -23.84 23.37
C ILE B 152 -15.21 -23.87 21.89
N PHE B 153 -15.27 -25.05 21.31
CA PHE B 153 -14.72 -25.32 19.98
C PHE B 153 -15.69 -26.12 19.11
N PRO B 154 -15.44 -26.17 17.79
CA PRO B 154 -16.29 -26.96 16.89
C PRO B 154 -16.32 -28.44 17.28
N LYS B 155 -17.53 -28.94 17.56
CA LYS B 155 -17.72 -30.33 17.97
C LYS B 155 -18.09 -31.22 16.78
N ASN B 156 -17.80 -32.52 16.90
CA ASN B 156 -18.04 -33.49 15.82
C ASN B 156 -17.35 -33.09 14.51
N ALA B 157 -16.11 -32.62 14.62
CA ALA B 157 -15.35 -32.15 13.48
C ALA B 157 -15.06 -33.28 12.50
N THR B 158 -15.17 -32.97 11.21
CA THR B 158 -14.85 -33.89 10.13
C THR B 158 -13.84 -33.20 9.23
N VAL B 159 -13.31 -33.91 8.25
CA VAL B 159 -12.36 -33.31 7.31
C VAL B 159 -13.01 -32.14 6.54
N GLN B 160 -14.33 -32.17 6.40
CA GLN B 160 -15.07 -31.09 5.76
C GLN B 160 -15.08 -29.81 6.61
N SER B 161 -14.79 -29.96 7.91
CA SER B 161 -14.64 -28.82 8.82
C SER B 161 -13.44 -27.95 8.45
N GLN B 162 -12.54 -28.49 7.61
CA GLN B 162 -11.38 -27.75 7.13
C GLN B 162 -11.73 -26.71 6.05
N VAL B 163 -12.93 -26.83 5.48
CA VAL B 163 -13.40 -25.88 4.46
C VAL B 163 -14.75 -25.24 4.80
N MET B 164 -15.75 -26.08 5.12
CA MET B 164 -17.06 -25.62 5.60
C MET B 164 -17.91 -26.79 6.10
N ASN B 165 -18.22 -26.75 7.38
CA ASN B 165 -19.17 -27.69 7.99
C ASN B 165 -20.22 -26.86 8.70
N THR B 166 -21.45 -26.90 8.19
CA THR B 166 -22.54 -26.05 8.69
C THR B 166 -23.03 -26.41 10.10
N GLU B 167 -22.58 -27.53 10.63
CA GLU B 167 -22.91 -27.93 12.00
C GLU B 167 -22.26 -27.00 13.03
N HIS B 168 -21.10 -26.44 12.68
CA HIS B 168 -20.35 -25.60 13.61
C HIS B 168 -20.90 -24.18 13.72
N LYS B 169 -22.04 -24.05 14.42
CA LYS B 169 -22.64 -22.75 14.71
C LYS B 169 -22.52 -22.47 16.21
N ALA B 170 -22.19 -21.22 16.54
CA ALA B 170 -22.08 -20.83 17.94
C ALA B 170 -22.34 -19.34 18.14
N TYR B 171 -22.61 -18.97 19.40
CA TYR B 171 -22.71 -17.58 19.80
C TYR B 171 -21.49 -17.21 20.62
N LEU B 172 -20.94 -16.02 20.39
CA LEU B 172 -19.89 -15.50 21.25
C LEU B 172 -20.54 -14.95 22.51
N ASP B 173 -20.81 -15.87 23.45
CA ASP B 173 -21.57 -15.55 24.66
C ASP B 173 -20.75 -15.74 25.94
N LYS B 174 -19.44 -15.90 25.79
CA LYS B 174 -18.54 -16.08 26.92
C LYS B 174 -17.14 -15.54 26.61
N ASN B 175 -16.57 -14.80 27.56
CA ASN B 175 -15.20 -14.31 27.45
C ASN B 175 -14.20 -15.43 27.79
N LYS B 176 -12.99 -15.35 27.23
CA LYS B 176 -11.90 -16.32 27.49
C LYS B 176 -12.23 -17.75 27.08
N ALA B 177 -13.06 -17.93 26.05
CA ALA B 177 -13.60 -19.26 25.77
C ALA B 177 -13.50 -19.69 24.31
N TYR B 178 -13.80 -18.78 23.39
CA TYR B 178 -13.86 -19.09 21.97
C TYR B 178 -12.53 -18.76 21.29
N PRO B 179 -11.74 -19.80 20.94
CA PRO B 179 -10.42 -19.54 20.35
C PRO B 179 -10.53 -18.87 18.99
N VAL B 180 -9.68 -17.88 18.74
CA VAL B 180 -9.73 -17.09 17.51
C VAL B 180 -9.62 -17.98 16.27
N GLU B 181 -8.66 -18.91 16.30
CA GLU B 181 -8.36 -19.77 15.15
C GLU B 181 -9.48 -20.73 14.73
N CYS B 182 -10.46 -20.93 15.63
CA CYS B 182 -11.58 -21.84 15.42
CA CYS B 182 -11.59 -21.84 15.43
C CYS B 182 -12.77 -21.18 14.76
N TRP B 183 -12.99 -19.92 15.10
CA TRP B 183 -14.24 -19.26 14.78
C TRP B 183 -14.06 -17.99 13.96
N VAL B 184 -15.01 -17.76 13.06
CA VAL B 184 -15.15 -16.48 12.37
C VAL B 184 -16.61 -16.03 12.49
N PRO B 185 -16.87 -14.71 12.30
CA PRO B 185 -18.25 -14.28 12.19
C PRO B 185 -18.98 -15.07 11.11
N ASP B 186 -20.21 -15.45 11.39
CA ASP B 186 -21.03 -16.22 10.46
C ASP B 186 -21.69 -15.26 9.47
N PRO B 187 -21.26 -15.30 8.19
CA PRO B 187 -21.82 -14.37 7.20
C PRO B 187 -23.28 -14.67 6.81
N THR B 188 -23.74 -15.89 7.09
CA THR B 188 -25.13 -16.28 6.81
C THR B 188 -26.08 -15.73 7.87
N ARG B 189 -25.53 -15.21 8.96
CA ARG B 189 -26.33 -14.63 10.04
C ARG B 189 -25.90 -13.19 10.34
N ASN B 190 -25.87 -12.82 11.62
CA ASN B 190 -25.42 -11.48 12.05
C ASN B 190 -26.12 -10.28 11.40
N GLU B 191 -27.44 -10.41 11.18
CA GLU B 191 -28.24 -9.31 10.63
C GLU B 191 -28.31 -8.12 11.60
N ASN B 192 -28.16 -8.40 12.89
CA ASN B 192 -28.29 -7.38 13.94
C ASN B 192 -26.92 -6.99 14.53
N THR B 193 -25.86 -7.27 13.77
CA THR B 193 -24.49 -6.95 14.15
C THR B 193 -23.74 -6.38 12.95
N ARG B 194 -22.84 -5.44 13.21
CA ARG B 194 -21.89 -4.97 12.19
C ARG B 194 -20.50 -5.39 12.62
N TYR B 195 -19.82 -6.16 11.78
CA TYR B 195 -18.48 -6.64 12.12
C TYR B 195 -17.44 -6.24 11.06
N PHE B 196 -16.19 -6.12 11.50
CA PHE B 196 -15.08 -5.69 10.66
C PHE B 196 -13.82 -6.40 11.13
N GLY B 197 -13.10 -7.03 10.21
CA GLY B 197 -11.87 -7.72 10.58
C GLY B 197 -10.85 -7.79 9.48
N THR B 198 -9.58 -7.81 9.88
CA THR B 198 -8.47 -8.02 8.95
C THR B 198 -7.46 -9.01 9.52
N LEU B 199 -7.23 -10.09 8.77
CA LEU B 199 -6.12 -10.99 9.05
C LEU B 199 -4.95 -10.65 8.15
N THR B 200 -3.80 -10.38 8.75
CA THR B 200 -2.55 -10.22 8.02
C THR B 200 -1.57 -11.32 8.45
N GLY B 201 -1.35 -12.28 7.57
CA GLY B 201 -0.51 -13.45 7.89
C GLY B 201 0.91 -13.31 7.39
N GLY B 202 1.86 -13.91 8.11
CA GLY B 202 3.26 -13.83 7.71
C GLY B 202 4.16 -13.59 8.90
N GLU B 203 5.30 -14.28 8.91
CA GLU B 203 6.25 -14.26 10.02
C GLU B 203 6.80 -12.86 10.30
N ASN B 204 6.97 -12.08 9.25
CA ASN B 204 7.68 -10.80 9.33
C ASN B 204 6.80 -9.58 9.11
N VAL B 205 5.47 -9.80 9.10
CA VAL B 205 4.51 -8.74 8.90
C VAL B 205 4.65 -7.64 9.95
N PRO B 206 4.86 -6.39 9.51
CA PRO B 206 4.96 -5.25 10.41
C PRO B 206 3.59 -4.79 10.96
N PRO B 207 3.48 -4.61 12.28
CA PRO B 207 2.25 -3.99 12.78
C PRO B 207 2.12 -2.57 12.24
N VAL B 208 0.94 -2.25 11.71
CA VAL B 208 0.62 -0.89 11.29
C VAL B 208 -0.64 -0.51 12.06
N LEU B 209 -0.44 0.35 13.06
CA LEU B 209 -1.52 0.69 13.99
C LEU B 209 -1.78 2.19 14.04
N HIS B 210 -2.95 2.58 13.55
CA HIS B 210 -3.36 3.99 13.51
C HIS B 210 -4.22 4.33 14.71
N ILE B 211 -3.99 5.52 15.26
CA ILE B 211 -4.84 6.05 16.33
C ILE B 211 -5.31 7.47 16.00
N THR B 212 -6.57 7.75 16.31
CA THR B 212 -7.13 9.10 16.16
C THR B 212 -8.51 9.18 16.81
N ASN B 213 -8.82 10.33 17.39
CA ASN B 213 -10.15 10.58 17.93
C ASN B 213 -11.07 11.32 16.95
N THR B 214 -10.69 11.32 15.67
CA THR B 214 -11.43 12.04 14.63
C THR B 214 -12.17 11.12 13.65
N ALA B 215 -12.05 9.80 13.85
CA ALA B 215 -12.66 8.83 12.94
C ALA B 215 -13.90 8.15 13.53
N THR B 216 -15.00 8.22 12.78
CA THR B 216 -16.29 7.65 13.20
C THR B 216 -16.80 6.65 12.17
N THR B 217 -17.27 5.50 12.65
CA THR B 217 -17.90 4.48 11.80
C THR B 217 -19.41 4.48 12.00
N VAL B 218 -20.15 4.71 10.91
CA VAL B 218 -21.61 4.70 10.94
C VAL B 218 -22.09 3.25 10.90
N LEU B 219 -23.00 2.91 11.80
CA LEU B 219 -23.46 1.53 11.98
C LEU B 219 -24.79 1.23 11.30
N LEU B 220 -25.37 2.25 10.66
CA LEU B 220 -26.64 2.10 9.96
C LEU B 220 -26.47 1.27 8.69
N ASP B 221 -27.43 0.39 8.41
CA ASP B 221 -27.43 -0.36 7.15
C ASP B 221 -27.98 0.49 5.99
N GLU B 222 -28.22 -0.15 4.84
CA GLU B 222 -28.72 0.55 3.65
C GLU B 222 -30.07 1.23 3.90
N PHE B 223 -30.86 0.67 4.81
CA PHE B 223 -32.18 1.21 5.14
C PHE B 223 -32.15 2.22 6.27
N GLY B 224 -30.94 2.56 6.72
CA GLY B 224 -30.76 3.55 7.79
C GLY B 224 -31.05 3.01 9.17
N VAL B 225 -30.90 1.70 9.34
CA VAL B 225 -31.17 1.04 10.62
C VAL B 225 -29.89 0.43 11.19
N GLY B 226 -29.56 0.80 12.41
CA GLY B 226 -28.41 0.23 13.12
C GLY B 226 -28.83 -0.98 13.94
N PRO B 227 -27.86 -1.67 14.57
CA PRO B 227 -28.18 -2.78 15.46
C PRO B 227 -29.21 -2.39 16.52
N LEU B 228 -30.19 -3.26 16.75
CA LEU B 228 -31.23 -3.03 17.75
C LEU B 228 -31.00 -3.91 18.97
N CYS B 229 -30.88 -3.28 20.13
CA CYS B 229 -30.42 -3.97 21.33
C CYS B 229 -31.53 -4.74 22.05
N LYS B 230 -31.54 -6.05 21.84
CA LYS B 230 -32.53 -6.94 22.45
C LYS B 230 -32.30 -7.07 23.95
N GLY B 231 -33.37 -6.88 24.71
CA GLY B 231 -33.30 -6.92 26.18
C GLY B 231 -32.48 -5.78 26.77
N ASP B 232 -32.35 -4.70 26.00
CA ASP B 232 -31.54 -3.52 26.38
C ASP B 232 -30.09 -3.87 26.66
N ASN B 233 -29.53 -4.76 25.85
CA ASN B 233 -28.12 -5.15 25.96
C ASN B 233 -27.35 -4.84 24.68
N LEU B 234 -26.20 -4.21 24.84
CA LEU B 234 -25.29 -3.96 23.71
C LEU B 234 -24.12 -4.94 23.76
N TYR B 235 -23.84 -5.57 22.61
CA TYR B 235 -22.76 -6.54 22.52
C TYR B 235 -21.58 -5.99 21.73
N LEU B 236 -20.44 -5.93 22.41
CA LEU B 236 -19.19 -5.51 21.80
C LEU B 236 -18.23 -6.69 21.79
N SER B 237 -17.57 -6.90 20.65
CA SER B 237 -16.63 -8.00 20.49
C SER B 237 -15.35 -7.50 19.84
N ALA B 238 -14.23 -8.11 20.21
CA ALA B 238 -12.93 -7.69 19.69
C ALA B 238 -11.89 -8.81 19.69
N VAL B 239 -10.99 -8.73 18.72
CA VAL B 239 -9.72 -9.46 18.76
C VAL B 239 -8.66 -8.46 18.27
N ASP B 240 -7.57 -8.36 19.02
CA ASP B 240 -6.43 -7.56 18.58
C ASP B 240 -5.12 -8.26 18.87
N VAL B 241 -4.90 -9.36 18.17
CA VAL B 241 -3.60 -10.03 18.17
C VAL B 241 -2.69 -9.18 17.29
N CYS B 242 -1.69 -8.55 17.91
CA CYS B 242 -0.86 -7.57 17.21
C CYS B 242 0.30 -8.23 16.48
N GLY B 243 0.61 -9.47 16.87
CA GLY B 243 1.76 -10.20 16.35
C GLY B 243 2.34 -11.06 17.45
N MET B 244 3.62 -11.39 17.30
CA MET B 244 4.32 -12.22 18.27
C MET B 244 5.53 -11.48 18.83
N PHE B 245 5.76 -11.66 20.13
CA PHE B 245 7.01 -11.24 20.75
C PHE B 245 7.98 -12.41 20.75
N THR B 246 9.20 -12.14 20.29
CA THR B 246 10.26 -13.15 20.28
C THR B 246 11.19 -12.93 21.46
N ASN B 247 11.30 -13.95 22.30
CA ASN B 247 12.24 -13.95 23.43
C ASN B 247 13.66 -14.21 22.96
N ARG B 248 14.63 -13.91 23.84
CA ARG B 248 16.04 -14.19 23.58
C ARG B 248 16.28 -15.59 23.02
N SER B 249 15.61 -16.58 23.61
CA SER B 249 15.77 -17.99 23.22
C SER B 249 15.25 -18.32 21.82
N GLY B 250 14.39 -17.46 21.28
CA GLY B 250 13.77 -17.68 19.99
C GLY B 250 12.30 -18.08 20.12
N SER B 251 11.89 -18.44 21.33
CA SER B 251 10.50 -18.78 21.62
C SER B 251 9.60 -17.58 21.38
N GLN B 252 8.37 -17.84 20.92
CA GLN B 252 7.47 -16.76 20.51
C GLN B 252 6.11 -16.83 21.19
N GLN B 253 5.60 -15.65 21.59
CA GLN B 253 4.31 -15.55 22.25
C GLN B 253 3.48 -14.51 21.54
N TRP B 254 2.19 -14.82 21.34
CA TRP B 254 1.24 -13.81 20.85
C TRP B 254 1.18 -12.64 21.82
N ARG B 255 1.09 -11.42 21.28
CA ARG B 255 0.89 -10.22 22.09
C ARG B 255 -0.37 -9.50 21.65
N GLY B 256 -1.25 -9.20 22.60
CA GLY B 256 -2.50 -8.51 22.32
C GLY B 256 -2.64 -7.21 23.06
N LEU B 257 -3.54 -6.35 22.58
CA LEU B 257 -3.80 -5.06 23.20
C LEU B 257 -5.31 -4.82 23.35
N SER B 258 -5.68 -3.98 24.31
CA SER B 258 -7.08 -3.62 24.55
C SER B 258 -7.68 -2.80 23.40
N ARG B 259 -9.00 -2.86 23.26
CA ARG B 259 -9.70 -2.04 22.29
C ARG B 259 -10.73 -1.13 22.94
N TYR B 260 -10.65 0.15 22.61
CA TYR B 260 -11.59 1.17 23.06
C TYR B 260 -12.82 1.17 22.16
N PHE B 261 -13.99 1.31 22.77
CA PHE B 261 -15.26 1.43 22.06
C PHE B 261 -16.00 2.65 22.58
N LYS B 262 -16.49 3.48 21.68
CA LYS B 262 -17.49 4.49 22.03
C LYS B 262 -18.64 4.37 21.07
N VAL B 263 -19.81 4.01 21.60
CA VAL B 263 -21.01 3.82 20.80
C VAL B 263 -22.10 4.83 21.19
N GLN B 264 -22.61 5.55 20.19
CA GLN B 264 -23.77 6.41 20.40
C GLN B 264 -25.02 5.67 19.97
N LEU B 265 -26.04 5.71 20.84
CA LEU B 265 -27.29 5.02 20.57
C LEU B 265 -28.48 5.97 20.71
N ARG B 266 -29.56 5.65 19.99
CA ARG B 266 -30.80 6.42 20.04
C ARG B 266 -31.99 5.49 20.28
N LYS B 267 -33.06 6.02 20.85
CA LYS B 267 -34.28 5.23 21.07
C LYS B 267 -35.08 5.14 19.77
N ARG B 268 -35.46 3.91 19.41
CA ARG B 268 -36.27 3.68 18.22
C ARG B 268 -37.48 2.80 18.54
N ARG B 269 -38.63 3.17 17.99
CA ARG B 269 -39.87 2.42 18.19
C ARG B 269 -39.94 1.24 17.22
N VAL B 270 -40.31 0.09 17.76
CA VAL B 270 -40.45 -1.14 16.99
C VAL B 270 -41.85 -1.75 17.23
N LYS B 271 -42.38 -2.44 16.23
CA LYS B 271 -43.67 -3.12 16.33
C LYS B 271 -43.49 -4.64 16.41
N ASN B 272 -44.34 -5.28 17.21
CA ASN B 272 -44.35 -6.75 17.40
C ASN B 272 -43.00 -7.32 17.83
N VAL C 7 -31.17 -8.80 -27.94
CA VAL C 7 -31.74 -8.77 -26.56
C VAL C 7 -32.05 -7.34 -26.13
N GLU C 8 -33.33 -6.98 -26.17
CA GLU C 8 -33.77 -5.66 -25.72
C GLU C 8 -34.20 -5.72 -24.26
N VAL C 9 -33.60 -4.87 -23.44
CA VAL C 9 -33.86 -4.83 -22.01
C VAL C 9 -34.91 -3.76 -21.70
N LEU C 10 -36.00 -4.17 -21.06
CA LEU C 10 -37.10 -3.27 -20.75
C LEU C 10 -37.16 -2.94 -19.25
N GLU C 11 -38.37 -2.77 -18.70
CA GLU C 11 -38.53 -2.30 -17.32
C GLU C 11 -38.31 -3.38 -16.25
N VAL C 12 -37.91 -2.93 -15.06
CA VAL C 12 -37.80 -3.78 -13.88
C VAL C 12 -39.19 -3.96 -13.26
N LYS C 13 -39.50 -5.19 -12.85
CA LYS C 13 -40.75 -5.45 -12.13
C LYS C 13 -40.62 -5.00 -10.68
N THR C 14 -41.68 -4.40 -10.14
CA THR C 14 -41.69 -3.97 -8.74
C THR C 14 -42.70 -4.79 -7.93
N GLY C 15 -42.74 -4.55 -6.62
CA GLY C 15 -43.59 -5.31 -5.72
C GLY C 15 -42.79 -6.30 -4.88
N VAL C 16 -43.46 -6.89 -3.89
CA VAL C 16 -42.81 -7.78 -2.91
C VAL C 16 -42.24 -9.06 -3.55
N ASP C 17 -42.96 -9.61 -4.52
CA ASP C 17 -42.57 -10.86 -5.17
C ASP C 17 -41.62 -10.68 -6.37
N SER C 18 -41.17 -9.45 -6.60
CA SER C 18 -40.29 -9.14 -7.73
C SER C 18 -38.81 -9.31 -7.42
N ILE C 19 -38.50 -9.64 -6.16
CA ILE C 19 -37.12 -9.82 -5.71
C ILE C 19 -36.91 -11.22 -5.14
N THR C 20 -35.70 -11.76 -5.33
CA THR C 20 -35.29 -13.00 -4.69
C THR C 20 -33.83 -12.89 -4.23
N GLU C 21 -33.43 -13.77 -3.33
CA GLU C 21 -32.10 -13.73 -2.74
C GLU C 21 -31.45 -15.10 -2.86
N VAL C 22 -30.17 -15.11 -3.24
CA VAL C 22 -29.38 -16.33 -3.27
C VAL C 22 -28.27 -16.22 -2.22
N GLU C 23 -28.16 -17.24 -1.38
CA GLU C 23 -27.15 -17.27 -0.34
C GLU C 23 -26.54 -18.66 -0.24
N CYS C 24 -25.22 -18.74 -0.33
CA CYS C 24 -24.50 -20.01 -0.31
C CYS C 24 -23.01 -19.83 -0.08
N PHE C 25 -22.31 -20.96 0.03
CA PHE C 25 -20.85 -20.96 0.08
C PHE C 25 -20.30 -21.88 -1.00
N LEU C 26 -19.16 -21.50 -1.55
CA LEU C 26 -18.43 -22.34 -2.49
C LEU C 26 -17.16 -22.84 -1.81
N THR C 27 -17.04 -24.16 -1.68
CA THR C 27 -15.86 -24.77 -1.08
C THR C 27 -14.70 -24.71 -2.06
N PRO C 28 -13.46 -24.59 -1.54
CA PRO C 28 -12.31 -24.59 -2.44
C PRO C 28 -12.02 -26.00 -2.96
N GLU C 29 -11.39 -26.07 -4.13
CA GLU C 29 -10.96 -27.33 -4.72
C GLU C 29 -9.46 -27.29 -4.98
N MET C 30 -8.69 -27.60 -3.94
CA MET C 30 -7.23 -27.46 -3.98
C MET C 30 -6.53 -28.74 -4.41
N GLY C 31 -7.26 -29.85 -4.42
CA GLY C 31 -6.70 -31.13 -4.85
C GLY C 31 -7.00 -32.29 -3.91
N ASP C 32 -7.08 -31.99 -2.61
CA ASP C 32 -7.45 -32.95 -1.57
C ASP C 32 -6.73 -34.30 -1.69
N PRO C 33 -5.42 -34.33 -1.37
CA PRO C 33 -4.57 -35.50 -1.62
C PRO C 33 -4.89 -36.75 -0.79
N ASP C 34 -5.47 -36.57 0.39
CA ASP C 34 -5.95 -37.71 1.20
C ASP C 34 -7.21 -37.35 1.99
N GLU C 35 -7.68 -38.31 2.78
CA GLU C 35 -8.92 -38.17 3.56
C GLU C 35 -8.82 -37.16 4.71
N HIS C 36 -7.61 -36.68 4.99
CA HIS C 36 -7.40 -35.75 6.10
C HIS C 36 -7.07 -34.33 5.62
N LEU C 37 -6.95 -34.14 4.30
CA LEU C 37 -6.39 -32.90 3.77
C LEU C 37 -7.30 -32.13 2.81
N ARG C 38 -8.61 -32.15 3.06
CA ARG C 38 -9.57 -31.31 2.33
C ARG C 38 -9.20 -29.84 2.51
N GLY C 39 -9.10 -29.12 1.39
CA GLY C 39 -8.71 -27.71 1.43
C GLY C 39 -7.23 -27.47 1.18
N PHE C 40 -6.46 -28.56 1.14
CA PHE C 40 -5.05 -28.53 0.81
C PHE C 40 -4.82 -29.21 -0.54
N SER C 41 -3.74 -28.83 -1.21
CA SER C 41 -3.25 -29.58 -2.36
C SER C 41 -2.24 -30.62 -1.89
N LYS C 42 -1.87 -31.53 -2.79
CA LYS C 42 -0.72 -32.40 -2.60
C LYS C 42 0.54 -31.52 -2.50
N SER C 43 1.54 -32.00 -1.77
CA SER C 43 2.83 -31.32 -1.71
CA SER C 43 2.84 -31.32 -1.71
C SER C 43 3.33 -31.05 -3.13
N ILE C 44 3.89 -29.86 -3.34
CA ILE C 44 4.33 -29.46 -4.67
C ILE C 44 5.70 -30.04 -5.00
N SER C 45 5.76 -30.74 -6.15
CA SER C 45 7.02 -31.28 -6.67
CA SER C 45 7.02 -31.27 -6.66
C SER C 45 7.42 -30.53 -7.94
N ILE C 46 8.72 -30.41 -8.17
CA ILE C 46 9.24 -29.69 -9.32
C ILE C 46 9.82 -30.65 -10.36
N SER C 47 9.42 -30.47 -11.62
CA SER C 47 9.96 -31.27 -12.72
C SER C 47 11.42 -30.93 -12.99
N ASP C 48 12.16 -31.89 -13.55
CA ASP C 48 13.57 -31.71 -13.91
C ASP C 48 13.77 -30.76 -15.08
N THR C 49 12.83 -30.79 -16.02
CA THR C 49 12.88 -29.96 -17.21
C THR C 49 11.49 -29.41 -17.51
N PHE C 50 11.43 -28.44 -18.42
CA PHE C 50 10.16 -27.91 -18.93
C PHE C 50 9.34 -29.01 -19.62
N GLU C 51 10.00 -29.81 -20.45
CA GLU C 51 9.32 -30.87 -21.21
C GLU C 51 8.75 -31.99 -20.34
N SER C 52 9.30 -32.17 -19.13
CA SER C 52 8.86 -33.25 -18.24
C SER C 52 7.83 -32.81 -17.19
N ASP C 53 7.36 -31.56 -17.28
CA ASP C 53 6.33 -31.07 -16.36
C ASP C 53 5.04 -31.88 -16.51
N SER C 54 4.70 -32.62 -15.46
CA SER C 54 3.53 -33.51 -15.49
CA SER C 54 3.54 -33.51 -15.48
C SER C 54 2.84 -33.54 -14.13
N PRO C 55 2.18 -32.42 -13.75
CA PRO C 55 1.56 -32.35 -12.43
C PRO C 55 0.42 -33.35 -12.24
N ASN C 56 0.42 -34.02 -11.09
CA ASN C 56 -0.67 -34.90 -10.71
C ASN C 56 -1.92 -34.08 -10.40
N ARG C 57 -3.08 -34.71 -10.50
CA ARG C 57 -4.36 -34.03 -10.32
C ARG C 57 -4.51 -33.38 -8.95
N ASP C 58 -4.13 -34.11 -7.89
CA ASP C 58 -4.30 -33.62 -6.52
C ASP C 58 -3.35 -32.48 -6.14
N MET C 59 -2.43 -32.14 -7.04
CA MET C 59 -1.47 -31.06 -6.84
C MET C 59 -1.91 -29.76 -7.53
N LEU C 60 -3.05 -29.81 -8.23
CA LEU C 60 -3.55 -28.67 -8.99
C LEU C 60 -4.85 -28.10 -8.45
N PRO C 61 -4.80 -26.87 -7.87
CA PRO C 61 -6.06 -26.20 -7.53
C PRO C 61 -6.92 -25.97 -8.78
N CYS C 62 -8.23 -26.06 -8.59
CA CYS C 62 -9.19 -25.87 -9.67
C CYS C 62 -10.17 -24.75 -9.33
N TYR C 63 -10.76 -24.16 -10.37
CA TYR C 63 -11.85 -23.20 -10.20
C TYR C 63 -13.04 -23.88 -9.53
N SER C 64 -13.68 -23.16 -8.62
CA SER C 64 -14.95 -23.61 -8.04
C SER C 64 -16.11 -22.98 -8.79
N VAL C 65 -17.21 -23.71 -8.88
CA VAL C 65 -18.40 -23.22 -9.58
C VAL C 65 -19.68 -23.84 -9.01
N ALA C 66 -20.72 -23.02 -8.90
CA ALA C 66 -22.05 -23.49 -8.54
C ALA C 66 -23.10 -22.88 -9.47
N ARG C 67 -23.91 -23.75 -10.07
CA ARG C 67 -25.07 -23.34 -10.85
C ARG C 67 -26.28 -23.43 -9.94
N ILE C 68 -26.89 -22.28 -9.65
CA ILE C 68 -28.00 -22.23 -8.72
C ILE C 68 -29.32 -21.95 -9.45
N PRO C 69 -30.26 -22.91 -9.42
CA PRO C 69 -31.56 -22.74 -10.06
C PRO C 69 -32.37 -21.68 -9.32
N LEU C 70 -33.03 -20.81 -10.08
CA LEU C 70 -33.83 -19.73 -9.53
C LEU C 70 -35.31 -20.03 -9.75
N PRO C 71 -36.21 -19.32 -9.04
CA PRO C 71 -37.65 -19.54 -9.26
C PRO C 71 -38.02 -19.38 -10.73
N ASN C 72 -38.74 -20.36 -11.26
CA ASN C 72 -39.19 -20.35 -12.65
C ASN C 72 -39.99 -19.10 -12.97
N LEU C 73 -39.72 -18.49 -14.12
CA LEU C 73 -40.36 -17.23 -14.50
C LEU C 73 -41.26 -17.35 -15.72
N ASN C 74 -40.87 -18.17 -16.69
CA ASN C 74 -41.60 -18.31 -17.94
C ASN C 74 -41.93 -19.77 -18.23
N ILE C 82 -41.25 -11.80 -21.88
CA ILE C 82 -40.31 -12.71 -21.20
C ILE C 82 -39.63 -12.01 -20.03
N LEU C 83 -39.65 -12.66 -18.86
CA LEU C 83 -38.99 -12.15 -17.66
C LEU C 83 -37.70 -12.92 -17.39
N MET C 84 -36.68 -12.21 -16.93
CA MET C 84 -35.42 -12.82 -16.50
C MET C 84 -35.02 -12.27 -15.14
N TRP C 85 -34.41 -13.12 -14.31
CA TRP C 85 -33.83 -12.68 -13.06
C TRP C 85 -32.55 -11.89 -13.34
N GLU C 86 -32.43 -10.73 -12.70
CA GLU C 86 -31.29 -9.85 -12.89
C GLU C 86 -30.51 -9.72 -11.59
N ALA C 87 -29.25 -10.13 -11.61
CA ALA C 87 -28.37 -9.99 -10.44
C ALA C 87 -27.96 -8.53 -10.28
N VAL C 88 -28.29 -7.96 -9.12
CA VAL C 88 -28.08 -6.53 -8.87
C VAL C 88 -26.92 -6.26 -7.92
N THR C 89 -26.87 -6.98 -6.81
CA THR C 89 -25.85 -6.75 -5.79
C THR C 89 -25.22 -8.04 -5.29
N LEU C 90 -23.98 -7.93 -4.83
CA LEU C 90 -23.24 -9.04 -4.26
C LEU C 90 -22.61 -8.65 -2.93
N LYS C 91 -22.80 -9.51 -1.93
CA LYS C 91 -21.99 -9.50 -0.72
C LYS C 91 -21.18 -10.78 -0.72
N THR C 92 -19.88 -10.66 -0.44
CA THR C 92 -18.99 -11.80 -0.48
C THR C 92 -17.83 -11.66 0.50
N GLU C 93 -17.38 -12.81 1.02
CA GLU C 93 -16.13 -12.85 1.79
C GLU C 93 -15.59 -14.26 1.96
N VAL C 94 -14.31 -14.34 2.26
CA VAL C 94 -13.62 -15.59 2.53
C VAL C 94 -13.99 -16.08 3.93
N ILE C 95 -14.37 -17.35 4.04
CA ILE C 95 -14.84 -17.93 5.30
C ILE C 95 -13.71 -18.70 5.98
N GLY C 96 -13.44 -18.36 7.24
CA GLY C 96 -12.45 -19.05 8.05
C GLY C 96 -11.05 -18.47 8.00
N VAL C 97 -10.96 -17.14 7.88
CA VAL C 97 -9.67 -16.46 7.77
C VAL C 97 -8.76 -16.69 8.98
N THR C 98 -9.37 -16.85 10.15
CA THR C 98 -8.62 -17.03 11.40
C THR C 98 -7.94 -18.38 11.54
N SER C 99 -8.38 -19.37 10.74
CA SER C 99 -7.76 -20.70 10.75
C SER C 99 -6.27 -20.60 10.42
N LEU C 100 -5.89 -19.58 9.66
CA LEU C 100 -4.50 -19.36 9.28
C LEU C 100 -3.60 -18.95 10.46
N MET C 101 -4.22 -18.75 11.63
CA MET C 101 -3.46 -18.47 12.85
C MET C 101 -2.97 -19.76 13.53
N ASN C 102 -3.34 -20.90 13.00
CA ASN C 102 -2.81 -22.16 13.50
C ASN C 102 -1.38 -22.36 13.02
N VAL C 103 -0.43 -21.89 13.83
CA VAL C 103 1.00 -22.02 13.54
C VAL C 103 1.65 -23.04 14.47
N HIS C 104 0.84 -23.98 14.97
CA HIS C 104 1.30 -25.00 15.91
C HIS C 104 1.04 -26.44 15.45
N SER C 105 0.64 -26.60 14.19
CA SER C 105 0.25 -27.91 13.65
C SER C 105 1.17 -28.37 12.51
N ASN C 106 2.17 -29.17 12.87
CA ASN C 106 3.17 -29.71 11.94
C ASN C 106 3.75 -28.70 10.94
N GLY C 107 3.98 -27.48 11.40
CA GLY C 107 4.58 -26.45 10.56
C GLY C 107 6.09 -26.47 10.66
N GLN C 108 6.75 -25.67 9.86
CA GLN C 108 8.19 -25.50 9.94
C GLN C 108 8.49 -24.26 10.78
N ALA C 109 9.22 -24.44 11.88
CA ALA C 109 9.64 -23.33 12.71
C ALA C 109 10.39 -22.30 11.87
N THR C 110 10.03 -21.03 12.04
CA THR C 110 10.63 -19.93 11.29
C THR C 110 12.10 -19.70 11.68
N HIS C 111 12.40 -20.01 12.94
CA HIS C 111 13.78 -20.06 13.45
C HIS C 111 13.81 -21.04 14.63
N ASP C 112 14.99 -21.30 15.18
CA ASP C 112 15.13 -22.20 16.32
C ASP C 112 14.22 -21.77 17.47
N ASN C 113 13.37 -22.69 17.91
CA ASN C 113 12.40 -22.48 19.01
C ASN C 113 11.19 -21.61 18.67
N GLY C 114 11.10 -21.14 17.43
CA GLY C 114 10.01 -20.25 17.02
C GLY C 114 8.71 -20.96 16.67
N ALA C 115 7.68 -20.15 16.40
CA ALA C 115 6.39 -20.69 15.96
C ALA C 115 6.48 -21.19 14.51
N GLY C 116 5.45 -21.93 14.09
CA GLY C 116 5.39 -22.44 12.72
C GLY C 116 5.20 -21.34 11.71
N LYS C 117 5.78 -21.54 10.52
CA LYS C 117 5.61 -20.63 9.40
C LYS C 117 4.14 -20.59 9.02
N PRO C 118 3.53 -19.39 8.98
CA PRO C 118 2.12 -19.33 8.58
C PRO C 118 1.94 -19.46 7.07
N VAL C 119 0.73 -19.77 6.64
CA VAL C 119 0.37 -19.80 5.23
C VAL C 119 0.74 -18.46 4.59
N GLN C 120 1.46 -18.53 3.48
CA GLN C 120 1.93 -17.33 2.76
C GLN C 120 2.35 -17.71 1.36
N GLY C 121 2.75 -16.69 0.58
CA GLY C 121 3.18 -16.91 -0.79
C GLY C 121 2.06 -16.68 -1.79
N THR C 122 2.29 -17.14 -3.01
CA THR C 122 1.38 -16.91 -4.14
C THR C 122 -0.09 -17.15 -3.79
N SER C 123 -0.91 -16.14 -4.04
CA SER C 123 -2.34 -16.23 -3.80
C SER C 123 -3.15 -15.81 -5.02
N PHE C 124 -4.30 -16.43 -5.21
CA PHE C 124 -5.26 -15.99 -6.21
C PHE C 124 -6.64 -15.96 -5.58
N HIS C 125 -7.20 -14.76 -5.50
CA HIS C 125 -8.54 -14.57 -4.98
C HIS C 125 -9.42 -14.04 -6.10
N PHE C 126 -10.49 -14.78 -6.39
CA PHE C 126 -11.32 -14.55 -7.54
C PHE C 126 -12.77 -14.87 -7.24
N PHE C 127 -13.68 -14.05 -7.75
CA PHE C 127 -15.10 -14.36 -7.72
C PHE C 127 -15.82 -13.75 -8.92
N SER C 128 -16.87 -14.43 -9.36
CA SER C 128 -17.68 -13.95 -10.46
C SER C 128 -19.15 -14.31 -10.26
N VAL C 129 -20.02 -13.43 -10.75
CA VAL C 129 -21.47 -13.67 -10.74
C VAL C 129 -21.96 -13.48 -12.18
N GLY C 130 -22.65 -14.48 -12.72
CA GLY C 130 -23.13 -14.41 -14.10
C GLY C 130 -24.48 -15.07 -14.34
N GLY C 131 -25.08 -14.73 -15.48
CA GLY C 131 -26.36 -15.31 -15.89
C GLY C 131 -26.16 -16.53 -16.77
N GLU C 132 -24.91 -16.99 -16.82
CA GLU C 132 -24.49 -18.14 -17.61
C GLU C 132 -23.09 -18.51 -17.12
N ALA C 133 -22.59 -19.67 -17.55
CA ALA C 133 -21.26 -20.13 -17.16
C ALA C 133 -20.17 -19.11 -17.47
N LEU C 134 -19.20 -19.01 -16.58
CA LEU C 134 -18.03 -18.16 -16.81
C LEU C 134 -17.31 -18.68 -18.05
N GLU C 135 -17.00 -17.78 -18.98
CA GLU C 135 -16.26 -18.15 -20.17
C GLU C 135 -14.77 -18.00 -19.94
N LEU C 136 -14.02 -19.03 -20.34
CA LEU C 136 -12.60 -19.13 -20.05
C LEU C 136 -11.72 -19.06 -21.29
N GLN C 137 -10.53 -18.48 -21.12
CA GLN C 137 -9.48 -18.50 -22.12
C GLN C 137 -8.27 -19.21 -21.51
N GLY C 138 -7.69 -20.16 -22.26
CA GLY C 138 -6.52 -20.88 -21.79
C GLY C 138 -5.23 -20.14 -22.04
N VAL C 139 -4.38 -20.07 -21.01
CA VAL C 139 -3.02 -19.57 -21.14
C VAL C 139 -2.12 -20.47 -20.29
N LEU C 140 -1.04 -20.96 -20.89
CA LEU C 140 -0.17 -21.92 -20.23
C LEU C 140 1.19 -21.29 -19.95
N PHE C 141 1.70 -21.51 -18.74
CA PHE C 141 3.05 -21.07 -18.40
C PHE C 141 4.07 -21.78 -19.28
N ASN C 142 3.82 -23.07 -19.49
CA ASN C 142 4.68 -23.97 -20.25
C ASN C 142 3.78 -24.87 -21.08
N TYR C 143 3.83 -24.69 -22.40
CA TYR C 143 2.92 -25.41 -23.31
C TYR C 143 3.14 -26.92 -23.34
N ARG C 144 4.32 -27.36 -22.92
CA ARG C 144 4.66 -28.78 -22.88
C ARG C 144 4.27 -29.47 -21.57
N THR C 145 3.61 -28.73 -20.68
CA THR C 145 3.05 -29.32 -19.46
C THR C 145 2.01 -30.37 -19.83
N LYS C 146 2.19 -31.58 -19.29
CA LYS C 146 1.20 -32.64 -19.47
C LYS C 146 0.23 -32.62 -18.30
N TYR C 147 -1.01 -32.22 -18.57
CA TYR C 147 -2.02 -32.13 -17.53
C TYR C 147 -2.74 -33.47 -17.32
N PRO C 148 -3.11 -33.77 -16.07
CA PRO C 148 -3.52 -35.13 -15.71
C PRO C 148 -4.97 -35.46 -16.09
N ASP C 149 -5.23 -36.75 -16.22
CA ASP C 149 -6.58 -37.26 -16.49
CA ASP C 149 -6.58 -37.26 -16.49
C ASP C 149 -7.53 -36.78 -15.39
N GLY C 150 -8.75 -36.43 -15.78
CA GLY C 150 -9.73 -35.94 -14.83
C GLY C 150 -9.75 -34.42 -14.73
N THR C 151 -8.79 -33.76 -15.38
CA THR C 151 -8.83 -32.30 -15.51
C THR C 151 -9.18 -31.91 -16.93
N ILE C 152 -9.82 -30.74 -17.08
CA ILE C 152 -10.11 -30.17 -18.38
C ILE C 152 -9.15 -29.00 -18.63
N PHE C 153 -8.30 -29.16 -19.65
CA PHE C 153 -7.17 -28.26 -19.90
C PHE C 153 -7.11 -27.86 -21.37
N PRO C 154 -6.34 -26.80 -21.70
CA PRO C 154 -6.18 -26.42 -23.11
C PRO C 154 -5.65 -27.58 -23.96
N LYS C 155 -6.36 -27.89 -25.04
CA LYS C 155 -6.00 -28.99 -25.92
C LYS C 155 -5.31 -28.48 -27.19
N ASN C 156 -4.51 -29.34 -27.82
CA ASN C 156 -3.72 -28.98 -29.00
C ASN C 156 -2.81 -27.76 -28.73
N ALA C 157 -2.15 -27.79 -27.57
CA ALA C 157 -1.28 -26.70 -27.15
C ALA C 157 -0.10 -26.53 -28.10
N THR C 158 0.27 -25.27 -28.34
CA THR C 158 1.45 -24.94 -29.13
C THR C 158 2.27 -23.94 -28.32
N VAL C 159 3.45 -23.59 -28.81
CA VAL C 159 4.27 -22.58 -28.14
C VAL C 159 3.49 -21.25 -27.99
N GLN C 160 2.58 -20.98 -28.92
CA GLN C 160 1.77 -19.76 -28.87
C GLN C 160 0.79 -19.75 -27.70
N SER C 161 0.47 -20.95 -27.19
CA SER C 161 -0.38 -21.10 -26.01
C SER C 161 0.24 -20.44 -24.77
N GLN C 162 1.55 -20.23 -24.80
CA GLN C 162 2.25 -19.55 -23.71
C GLN C 162 1.96 -18.04 -23.63
N VAL C 163 1.36 -17.48 -24.70
CA VAL C 163 1.00 -16.06 -24.72
C VAL C 163 -0.47 -15.81 -25.07
N MET C 164 -0.94 -16.40 -26.16
CA MET C 164 -2.35 -16.32 -26.59
C MET C 164 -2.64 -17.25 -27.76
N ASN C 165 -3.37 -18.32 -27.49
CA ASN C 165 -3.86 -19.20 -28.53
C ASN C 165 -5.39 -19.21 -28.42
N THR C 166 -6.04 -18.59 -29.42
CA THR C 166 -7.49 -18.38 -29.39
C THR C 166 -8.32 -19.67 -29.46
N GLU C 167 -7.67 -20.80 -29.74
CA GLU C 167 -8.37 -22.09 -29.72
C GLU C 167 -8.83 -22.48 -28.33
N HIS C 168 -8.06 -22.08 -27.31
CA HIS C 168 -8.33 -22.48 -25.93
C HIS C 168 -9.49 -21.71 -25.31
N LYS C 169 -10.71 -22.06 -25.74
CA LYS C 169 -11.95 -21.49 -25.20
C LYS C 169 -12.72 -22.58 -24.46
N ALA C 170 -13.27 -22.23 -23.30
CA ALA C 170 -14.03 -23.18 -22.49
C ALA C 170 -15.09 -22.47 -21.65
N TYR C 171 -16.00 -23.27 -21.10
CA TYR C 171 -16.98 -22.81 -20.12
C TYR C 171 -16.65 -23.44 -18.78
N LEU C 172 -16.69 -22.65 -17.71
CA LEU C 172 -16.56 -23.18 -16.37
C LEU C 172 -17.88 -23.85 -15.99
N ASP C 173 -18.01 -25.11 -16.39
CA ASP C 173 -19.28 -25.83 -16.33
C ASP C 173 -19.21 -27.10 -15.47
N LYS C 174 -18.12 -27.25 -14.72
CA LYS C 174 -17.91 -28.44 -13.89
C LYS C 174 -16.94 -28.14 -12.76
N ASN C 175 -17.20 -28.76 -11.60
CA ASN C 175 -16.36 -28.62 -10.41
CA ASN C 175 -16.35 -28.62 -10.42
C ASN C 175 -15.18 -29.58 -10.45
N LYS C 176 -14.12 -29.25 -9.70
CA LYS C 176 -12.90 -30.08 -9.59
C LYS C 176 -12.28 -30.42 -10.95
N ALA C 177 -12.45 -29.55 -11.93
CA ALA C 177 -12.10 -29.90 -13.31
C ALA C 177 -11.13 -28.95 -13.98
N TYR C 178 -11.38 -27.64 -13.86
CA TYR C 178 -10.62 -26.63 -14.57
C TYR C 178 -9.50 -26.08 -13.70
N PRO C 179 -8.23 -26.48 -13.99
CA PRO C 179 -7.11 -26.04 -13.16
C PRO C 179 -6.91 -24.54 -13.26
N VAL C 180 -6.69 -23.91 -12.10
CA VAL C 180 -6.52 -22.46 -12.00
C VAL C 180 -5.38 -21.95 -12.90
N GLU C 181 -4.25 -22.66 -12.90
CA GLU C 181 -3.06 -22.24 -13.64
C GLU C 181 -3.21 -22.25 -15.17
N CYS C 182 -4.22 -22.96 -15.68
CA CYS C 182 -4.48 -23.12 -17.12
C CYS C 182 -5.42 -22.08 -17.69
N TRP C 183 -6.32 -21.59 -16.86
CA TRP C 183 -7.47 -20.82 -17.34
C TRP C 183 -7.63 -19.48 -16.64
N VAL C 184 -8.08 -18.49 -17.41
CA VAL C 184 -8.49 -17.19 -16.88
C VAL C 184 -9.84 -16.83 -17.51
N PRO C 185 -10.59 -15.90 -16.88
CA PRO C 185 -11.77 -15.36 -17.55
C PRO C 185 -11.39 -14.77 -18.90
N ASP C 186 -12.18 -15.11 -19.93
CA ASP C 186 -12.00 -14.62 -21.28
C ASP C 186 -12.52 -13.18 -21.39
N PRO C 187 -11.60 -12.20 -21.50
CA PRO C 187 -12.01 -10.79 -21.56
C PRO C 187 -12.74 -10.42 -22.86
N THR C 188 -12.59 -11.26 -23.89
CA THR C 188 -13.27 -11.04 -25.18
C THR C 188 -14.73 -11.48 -25.12
N ARG C 189 -15.11 -12.18 -24.06
CA ARG C 189 -16.49 -12.63 -23.89
C ARG C 189 -17.00 -12.16 -22.53
N ASN C 190 -17.80 -13.00 -21.85
CA ASN C 190 -18.30 -12.69 -20.51
C ASN C 190 -19.13 -11.41 -20.36
N GLU C 191 -19.85 -11.04 -21.43
CA GLU C 191 -20.73 -9.87 -21.41
C GLU C 191 -21.81 -9.97 -20.31
N ASN C 192 -22.24 -11.20 -20.02
CA ASN C 192 -23.33 -11.45 -19.07
C ASN C 192 -22.82 -11.94 -17.71
N THR C 193 -21.56 -11.61 -17.40
CA THR C 193 -20.93 -11.97 -16.14
C THR C 193 -20.13 -10.77 -15.62
N ARG C 194 -20.04 -10.64 -14.31
CA ARG C 194 -19.14 -9.69 -13.67
C ARG C 194 -18.09 -10.49 -12.91
N TYR C 195 -16.82 -10.31 -13.27
CA TYR C 195 -15.75 -11.04 -12.59
C TYR C 195 -14.69 -10.11 -11.98
N PHE C 196 -14.07 -10.57 -10.89
CA PHE C 196 -13.09 -9.80 -10.14
C PHE C 196 -12.02 -10.76 -9.62
N GLY C 197 -10.76 -10.46 -9.89
CA GLY C 197 -9.67 -11.32 -9.44
C GLY C 197 -8.36 -10.60 -9.18
N THR C 198 -7.58 -11.13 -8.26
CA THR C 198 -6.24 -10.62 -7.97
C THR C 198 -5.25 -11.77 -7.76
N LEU C 199 -4.21 -11.79 -8.58
CA LEU C 199 -3.06 -12.66 -8.33
C LEU C 199 -2.00 -11.85 -7.61
N THR C 200 -1.56 -12.36 -6.46
CA THR C 200 -0.41 -11.81 -5.76
C THR C 200 0.67 -12.89 -5.69
N GLY C 201 1.73 -12.71 -6.48
CA GLY C 201 2.79 -13.72 -6.59
C GLY C 201 3.99 -13.40 -5.73
N GLY C 202 4.78 -14.42 -5.41
CA GLY C 202 5.95 -14.23 -4.56
C GLY C 202 5.96 -15.24 -3.43
N GLU C 203 7.16 -15.72 -3.10
CA GLU C 203 7.37 -16.76 -2.09
C GLU C 203 6.89 -16.37 -0.70
N ASN C 204 7.02 -15.09 -0.36
CA ASN C 204 6.82 -14.62 1.01
C ASN C 204 5.66 -13.63 1.19
N VAL C 205 4.79 -13.56 0.18
CA VAL C 205 3.64 -12.66 0.21
C VAL C 205 2.72 -12.96 1.39
N PRO C 206 2.42 -11.95 2.21
CA PRO C 206 1.51 -12.11 3.34
C PRO C 206 0.05 -12.11 2.91
N PRO C 207 -0.75 -13.09 3.39
CA PRO C 207 -2.18 -12.98 3.15
C PRO C 207 -2.74 -11.75 3.85
N VAL C 208 -3.59 -11.00 3.14
CA VAL C 208 -4.29 -9.87 3.72
C VAL C 208 -5.75 -10.11 3.43
N LEU C 209 -6.49 -10.53 4.46
CA LEU C 209 -7.85 -10.97 4.28
C LEU C 209 -8.80 -10.16 5.13
N HIS C 210 -9.67 -9.40 4.46
CA HIS C 210 -10.64 -8.54 5.12
C HIS C 210 -12.00 -9.22 5.19
N ILE C 211 -12.66 -9.08 6.33
CA ILE C 211 -14.04 -9.56 6.49
C ILE C 211 -14.92 -8.44 7.02
N THR C 212 -16.15 -8.40 6.52
CA THR C 212 -17.17 -7.45 6.99
C THR C 212 -18.52 -7.77 6.33
N ASN C 213 -19.60 -7.55 7.08
CA ASN C 213 -20.94 -7.70 6.53
C ASN C 213 -21.57 -6.36 6.10
N THR C 214 -20.71 -5.35 5.93
CA THR C 214 -21.17 -4.00 5.60
C THR C 214 -20.80 -3.58 4.18
N ALA C 215 -20.17 -4.48 3.42
CA ALA C 215 -19.70 -4.16 2.08
C ALA C 215 -20.54 -4.83 0.99
N THR C 216 -20.98 -4.04 0.01
CA THR C 216 -21.77 -4.53 -1.11
C THR C 216 -21.13 -4.11 -2.42
N THR C 217 -21.06 -5.05 -3.37
CA THR C 217 -20.66 -4.76 -4.74
C THR C 217 -21.89 -4.70 -5.63
N VAL C 218 -22.05 -3.61 -6.37
CA VAL C 218 -23.13 -3.44 -7.33
C VAL C 218 -22.72 -4.09 -8.66
N LEU C 219 -23.60 -4.90 -9.21
CA LEU C 219 -23.29 -5.72 -10.39
C LEU C 219 -23.81 -5.12 -11.71
N LEU C 220 -24.46 -3.96 -11.62
CA LEU C 220 -24.99 -3.29 -12.81
C LEU C 220 -23.86 -2.71 -13.66
N ASP C 221 -24.00 -2.81 -14.99
CA ASP C 221 -23.05 -2.16 -15.91
C ASP C 221 -23.39 -0.67 -16.08
N GLU C 222 -22.67 -0.01 -16.98
CA GLU C 222 -22.85 1.44 -17.24
C GLU C 222 -24.27 1.79 -17.67
N PHE C 223 -24.98 0.82 -18.23
CA PHE C 223 -26.37 1.03 -18.69
C PHE C 223 -27.39 0.65 -17.61
N GLY C 224 -26.90 0.30 -16.43
CA GLY C 224 -27.78 -0.04 -15.29
C GLY C 224 -28.36 -1.44 -15.36
N VAL C 225 -27.68 -2.33 -16.09
CA VAL C 225 -28.15 -3.70 -16.29
C VAL C 225 -27.17 -4.70 -15.68
N GLY C 226 -27.69 -5.59 -14.83
CA GLY C 226 -26.89 -6.66 -14.23
C GLY C 226 -26.90 -7.91 -15.08
N PRO C 227 -26.18 -8.96 -14.64
CA PRO C 227 -26.26 -10.27 -15.30
C PRO C 227 -27.70 -10.77 -15.38
N LEU C 228 -28.08 -11.27 -16.55
CA LEU C 228 -29.43 -11.77 -16.80
C LEU C 228 -29.40 -13.30 -16.88
N CYS C 229 -30.17 -13.94 -16.01
CA CYS C 229 -30.05 -15.38 -15.78
C CYS C 229 -30.81 -16.22 -16.80
N LYS C 230 -30.08 -16.75 -17.79
CA LYS C 230 -30.66 -17.59 -18.84
C LYS C 230 -31.13 -18.92 -18.27
N GLY C 231 -32.36 -19.31 -18.62
CA GLY C 231 -32.98 -20.53 -18.11
C GLY C 231 -33.22 -20.50 -16.62
N ASP C 232 -33.23 -19.30 -16.04
CA ASP C 232 -33.39 -19.09 -14.59
C ASP C 232 -32.28 -19.80 -13.79
N ASN C 233 -31.04 -19.68 -14.27
CA ASN C 233 -29.88 -20.20 -13.58
C ASN C 233 -28.88 -19.08 -13.26
N LEU C 234 -28.42 -19.05 -12.02
CA LEU C 234 -27.37 -18.13 -11.60
C LEU C 234 -26.05 -18.89 -11.44
N TYR C 235 -24.98 -18.33 -12.00
CA TYR C 235 -23.68 -18.98 -11.95
C TYR C 235 -22.72 -18.21 -11.06
N LEU C 236 -22.22 -18.89 -10.04
CA LEU C 236 -21.25 -18.33 -9.12
C LEU C 236 -19.95 -19.10 -9.23
N SER C 237 -18.84 -18.38 -9.33
CA SER C 237 -17.52 -18.98 -9.48
C SER C 237 -16.53 -18.32 -8.53
N ALA C 238 -15.58 -19.10 -8.04
CA ALA C 238 -14.61 -18.62 -7.07
C ALA C 238 -13.28 -19.38 -7.12
N VAL C 239 -12.21 -18.66 -6.78
CA VAL C 239 -10.94 -19.27 -6.44
C VAL C 239 -10.40 -18.48 -5.26
N ASP C 240 -10.00 -19.17 -4.20
CA ASP C 240 -9.37 -18.51 -3.07
C ASP C 240 -8.17 -19.32 -2.57
N VAL C 241 -7.15 -19.39 -3.42
CA VAL C 241 -5.86 -19.92 -3.02
C VAL C 241 -5.22 -18.85 -2.15
N CYS C 242 -5.10 -19.15 -0.85
CA CYS C 242 -4.65 -18.16 0.12
C CYS C 242 -3.14 -18.08 0.21
N GLY C 243 -2.49 -19.14 -0.26
CA GLY C 243 -1.03 -19.25 -0.21
C GLY C 243 -0.62 -20.69 -0.03
N MET C 244 0.60 -20.88 0.48
CA MET C 244 1.12 -22.22 0.73
C MET C 244 1.36 -22.46 2.21
N PHE C 245 1.01 -23.66 2.66
CA PHE C 245 1.39 -24.15 3.98
C PHE C 245 2.69 -24.94 3.83
N THR C 246 3.67 -24.61 4.68
CA THR C 246 4.93 -25.32 4.72
C THR C 246 4.94 -26.23 5.95
N ASN C 247 5.02 -27.54 5.73
CA ASN C 247 5.12 -28.48 6.87
C ASN C 247 6.56 -28.61 7.37
N ARG C 248 6.76 -29.37 8.44
CA ARG C 248 8.06 -29.47 9.11
C ARG C 248 9.21 -29.91 8.20
N SER C 249 8.89 -30.73 7.19
CA SER C 249 9.90 -31.22 6.24
C SER C 249 10.33 -30.16 5.22
N GLY C 250 9.58 -29.07 5.13
CA GLY C 250 9.87 -28.02 4.14
C GLY C 250 9.01 -28.10 2.90
N SER C 251 8.30 -29.22 2.73
CA SER C 251 7.39 -29.38 1.59
C SER C 251 6.21 -28.42 1.73
N GLN C 252 5.65 -28.02 0.59
CA GLN C 252 4.64 -26.97 0.57
C GLN C 252 3.37 -27.41 -0.15
N GLN C 253 2.23 -27.01 0.40
CA GLN C 253 0.92 -27.34 -0.17
C GLN C 253 0.10 -26.08 -0.28
N TRP C 254 -0.64 -25.96 -1.39
CA TRP C 254 -1.62 -24.87 -1.51
C TRP C 254 -2.67 -25.03 -0.41
N ARG C 255 -3.11 -23.93 0.17
CA ARG C 255 -4.22 -23.93 1.12
C ARG C 255 -5.32 -22.98 0.64
N GLY C 256 -6.55 -23.49 0.56
CA GLY C 256 -7.69 -22.69 0.13
C GLY C 256 -8.75 -22.57 1.21
N LEU C 257 -9.61 -21.57 1.05
CA LEU C 257 -10.75 -21.37 1.95
C LEU C 257 -12.03 -21.15 1.14
N SER C 258 -13.16 -21.41 1.79
CA SER C 258 -14.48 -21.24 1.18
C SER C 258 -14.83 -19.75 1.01
N ARG C 259 -15.73 -19.48 0.07
CA ARG C 259 -16.20 -18.13 -0.19
C ARG C 259 -17.71 -18.07 -0.08
N TYR C 260 -18.17 -17.08 0.69
CA TYR C 260 -19.59 -16.81 0.88
C TYR C 260 -20.08 -15.92 -0.25
N PHE C 261 -21.30 -16.18 -0.73
CA PHE C 261 -21.96 -15.36 -1.73
C PHE C 261 -23.37 -15.02 -1.24
N LYS C 262 -23.73 -13.74 -1.27
CA LYS C 262 -25.13 -13.34 -1.16
C LYS C 262 -25.47 -12.42 -2.33
N VAL C 263 -26.39 -12.86 -3.17
CA VAL C 263 -26.78 -12.11 -4.36
C VAL C 263 -28.26 -11.71 -4.29
N GLN C 264 -28.53 -10.43 -4.50
CA GLN C 264 -29.90 -9.93 -4.64
C GLN C 264 -30.27 -9.84 -6.12
N LEU C 265 -31.42 -10.42 -6.46
CA LEU C 265 -31.87 -10.42 -7.85
C LEU C 265 -33.27 -9.83 -7.97
N ARG C 266 -33.56 -9.23 -9.13
CA ARG C 266 -34.88 -8.66 -9.41
C ARG C 266 -35.37 -9.16 -10.77
N LYS C 267 -36.70 -9.15 -10.95
CA LYS C 267 -37.30 -9.55 -12.21
C LYS C 267 -37.20 -8.40 -13.21
N ARG C 268 -36.76 -8.72 -14.42
CA ARG C 268 -36.67 -7.73 -15.50
C ARG C 268 -37.27 -8.28 -16.78
N ARG C 269 -38.11 -7.47 -17.43
CA ARG C 269 -38.71 -7.86 -18.70
C ARG C 269 -37.73 -7.66 -19.84
N VAL C 270 -37.66 -8.65 -20.73
CA VAL C 270 -36.77 -8.65 -21.88
C VAL C 270 -37.56 -8.98 -23.14
N LYS C 271 -37.18 -8.37 -24.26
CA LYS C 271 -37.83 -8.60 -25.55
C LYS C 271 -36.99 -9.54 -26.42
N ASN C 272 -37.67 -10.48 -27.07
CA ASN C 272 -37.05 -11.50 -27.94
C ASN C 272 -36.08 -12.41 -27.18
N GLU D 8 -2.57 42.89 -3.14
CA GLU D 8 -3.94 42.35 -3.43
C GLU D 8 -3.99 41.69 -4.80
N VAL D 9 -4.69 40.56 -4.87
CA VAL D 9 -4.82 39.81 -6.11
C VAL D 9 -6.18 40.11 -6.74
N LEU D 10 -6.17 40.64 -7.96
CA LEU D 10 -7.41 41.00 -8.67
C LEU D 10 -7.81 39.97 -9.72
N GLU D 11 -8.43 40.43 -10.80
CA GLU D 11 -9.01 39.53 -11.80
C GLU D 11 -7.98 38.90 -12.73
N VAL D 12 -8.34 37.72 -13.26
CA VAL D 12 -7.58 37.06 -14.31
C VAL D 12 -7.89 37.73 -15.65
N LYS D 13 -6.86 37.97 -16.45
CA LYS D 13 -7.02 38.49 -17.80
C LYS D 13 -7.51 37.37 -18.71
N THR D 14 -8.44 37.67 -19.62
CA THR D 14 -8.94 36.67 -20.57
C THR D 14 -8.51 36.98 -22.00
N GLY D 15 -8.81 36.06 -22.91
CA GLY D 15 -8.40 36.20 -24.31
C GLY D 15 -7.37 35.15 -24.69
N VAL D 16 -7.10 35.05 -25.99
CA VAL D 16 -6.19 34.03 -26.52
C VAL D 16 -4.74 34.20 -26.05
N ASP D 17 -4.30 35.44 -25.91
CA ASP D 17 -2.91 35.76 -25.53
C ASP D 17 -2.72 35.96 -24.02
N SER D 18 -3.75 35.63 -23.24
CA SER D 18 -3.70 35.75 -21.78
C SER D 18 -3.17 34.48 -21.11
N ILE D 19 -2.84 33.49 -21.93
CA ILE D 19 -2.33 32.20 -21.45
C ILE D 19 -0.97 31.89 -22.07
N THR D 20 -0.10 31.23 -21.32
CA THR D 20 1.15 30.72 -21.85
C THR D 20 1.50 29.36 -21.25
N GLU D 21 2.43 28.67 -21.89
CA GLU D 21 2.82 27.33 -21.47
C GLU D 21 4.34 27.23 -21.38
N VAL D 22 4.82 26.58 -20.33
CA VAL D 22 6.26 26.30 -20.17
C VAL D 22 6.46 24.79 -20.14
N GLU D 23 7.35 24.31 -21.00
CA GLU D 23 7.63 22.89 -21.11
C GLU D 23 9.14 22.69 -21.14
N CYS D 24 9.63 21.85 -20.23
CA CYS D 24 11.06 21.58 -20.12
C CYS D 24 11.37 20.33 -19.29
N PHE D 25 12.64 19.96 -19.27
CA PHE D 25 13.12 18.87 -18.42
C PHE D 25 14.28 19.36 -17.56
N LEU D 26 14.33 18.86 -16.32
CA LEU D 26 15.43 19.11 -15.41
C LEU D 26 16.24 17.82 -15.26
N THR D 27 17.53 17.90 -15.59
CA THR D 27 18.43 16.75 -15.46
C THR D 27 18.83 16.55 -14.00
N PRO D 28 19.08 15.30 -13.59
CA PRO D 28 19.48 15.08 -12.21
C PRO D 28 20.95 15.48 -12.00
N GLU D 29 21.29 15.83 -10.77
CA GLU D 29 22.66 16.18 -10.40
C GLU D 29 23.12 15.28 -9.26
N MET D 30 23.59 14.09 -9.64
CA MET D 30 23.89 13.02 -8.68
C MET D 30 25.35 13.02 -8.20
N GLY D 31 26.21 13.72 -8.92
CA GLY D 31 27.63 13.81 -8.58
C GLY D 31 28.55 13.68 -9.79
N ASP D 32 28.13 12.87 -10.76
CA ASP D 32 28.85 12.67 -12.02
C ASP D 32 30.37 12.48 -11.83
N PRO D 33 30.79 11.34 -11.25
CA PRO D 33 32.19 11.13 -10.83
C PRO D 33 33.22 11.13 -11.97
N ASP D 34 32.82 10.68 -13.16
CA ASP D 34 33.68 10.75 -14.34
C ASP D 34 32.90 11.03 -15.62
N GLU D 35 33.61 11.07 -16.76
CA GLU D 35 33.04 11.41 -18.07
C GLU D 35 32.02 10.40 -18.61
N HIS D 36 31.92 9.24 -17.96
CA HIS D 36 31.01 8.18 -18.41
C HIS D 36 29.81 7.99 -17.48
N LEU D 37 29.77 8.73 -16.38
CA LEU D 37 28.84 8.43 -15.30
C LEU D 37 27.85 9.54 -14.92
N ARG D 38 27.45 10.32 -15.92
CA ARG D 38 26.37 11.30 -15.77
C ARG D 38 25.11 10.57 -15.32
N GLY D 39 24.49 11.06 -14.26
CA GLY D 39 23.29 10.44 -13.69
C GLY D 39 23.58 9.54 -12.51
N PHE D 40 24.86 9.26 -12.27
CA PHE D 40 25.32 8.46 -11.14
C PHE D 40 26.12 9.32 -10.18
N SER D 41 26.20 8.89 -8.92
CA SER D 41 27.15 9.47 -7.96
C SER D 41 28.42 8.63 -7.97
N LYS D 42 29.47 9.14 -7.33
CA LYS D 42 30.63 8.33 -7.00
C LYS D 42 30.17 7.22 -6.04
N SER D 43 30.90 6.11 -6.03
CA SER D 43 30.66 5.04 -5.07
CA SER D 43 30.66 5.04 -5.07
C SER D 43 30.63 5.60 -3.65
N ILE D 44 29.68 5.12 -2.85
CA ILE D 44 29.53 5.58 -1.48
C ILE D 44 30.57 4.88 -0.59
N SER D 45 31.33 5.68 0.15
CA SER D 45 32.24 5.15 1.15
C SER D 45 31.81 5.59 2.54
N ILE D 46 32.14 4.78 3.54
CA ILE D 46 31.72 5.02 4.92
C ILE D 46 32.91 5.55 5.73
N SER D 47 32.70 6.66 6.43
CA SER D 47 33.76 7.26 7.24
C SER D 47 34.24 6.34 8.37
N ASP D 48 35.51 6.48 8.74
CA ASP D 48 36.14 5.67 9.77
C ASP D 48 35.48 5.83 11.14
N THR D 49 35.09 7.06 11.47
CA THR D 49 34.38 7.37 12.70
C THR D 49 33.20 8.30 12.40
N PHE D 50 32.29 8.43 13.36
CA PHE D 50 31.11 9.29 13.17
C PHE D 50 31.51 10.75 12.99
N GLU D 51 32.47 11.21 13.79
CA GLU D 51 32.93 12.60 13.75
C GLU D 51 33.75 12.95 12.49
N SER D 52 34.30 11.94 11.82
CA SER D 52 35.16 12.18 10.65
C SER D 52 34.41 12.12 9.31
N ASP D 53 33.08 12.04 9.37
CA ASP D 53 32.25 12.04 8.17
C ASP D 53 32.63 13.22 7.28
N SER D 54 33.09 12.90 6.06
CA SER D 54 33.59 13.90 5.13
CA SER D 54 33.59 13.90 5.13
C SER D 54 33.31 13.49 3.68
N PRO D 55 32.04 13.57 3.25
CA PRO D 55 31.72 13.13 1.89
C PRO D 55 32.34 14.00 0.80
N ASN D 56 32.88 13.36 -0.23
CA ASN D 56 33.37 14.06 -1.42
C ASN D 56 32.19 14.61 -2.22
N ARG D 57 32.44 15.72 -2.93
CA ARG D 57 31.40 16.39 -3.71
C ARG D 57 30.70 15.46 -4.70
N ASP D 58 31.47 14.64 -5.40
CA ASP D 58 30.89 13.78 -6.44
C ASP D 58 30.08 12.57 -5.92
N MET D 59 29.99 12.41 -4.61
CA MET D 59 29.11 11.38 -4.05
C MET D 59 27.87 11.93 -3.34
N LEU D 60 27.65 13.25 -3.48
CA LEU D 60 26.48 13.91 -2.91
C LEU D 60 25.51 14.39 -4.00
N PRO D 61 24.35 13.72 -4.12
CA PRO D 61 23.30 14.26 -4.99
C PRO D 61 22.88 15.66 -4.53
N CYS D 62 22.58 16.53 -5.49
CA CYS D 62 22.15 17.90 -5.23
C CYS D 62 20.77 18.18 -5.79
N TYR D 63 20.11 19.20 -5.27
CA TYR D 63 18.85 19.70 -5.82
C TYR D 63 19.07 20.25 -7.24
N SER D 64 18.13 19.96 -8.13
CA SER D 64 18.12 20.56 -9.47
C SER D 64 17.19 21.75 -9.48
N VAL D 65 17.53 22.74 -10.30
CA VAL D 65 16.73 23.97 -10.41
C VAL D 65 16.88 24.61 -11.79
N ALA D 66 15.77 25.06 -12.34
CA ALA D 66 15.79 25.88 -13.55
C ALA D 66 14.89 27.10 -13.37
N ARG D 67 15.40 28.25 -13.78
CA ARG D 67 14.62 29.48 -13.84
C ARG D 67 14.29 29.75 -15.30
N ILE D 68 13.00 29.81 -15.60
CA ILE D 68 12.55 29.96 -16.99
C ILE D 68 11.90 31.33 -17.19
N PRO D 69 12.45 32.11 -18.15
CA PRO D 69 11.89 33.41 -18.46
C PRO D 69 10.54 33.27 -19.17
N LEU D 70 9.60 34.12 -18.78
CA LEU D 70 8.25 34.08 -19.34
C LEU D 70 8.07 35.30 -20.26
N PRO D 71 7.02 35.31 -21.10
CA PRO D 71 6.79 36.48 -21.94
C PRO D 71 6.75 37.76 -21.12
N ASN D 72 7.49 38.77 -21.59
CA ASN D 72 7.62 40.05 -20.88
C ASN D 72 6.29 40.75 -20.69
N LEU D 73 6.00 41.12 -19.45
CA LEU D 73 4.77 41.85 -19.13
C LEU D 73 5.09 43.27 -18.67
N ASN D 74 4.03 44.09 -18.55
CA ASN D 74 4.13 45.45 -18.01
C ASN D 74 5.14 46.34 -18.73
N GLU D 75 5.06 46.35 -20.07
CA GLU D 75 5.92 47.20 -20.89
C GLU D 75 5.54 48.67 -20.76
N ASP D 76 4.24 48.93 -20.60
CA ASP D 76 3.74 50.28 -20.34
C ASP D 76 3.74 50.60 -18.85
N LEU D 77 3.69 51.89 -18.52
CA LEU D 77 3.75 52.36 -17.13
C LEU D 77 2.55 51.88 -16.31
N ILE D 82 -0.44 46.30 -12.44
CA ILE D 82 0.62 45.34 -12.72
C ILE D 82 0.06 43.95 -13.04
N LEU D 83 0.55 43.37 -14.13
CA LEU D 83 0.21 41.99 -14.50
C LEU D 83 1.34 41.04 -14.15
N MET D 84 0.98 39.85 -13.67
CA MET D 84 1.94 38.80 -13.36
C MET D 84 1.44 37.48 -13.93
N TRP D 85 2.36 36.64 -14.39
CA TRP D 85 2.02 35.28 -14.79
C TRP D 85 1.73 34.45 -13.55
N GLU D 86 0.59 33.76 -13.57
CA GLU D 86 0.15 32.91 -12.47
C GLU D 86 0.18 31.45 -12.92
N ALA D 87 0.94 30.62 -12.22
CA ALA D 87 1.03 29.19 -12.53
C ALA D 87 -0.21 28.46 -11.99
N VAL D 88 -0.93 27.77 -12.88
CA VAL D 88 -2.23 27.19 -12.54
C VAL D 88 -2.19 25.66 -12.44
N THR D 89 -1.56 25.02 -13.41
CA THR D 89 -1.50 23.55 -13.46
C THR D 89 -0.10 23.06 -13.75
N LEU D 90 0.17 21.82 -13.33
CA LEU D 90 1.42 21.13 -13.59
C LEU D 90 1.17 19.71 -14.07
N LYS D 91 1.86 19.34 -15.15
CA LYS D 91 2.03 17.94 -15.51
C LYS D 91 3.50 17.62 -15.34
N THR D 92 3.79 16.50 -14.68
CA THR D 92 5.17 16.13 -14.40
C THR D 92 5.36 14.62 -14.35
N GLU D 93 6.54 14.16 -14.78
CA GLU D 93 6.93 12.76 -14.61
C GLU D 93 8.42 12.54 -14.77
N VAL D 94 8.88 11.41 -14.24
CA VAL D 94 10.26 10.98 -14.33
C VAL D 94 10.50 10.40 -15.73
N ILE D 95 11.57 10.88 -16.39
CA ILE D 95 11.90 10.48 -17.75
C ILE D 95 12.95 9.37 -17.77
N GLY D 96 12.61 8.25 -18.40
CA GLY D 96 13.53 7.13 -18.56
C GLY D 96 13.39 6.03 -17.52
N VAL D 97 12.18 5.82 -17.02
CA VAL D 97 11.93 4.83 -15.97
C VAL D 97 12.35 3.42 -16.38
N THR D 98 12.20 3.09 -17.67
CA THR D 98 12.52 1.75 -18.17
C THR D 98 14.03 1.45 -18.21
N SER D 99 14.86 2.49 -18.14
CA SER D 99 16.31 2.30 -18.12
C SER D 99 16.74 1.45 -16.93
N LEU D 100 15.93 1.44 -15.87
CA LEU D 100 16.22 0.64 -14.67
C LEU D 100 16.07 -0.87 -14.92
N MET D 101 15.59 -1.25 -16.10
CA MET D 101 15.50 -2.66 -16.47
C MET D 101 16.82 -3.21 -17.00
N ASN D 102 17.83 -2.35 -17.15
CA ASN D 102 19.18 -2.84 -17.47
C ASN D 102 19.82 -3.48 -16.24
N VAL D 103 19.62 -4.79 -16.13
CA VAL D 103 20.18 -5.59 -15.05
C VAL D 103 21.29 -6.51 -15.59
N HIS D 104 21.90 -6.08 -16.70
CA HIS D 104 22.89 -6.89 -17.41
C HIS D 104 24.25 -6.19 -17.59
N SER D 105 24.42 -5.05 -16.92
CA SER D 105 25.59 -4.21 -17.11
C SER D 105 26.37 -3.99 -15.80
N ASN D 106 27.46 -4.73 -15.63
CA ASN D 106 28.35 -4.60 -14.47
C ASN D 106 27.64 -4.54 -13.12
N GLY D 107 26.65 -5.41 -12.95
CA GLY D 107 25.88 -5.46 -11.71
C GLY D 107 26.29 -6.63 -10.83
N GLN D 108 25.82 -6.63 -9.59
CA GLN D 108 26.01 -7.76 -8.70
C GLN D 108 24.82 -8.70 -8.83
N ALA D 109 25.10 -9.96 -9.14
CA ALA D 109 24.06 -10.98 -9.25
C ALA D 109 23.32 -11.13 -7.92
N THR D 110 21.99 -11.22 -8.02
CA THR D 110 21.12 -11.36 -6.84
C THR D 110 21.31 -12.71 -6.14
N HIS D 111 21.73 -13.71 -6.92
CA HIS D 111 22.12 -15.04 -6.42
C HIS D 111 22.97 -15.70 -7.50
N ASP D 112 23.49 -16.90 -7.22
CA ASP D 112 24.31 -17.62 -8.19
C ASP D 112 23.56 -17.81 -9.52
N ASN D 113 24.17 -17.31 -10.59
CA ASN D 113 23.64 -17.37 -11.96
C ASN D 113 22.47 -16.41 -12.25
N GLY D 114 22.08 -15.61 -11.25
CA GLY D 114 20.96 -14.69 -11.39
C GLY D 114 21.26 -13.43 -12.16
N ALA D 115 20.21 -12.66 -12.44
CA ALA D 115 20.36 -11.35 -13.07
C ALA D 115 20.97 -10.35 -12.09
N GLY D 116 21.43 -9.23 -12.61
CA GLY D 116 21.99 -8.17 -11.78
C GLY D 116 20.95 -7.55 -10.87
N LYS D 117 21.39 -7.09 -9.71
CA LYS D 117 20.54 -6.39 -8.77
C LYS D 117 20.11 -5.06 -9.41
N PRO D 118 18.80 -4.79 -9.44
CA PRO D 118 18.36 -3.54 -10.04
C PRO D 118 18.57 -2.36 -9.09
N VAL D 119 18.43 -1.14 -9.60
CA VAL D 119 18.46 0.06 -8.78
C VAL D 119 17.35 -0.04 -7.73
N GLN D 120 17.72 0.12 -6.47
CA GLN D 120 16.78 0.03 -5.35
C GLN D 120 17.36 0.68 -4.11
N GLY D 121 16.56 0.74 -3.05
CA GLY D 121 16.98 1.37 -1.82
C GLY D 121 16.49 2.80 -1.71
N THR D 122 17.07 3.53 -0.75
CA THR D 122 16.64 4.89 -0.41
C THR D 122 16.41 5.78 -1.64
N SER D 123 15.20 6.36 -1.71
CA SER D 123 14.85 7.25 -2.80
C SER D 123 14.27 8.56 -2.28
N PHE D 124 14.46 9.62 -3.06
CA PHE D 124 13.80 10.89 -2.79
C PHE D 124 13.28 11.47 -4.09
N HIS D 125 11.96 11.60 -4.19
CA HIS D 125 11.33 12.18 -5.36
C HIS D 125 10.63 13.46 -4.98
N PHE D 126 11.07 14.56 -5.59
CA PHE D 126 10.65 15.89 -5.19
C PHE D 126 10.49 16.80 -6.40
N PHE D 127 9.47 17.63 -6.36
CA PHE D 127 9.28 18.68 -7.35
C PHE D 127 8.57 19.88 -6.75
N SER D 128 8.92 21.06 -7.25
CA SER D 128 8.25 22.29 -6.84
C SER D 128 8.12 23.25 -8.00
N VAL D 129 7.08 24.07 -7.94
CA VAL D 129 6.84 25.13 -8.92
C VAL D 129 6.56 26.40 -8.13
N GLY D 130 7.27 27.47 -8.46
CA GLY D 130 7.13 28.73 -7.74
C GLY D 130 7.39 29.97 -8.57
N GLY D 131 6.94 31.11 -8.07
CA GLY D 131 7.15 32.39 -8.72
C GLY D 131 8.43 33.07 -8.23
N GLU D 132 9.25 32.29 -7.54
CA GLU D 132 10.54 32.72 -6.99
C GLU D 132 11.29 31.47 -6.53
N ALA D 133 12.56 31.63 -6.18
CA ALA D 133 13.40 30.51 -5.75
C ALA D 133 12.81 29.74 -4.57
N LEU D 134 12.93 28.41 -4.61
CA LEU D 134 12.50 27.57 -3.51
C LEU D 134 13.31 27.92 -2.27
N GLU D 135 12.63 28.12 -1.16
CA GLU D 135 13.28 28.47 0.09
C GLU D 135 13.59 27.22 0.92
N LEU D 136 14.84 27.14 1.39
CA LEU D 136 15.35 25.95 2.03
C LEU D 136 15.65 26.15 3.51
N GLN D 137 15.53 25.05 4.26
CA GLN D 137 15.91 24.97 5.67
C GLN D 137 16.91 23.83 5.81
N GLY D 138 18.03 24.10 6.47
CA GLY D 138 19.04 23.07 6.68
C GLY D 138 18.75 22.19 7.88
N VAL D 139 18.85 20.88 7.68
CA VAL D 139 18.83 19.91 8.77
C VAL D 139 19.93 18.88 8.49
N LEU D 140 20.79 18.63 9.48
CA LEU D 140 21.93 17.75 9.31
C LEU D 140 21.78 16.45 10.08
N PHE D 141 22.10 15.33 9.43
CA PHE D 141 22.08 14.04 10.11
C PHE D 141 23.14 14.01 11.21
N ASN D 142 24.29 14.61 10.90
CA ASN D 142 25.46 14.65 11.76
C ASN D 142 26.06 16.05 11.63
N TYR D 143 26.02 16.82 12.70
CA TYR D 143 26.47 18.23 12.64
C TYR D 143 27.97 18.37 12.42
N ARG D 144 28.72 17.30 12.69
CA ARG D 144 30.17 17.32 12.51
C ARG D 144 30.62 16.83 11.14
N THR D 145 29.67 16.46 10.28
CA THR D 145 29.96 16.17 8.88
C THR D 145 30.68 17.35 8.24
N LYS D 146 31.81 17.08 7.58
CA LYS D 146 32.50 18.08 6.79
C LYS D 146 32.00 18.03 5.35
N TYR D 147 31.26 19.05 4.96
CA TYR D 147 30.75 19.13 3.60
C TYR D 147 31.79 19.75 2.68
N PRO D 148 31.87 19.25 1.43
CA PRO D 148 33.01 19.56 0.57
C PRO D 148 32.91 20.92 -0.11
N ASP D 149 34.06 21.45 -0.51
CA ASP D 149 34.13 22.66 -1.31
C ASP D 149 33.35 22.48 -2.61
N GLY D 150 32.64 23.52 -3.01
CA GLY D 150 31.83 23.47 -4.23
C GLY D 150 30.36 23.22 -3.93
N THR D 151 30.07 22.83 -2.70
CA THR D 151 28.68 22.70 -2.25
C THR D 151 28.30 23.85 -1.32
N ILE D 152 27.02 24.18 -1.31
CA ILE D 152 26.50 25.17 -0.38
C ILE D 152 25.69 24.44 0.71
N PHE D 153 26.17 24.55 1.95
CA PHE D 153 25.68 23.75 3.06
C PHE D 153 25.43 24.62 4.30
N PRO D 154 24.69 24.09 5.29
CA PRO D 154 24.48 24.82 6.53
C PRO D 154 25.81 25.19 7.19
N LYS D 155 26.00 26.49 7.40
CA LYS D 155 27.23 27.02 8.01
C LYS D 155 27.03 27.26 9.50
N ASN D 156 28.14 27.33 10.24
CA ASN D 156 28.11 27.51 11.70
C ASN D 156 27.27 26.44 12.39
N ALA D 157 27.42 25.19 11.93
CA ALA D 157 26.66 24.07 12.45
C ALA D 157 26.93 23.83 13.93
N THR D 158 25.87 23.56 14.68
CA THR D 158 25.96 23.16 16.08
C THR D 158 25.20 21.85 16.23
N VAL D 159 25.23 21.26 17.42
CA VAL D 159 24.49 20.02 17.68
C VAL D 159 22.99 20.18 17.41
N GLN D 160 22.48 21.39 17.65
CA GLN D 160 21.06 21.69 17.41
C GLN D 160 20.67 21.58 15.92
N SER D 161 21.66 21.71 15.04
CA SER D 161 21.45 21.56 13.59
C SER D 161 20.98 20.15 13.22
N GLN D 162 21.19 19.19 14.12
CA GLN D 162 20.73 17.82 13.93
C GLN D 162 19.22 17.67 14.06
N VAL D 163 18.57 18.67 14.64
CA VAL D 163 17.11 18.68 14.80
C VAL D 163 16.44 19.93 14.22
N MET D 164 16.91 21.11 14.63
CA MET D 164 16.44 22.39 14.09
C MET D 164 17.30 23.57 14.53
N ASN D 165 17.97 24.18 13.57
CA ASN D 165 18.71 25.42 13.77
C ASN D 165 18.24 26.42 12.73
N THR D 166 17.50 27.44 13.20
CA THR D 166 16.86 28.43 12.31
C THR D 166 17.84 29.34 11.56
N GLU D 167 19.12 29.27 11.88
CA GLU D 167 20.13 30.02 11.13
C GLU D 167 20.31 29.46 9.71
N HIS D 168 20.04 28.17 9.53
CA HIS D 168 20.26 27.51 8.25
C HIS D 168 19.14 27.79 7.23
N LYS D 169 19.15 29.01 6.69
CA LYS D 169 18.21 29.42 5.65
C LYS D 169 18.97 29.67 4.34
N ALA D 170 18.39 29.22 3.23
CA ALA D 170 18.98 29.41 1.91
C ALA D 170 17.90 29.47 0.84
N TYR D 171 18.28 29.91 -0.36
CA TYR D 171 17.45 29.83 -1.55
C TYR D 171 18.07 28.83 -2.49
N LEU D 172 17.24 28.01 -3.14
CA LEU D 172 17.73 27.14 -4.19
C LEU D 172 17.94 27.98 -5.45
N ASP D 173 19.12 28.60 -5.53
CA ASP D 173 19.44 29.59 -6.55
C ASP D 173 20.66 29.20 -7.38
N LYS D 174 21.06 27.93 -7.27
CA LYS D 174 22.21 27.40 -8.00
C LYS D 174 22.09 25.89 -8.20
N ASN D 175 22.40 25.45 -9.42
CA ASN D 175 22.41 24.03 -9.77
C ASN D 175 23.73 23.40 -9.31
N LYS D 176 23.71 22.08 -9.11
CA LYS D 176 24.90 21.30 -8.69
C LYS D 176 25.54 21.80 -7.39
N ALA D 177 24.74 22.38 -6.50
CA ALA D 177 25.32 23.10 -5.35
C ALA D 177 24.75 22.72 -3.98
N TYR D 178 23.43 22.59 -3.90
CA TYR D 178 22.75 22.33 -2.62
C TYR D 178 22.50 20.84 -2.41
N PRO D 179 23.30 20.20 -1.53
CA PRO D 179 23.17 18.75 -1.36
C PRO D 179 21.80 18.39 -0.81
N VAL D 180 21.20 17.35 -1.38
CA VAL D 180 19.89 16.86 -0.97
C VAL D 180 19.86 16.55 0.53
N GLU D 181 20.89 15.86 1.03
CA GLU D 181 20.91 15.42 2.43
C GLU D 181 20.97 16.54 3.48
N CYS D 182 21.32 17.75 3.05
CA CYS D 182 21.48 18.92 3.95
C CYS D 182 20.25 19.80 4.05
N TRP D 183 19.43 19.79 3.02
CA TRP D 183 18.40 20.80 2.84
C TRP D 183 17.02 20.20 2.58
N VAL D 184 15.99 20.85 3.12
CA VAL D 184 14.60 20.56 2.78
C VAL D 184 13.87 21.87 2.50
N PRO D 185 12.72 21.80 1.81
CA PRO D 185 11.90 23.00 1.68
C PRO D 185 11.54 23.54 3.07
N ASP D 186 11.67 24.85 3.23
CA ASP D 186 11.36 25.53 4.48
C ASP D 186 9.86 25.75 4.60
N PRO D 187 9.19 25.01 5.50
CA PRO D 187 7.74 25.10 5.61
C PRO D 187 7.26 26.43 6.21
N THR D 188 8.16 27.18 6.85
CA THR D 188 7.82 28.49 7.43
C THR D 188 7.81 29.61 6.38
N ARG D 189 8.27 29.26 5.18
CA ARG D 189 8.28 30.20 4.07
C ARG D 189 7.58 29.53 2.87
N ASN D 190 8.03 29.82 1.65
CA ASN D 190 7.48 29.20 0.43
C ASN D 190 5.99 29.46 0.18
N GLU D 191 5.52 30.66 0.52
CA GLU D 191 4.13 31.06 0.29
C GLU D 191 3.81 31.13 -1.21
N ASN D 192 4.83 31.39 -2.02
CA ASN D 192 4.70 31.61 -3.46
C ASN D 192 5.22 30.41 -4.27
N THR D 193 5.28 29.25 -3.62
CA THR D 193 5.75 28.01 -4.24
C THR D 193 4.84 26.88 -3.78
N ARG D 194 4.62 25.90 -4.65
CA ARG D 194 3.96 24.66 -4.26
C ARG D 194 5.00 23.55 -4.36
N TYR D 195 5.23 22.83 -3.26
CA TYR D 195 6.21 21.75 -3.29
C TYR D 195 5.64 20.40 -2.86
N PHE D 196 6.23 19.33 -3.39
CA PHE D 196 5.77 17.97 -3.15
C PHE D 196 6.99 17.07 -3.10
N GLY D 197 7.10 16.25 -2.06
CA GLY D 197 8.22 15.33 -1.92
C GLY D 197 7.92 14.09 -1.12
N THR D 198 8.58 12.99 -1.48
CA THR D 198 8.51 11.76 -0.72
C THR D 198 9.89 11.15 -0.57
N LEU D 199 10.29 10.93 0.68
CA LEU D 199 11.48 10.14 0.99
C LEU D 199 11.02 8.73 1.34
N THR D 200 11.59 7.75 0.64
CA THR D 200 11.39 6.34 0.98
C THR D 200 12.75 5.74 1.32
N GLY D 201 13.00 5.52 2.62
CA GLY D 201 14.29 5.01 3.09
C GLY D 201 14.30 3.50 3.25
N GLY D 202 15.49 2.91 3.26
CA GLY D 202 15.64 1.45 3.38
C GLY D 202 16.53 0.91 2.29
N GLU D 203 17.29 -0.13 2.62
CA GLU D 203 18.30 -0.71 1.72
C GLU D 203 17.69 -1.41 0.50
N ASN D 204 16.50 -1.97 0.67
CA ASN D 204 15.90 -2.84 -0.35
C ASN D 204 14.57 -2.34 -0.90
N VAL D 205 14.28 -1.07 -0.66
CA VAL D 205 13.05 -0.44 -1.12
C VAL D 205 12.93 -0.50 -2.65
N PRO D 206 11.78 -1.01 -3.15
CA PRO D 206 11.56 -1.08 -4.59
C PRO D 206 11.16 0.28 -5.20
N PRO D 207 11.84 0.70 -6.29
CA PRO D 207 11.34 1.87 -7.01
C PRO D 207 9.95 1.58 -7.57
N VAL D 208 9.00 2.46 -7.28
CA VAL D 208 7.68 2.39 -7.90
C VAL D 208 7.47 3.68 -8.66
N LEU D 209 7.60 3.62 -9.99
CA LEU D 209 7.60 4.83 -10.81
C LEU D 209 6.47 4.79 -11.82
N HIS D 210 5.51 5.70 -11.67
CA HIS D 210 4.35 5.79 -12.55
C HIS D 210 4.58 6.84 -13.61
N ILE D 211 4.17 6.53 -14.84
CA ILE D 211 4.16 7.50 -15.93
C ILE D 211 2.77 7.58 -16.58
N THR D 212 2.36 8.80 -16.92
CA THR D 212 1.13 9.04 -17.68
C THR D 212 1.07 10.51 -18.12
N ASN D 213 0.44 10.76 -19.27
CA ASN D 213 0.20 12.12 -19.72
C ASN D 213 -1.23 12.59 -19.45
N THR D 214 -1.91 11.88 -18.54
CA THR D 214 -3.30 12.17 -18.23
C THR D 214 -3.49 12.80 -16.84
N ALA D 215 -2.39 12.96 -16.10
CA ALA D 215 -2.45 13.44 -14.71
C ALA D 215 -2.03 14.88 -14.57
N THR D 216 -2.87 15.67 -13.90
CA THR D 216 -2.63 17.10 -13.69
C THR D 216 -2.68 17.45 -12.21
N THR D 217 -1.70 18.24 -11.76
CA THR D 217 -1.75 18.85 -10.43
C THR D 217 -2.15 20.31 -10.54
N VAL D 218 -3.18 20.70 -9.79
CA VAL D 218 -3.63 22.08 -9.73
C VAL D 218 -2.79 22.82 -8.68
N LEU D 219 -2.29 24.00 -9.05
CA LEU D 219 -1.33 24.72 -8.20
C LEU D 219 -1.96 25.89 -7.43
N LEU D 220 -3.27 26.04 -7.56
CA LEU D 220 -3.98 27.10 -6.86
C LEU D 220 -4.08 26.79 -5.36
N ASP D 221 -3.97 27.82 -4.53
CA ASP D 221 -4.18 27.64 -3.10
C ASP D 221 -5.67 27.66 -2.77
N GLU D 222 -6.01 27.66 -1.49
CA GLU D 222 -7.42 27.60 -1.04
C GLU D 222 -8.23 28.83 -1.47
N PHE D 223 -7.54 29.91 -1.83
CA PHE D 223 -8.18 31.14 -2.31
C PHE D 223 -8.24 31.19 -3.84
N GLY D 224 -7.72 30.15 -4.49
CA GLY D 224 -7.72 30.06 -5.95
C GLY D 224 -6.60 30.87 -6.60
N VAL D 225 -5.50 31.07 -5.88
CA VAL D 225 -4.36 31.81 -6.40
C VAL D 225 -3.14 30.89 -6.52
N GLY D 226 -2.57 30.82 -7.72
CA GLY D 226 -1.36 30.04 -7.96
C GLY D 226 -0.12 30.88 -7.73
N PRO D 227 1.08 30.25 -7.84
CA PRO D 227 2.34 31.00 -7.72
C PRO D 227 2.39 32.16 -8.71
N LEU D 228 2.78 33.33 -8.21
CA LEU D 228 2.85 34.54 -9.03
C LEU D 228 4.30 34.85 -9.37
N CYS D 229 4.59 34.91 -10.66
CA CYS D 229 5.97 34.92 -11.14
C CYS D 229 6.63 36.30 -11.11
N LYS D 230 7.43 36.54 -10.08
CA LYS D 230 8.12 37.81 -9.91
C LYS D 230 9.19 37.99 -10.99
N GLY D 231 9.19 39.16 -11.62
CA GLY D 231 10.13 39.45 -12.71
C GLY D 231 9.89 38.62 -13.96
N ASP D 232 8.68 38.06 -14.08
CA ASP D 232 8.33 37.16 -15.19
C ASP D 232 9.27 35.95 -15.29
N ASN D 233 9.56 35.35 -14.14
CA ASN D 233 10.38 34.14 -14.07
C ASN D 233 9.68 33.01 -13.32
N LEU D 234 9.74 31.82 -13.91
CA LEU D 234 9.17 30.62 -13.30
C LEU D 234 10.28 29.73 -12.76
N TYR D 235 10.17 29.34 -11.49
CA TYR D 235 11.17 28.49 -10.86
C TYR D 235 10.69 27.05 -10.72
N LEU D 236 11.41 26.15 -11.36
CA LEU D 236 11.15 24.72 -11.25
C LEU D 236 12.32 24.04 -10.56
N SER D 237 12.01 23.20 -9.57
CA SER D 237 13.02 22.50 -8.79
C SER D 237 12.66 21.02 -8.69
N ALA D 238 13.68 20.16 -8.64
CA ALA D 238 13.46 18.71 -8.61
C ALA D 238 14.60 17.93 -7.96
N VAL D 239 14.23 16.80 -7.34
CA VAL D 239 15.18 15.75 -6.97
C VAL D 239 14.51 14.43 -7.32
N ASP D 240 15.23 13.59 -8.04
CA ASP D 240 14.76 12.24 -8.33
C ASP D 240 15.88 11.22 -8.17
N VAL D 241 16.30 11.04 -6.92
CA VAL D 241 17.20 9.96 -6.56
C VAL D 241 16.32 8.71 -6.54
N CYS D 242 16.58 7.79 -7.46
CA CYS D 242 15.72 6.63 -7.65
C CYS D 242 16.11 5.46 -6.75
N GLY D 243 17.32 5.53 -6.21
CA GLY D 243 17.87 4.45 -5.39
C GLY D 243 19.36 4.32 -5.67
N MET D 244 19.90 3.14 -5.38
CA MET D 244 21.32 2.88 -5.60
C MET D 244 21.53 1.75 -6.59
N PHE D 245 22.53 1.94 -7.44
CA PHE D 245 23.00 0.87 -8.31
C PHE D 245 24.16 0.17 -7.60
N THR D 246 24.10 -1.16 -7.53
CA THR D 246 25.15 -1.97 -6.92
C THR D 246 25.99 -2.65 -8.00
N ASN D 247 27.28 -2.35 -8.04
CA ASN D 247 28.14 -3.03 -9.03
CA ASN D 247 28.23 -2.97 -8.97
C ASN D 247 28.65 -4.37 -8.53
N ARG D 248 29.32 -5.10 -9.41
CA ARG D 248 29.83 -6.46 -9.13
C ARG D 248 30.56 -6.55 -7.79
N SER D 249 31.41 -5.57 -7.49
CA SER D 249 32.20 -5.56 -6.26
C SER D 249 31.37 -5.31 -5.01
N GLY D 250 30.16 -4.80 -5.20
CA GLY D 250 29.27 -4.48 -4.09
C GLY D 250 29.21 -3.00 -3.77
N SER D 251 30.10 -2.21 -4.38
CA SER D 251 30.07 -0.76 -4.18
C SER D 251 28.81 -0.16 -4.81
N GLN D 252 28.27 0.87 -4.16
CA GLN D 252 26.97 1.42 -4.53
C GLN D 252 27.03 2.89 -4.87
N GLN D 253 26.27 3.26 -5.91
CA GLN D 253 26.20 4.63 -6.40
C GLN D 253 24.74 5.04 -6.51
N TRP D 254 24.42 6.27 -6.11
CA TRP D 254 23.09 6.82 -6.35
C TRP D 254 22.85 6.90 -7.85
N ARG D 255 21.61 6.61 -8.26
CA ARG D 255 21.19 6.78 -9.65
C ARG D 255 19.97 7.70 -9.71
N GLY D 256 20.07 8.73 -10.56
CA GLY D 256 19.00 9.70 -10.72
C GLY D 256 18.49 9.74 -12.14
N LEU D 257 17.30 10.30 -12.32
CA LEU D 257 16.69 10.46 -13.63
C LEU D 257 16.10 11.86 -13.78
N SER D 258 15.95 12.30 -15.02
CA SER D 258 15.42 13.63 -15.33
C SER D 258 13.92 13.73 -15.05
N ARG D 259 13.45 14.95 -14.83
CA ARG D 259 12.04 15.20 -14.58
C ARG D 259 11.45 16.18 -15.58
N TYR D 260 10.33 15.76 -16.18
CA TYR D 260 9.58 16.59 -17.12
C TYR D 260 8.62 17.52 -16.38
N PHE D 261 8.53 18.76 -16.85
CA PHE D 261 7.58 19.75 -16.34
C PHE D 261 6.78 20.35 -17.50
N LYS D 262 5.47 20.42 -17.33
CA LYS D 262 4.62 21.26 -18.19
C LYS D 262 3.73 22.11 -17.29
N VAL D 263 3.92 23.43 -17.37
CA VAL D 263 3.18 24.37 -16.53
C VAL D 263 2.33 25.30 -17.39
N GLN D 264 1.03 25.37 -17.08
CA GLN D 264 0.12 26.33 -17.71
C GLN D 264 0.02 27.58 -16.85
N LEU D 265 0.17 28.74 -17.48
CA LEU D 265 0.10 30.02 -16.76
C LEU D 265 -0.91 30.98 -17.38
N ARG D 266 -1.47 31.84 -16.54
CA ARG D 266 -2.41 32.87 -16.99
C ARG D 266 -2.00 34.24 -16.44
N LYS D 267 -2.35 35.29 -17.16
CA LYS D 267 -2.08 36.65 -16.71
C LYS D 267 -3.05 37.05 -15.61
N ARG D 268 -2.51 37.55 -14.51
CA ARG D 268 -3.34 38.04 -13.40
C ARG D 268 -2.94 39.46 -13.00
N ARG D 269 -3.94 40.31 -12.78
CA ARG D 269 -3.69 41.67 -12.30
C ARG D 269 -3.53 41.68 -10.79
N VAL D 270 -2.52 42.43 -10.33
CA VAL D 270 -2.19 42.53 -8.91
C VAL D 270 -2.05 44.01 -8.53
N LYS D 271 -2.49 44.34 -7.31
CA LYS D 271 -2.41 45.71 -6.79
C LYS D 271 -1.12 45.92 -6.00
N ASN D 272 -0.44 47.03 -6.27
CA ASN D 272 0.81 47.43 -5.61
C ASN D 272 1.89 46.35 -5.67
N GLU E 8 -9.21 22.20 -35.45
CA GLU E 8 -10.49 22.70 -34.87
C GLU E 8 -11.50 21.57 -34.69
N VAL E 9 -11.81 21.27 -33.43
CA VAL E 9 -12.71 20.17 -33.09
C VAL E 9 -14.15 20.65 -32.95
N LEU E 10 -15.05 20.10 -33.76
CA LEU E 10 -16.46 20.46 -33.73
C LEU E 10 -17.30 19.39 -33.02
N GLU E 11 -18.55 19.23 -33.42
CA GLU E 11 -19.50 18.36 -32.72
C GLU E 11 -19.31 16.86 -32.98
N VAL E 12 -19.74 16.06 -32.01
CA VAL E 12 -19.80 14.62 -32.14
C VAL E 12 -21.04 14.24 -32.94
N LYS E 13 -20.89 13.27 -33.84
CA LYS E 13 -22.02 12.71 -34.57
C LYS E 13 -22.79 11.73 -33.69
N THR E 14 -24.12 11.79 -33.76
CA THR E 14 -24.97 10.87 -33.00
C THR E 14 -25.68 9.90 -33.96
N GLY E 15 -26.41 8.95 -33.37
CA GLY E 15 -27.09 7.92 -34.15
C GLY E 15 -26.43 6.56 -33.97
N VAL E 16 -27.08 5.53 -34.51
CA VAL E 16 -26.64 4.13 -34.35
C VAL E 16 -25.25 3.87 -34.95
N ASP E 17 -25.05 4.29 -36.20
CA ASP E 17 -23.82 4.01 -36.94
C ASP E 17 -22.66 4.97 -36.63
N SER E 18 -22.87 5.90 -35.70
CA SER E 18 -21.85 6.88 -35.33
C SER E 18 -20.81 6.35 -34.34
N ILE E 19 -20.97 5.10 -33.90
CA ILE E 19 -20.04 4.47 -32.96
C ILE E 19 -19.45 3.17 -33.53
N THR E 20 -18.20 2.90 -33.16
CA THR E 20 -17.56 1.63 -33.49
C THR E 20 -16.75 1.13 -32.30
N GLU E 21 -16.39 -0.15 -32.33
CA GLU E 21 -15.66 -0.78 -31.24
C GLU E 21 -14.47 -1.58 -31.79
N VAL E 22 -13.34 -1.46 -31.11
CA VAL E 22 -12.15 -2.23 -31.45
C VAL E 22 -11.80 -3.15 -30.30
N GLU E 23 -11.62 -4.44 -30.63
CA GLU E 23 -11.30 -5.45 -29.64
C GLU E 23 -10.19 -6.34 -30.17
N CYS E 24 -9.13 -6.48 -29.38
CA CYS E 24 -7.98 -7.28 -29.78
C CYS E 24 -7.06 -7.56 -28.59
N PHE E 25 -6.04 -8.36 -28.82
CA PHE E 25 -5.00 -8.60 -27.84
C PHE E 25 -3.64 -8.35 -28.47
N LEU E 26 -2.70 -7.86 -27.66
CA LEU E 26 -1.32 -7.69 -28.10
C LEU E 26 -0.47 -8.69 -27.36
N THR E 27 0.26 -9.51 -28.13
CA THR E 27 1.17 -10.50 -27.53
C THR E 27 2.46 -9.82 -27.07
N PRO E 28 3.08 -10.35 -25.99
CA PRO E 28 4.34 -9.78 -25.53
C PRO E 28 5.51 -10.19 -26.42
N GLU E 29 6.53 -9.34 -26.48
CA GLU E 29 7.73 -9.65 -27.22
C GLU E 29 8.94 -9.58 -26.30
N MET E 30 9.17 -10.70 -25.60
CA MET E 30 10.19 -10.77 -24.56
C MET E 30 11.57 -11.19 -25.08
N GLY E 31 11.59 -11.73 -26.29
CA GLY E 31 12.83 -12.17 -26.92
C GLY E 31 12.74 -13.51 -27.62
N ASP E 32 11.93 -14.42 -27.07
CA ASP E 32 11.68 -15.75 -27.65
C ASP E 32 12.96 -16.48 -28.09
N PRO E 33 13.79 -16.91 -27.11
CA PRO E 33 15.13 -17.44 -27.42
C PRO E 33 15.14 -18.75 -28.22
N ASP E 34 14.08 -19.55 -28.12
CA ASP E 34 13.92 -20.73 -28.98
C ASP E 34 12.45 -21.01 -29.32
N GLU E 35 12.21 -22.10 -30.04
CA GLU E 35 10.88 -22.48 -30.51
C GLU E 35 9.94 -22.95 -29.40
N HIS E 36 10.45 -23.04 -28.17
CA HIS E 36 9.66 -23.49 -27.02
C HIS E 36 9.38 -22.38 -26.02
N LEU E 37 9.98 -21.20 -26.24
CA LEU E 37 10.03 -20.17 -25.21
C LEU E 37 9.38 -18.83 -25.56
N ARG E 38 8.31 -18.88 -26.35
CA ARG E 38 7.48 -17.70 -26.61
C ARG E 38 6.95 -17.16 -25.27
N GLY E 39 7.11 -15.87 -25.05
CA GLY E 39 6.71 -15.23 -23.79
C GLY E 39 7.87 -15.07 -22.81
N PHE E 40 9.00 -15.70 -23.11
CA PHE E 40 10.20 -15.64 -22.28
C PHE E 40 11.32 -14.92 -23.02
N SER E 41 12.23 -14.31 -22.27
CA SER E 41 13.49 -13.83 -22.82
C SER E 41 14.53 -14.93 -22.69
N LYS E 42 15.69 -14.73 -23.33
CA LYS E 42 16.86 -15.56 -23.06
C LYS E 42 17.31 -15.30 -21.62
N SER E 43 17.98 -16.30 -21.03
CA SER E 43 18.61 -16.15 -19.73
C SER E 43 19.44 -14.86 -19.69
N ILE E 44 19.37 -14.16 -18.56
CA ILE E 44 20.03 -12.87 -18.39
C ILE E 44 21.46 -13.06 -17.87
N SER E 45 22.41 -12.51 -18.60
CA SER E 45 23.81 -12.52 -18.19
C SER E 45 24.26 -11.09 -17.86
N ILE E 46 25.42 -10.96 -17.22
CA ILE E 46 25.91 -9.66 -16.77
C ILE E 46 27.32 -9.40 -17.30
N SER E 47 27.49 -8.29 -18.03
CA SER E 47 28.80 -7.90 -18.55
C SER E 47 29.74 -7.51 -17.42
N ASP E 48 31.05 -7.63 -17.65
CA ASP E 48 32.05 -7.30 -16.63
C ASP E 48 32.14 -5.80 -16.35
N THR E 49 31.91 -4.99 -17.38
CA THR E 49 31.97 -3.54 -17.27
C THR E 49 30.85 -2.88 -18.07
N PHE E 50 30.63 -1.60 -17.82
CA PHE E 50 29.72 -0.77 -18.62
C PHE E 50 30.11 -0.76 -20.10
N GLU E 51 31.42 -0.66 -20.36
CA GLU E 51 31.91 -0.61 -21.73
CA GLU E 51 31.94 -0.61 -21.72
C GLU E 51 31.68 -1.91 -22.48
N SER E 52 31.63 -3.04 -21.76
CA SER E 52 31.46 -4.35 -22.39
C SER E 52 29.99 -4.82 -22.49
N ASP E 53 29.06 -3.98 -22.03
CA ASP E 53 27.63 -4.30 -22.10
C ASP E 53 27.17 -4.46 -23.55
N SER E 54 26.81 -5.69 -23.91
CA SER E 54 26.39 -5.99 -25.28
CA SER E 54 26.40 -6.00 -25.28
C SER E 54 25.27 -7.03 -25.28
N PRO E 55 24.04 -6.61 -24.89
CA PRO E 55 22.94 -7.56 -24.77
C PRO E 55 22.54 -8.23 -26.08
N ASN E 56 22.30 -9.54 -26.01
CA ASN E 56 21.77 -10.32 -27.11
C ASN E 56 20.35 -9.87 -27.41
N ARG E 57 19.97 -9.90 -28.69
CA ARG E 57 18.62 -9.50 -29.11
C ARG E 57 17.52 -10.24 -28.35
N ASP E 58 17.64 -11.55 -28.21
CA ASP E 58 16.61 -12.36 -27.55
C ASP E 58 16.61 -12.25 -26.01
N MET E 59 17.48 -11.40 -25.47
CA MET E 59 17.52 -11.13 -24.03
C MET E 59 16.83 -9.81 -23.70
N LEU E 60 16.40 -9.09 -24.74
CA LEU E 60 15.80 -7.76 -24.57
C LEU E 60 14.31 -7.74 -24.94
N PRO E 61 13.44 -7.58 -23.92
CA PRO E 61 12.03 -7.34 -24.19
C PRO E 61 11.82 -6.05 -24.99
N CYS E 62 10.84 -6.06 -25.89
CA CYS E 62 10.52 -4.91 -26.72
C CYS E 62 9.09 -4.44 -26.49
N TYR E 63 8.81 -3.19 -26.87
CA TYR E 63 7.45 -2.67 -26.87
C TYR E 63 6.61 -3.41 -27.91
N SER E 64 5.35 -3.67 -27.58
CA SER E 64 4.40 -4.20 -28.55
C SER E 64 3.56 -3.08 -29.13
N VAL E 65 3.19 -3.22 -30.40
CA VAL E 65 2.33 -2.24 -31.06
C VAL E 65 1.42 -2.93 -32.08
N ALA E 66 0.19 -2.43 -32.16
CA ALA E 66 -0.74 -2.83 -33.21
C ALA E 66 -1.37 -1.59 -33.83
N ARG E 67 -1.28 -1.48 -35.15
CA ARG E 67 -2.00 -0.47 -35.91
C ARG E 67 -3.28 -1.12 -36.42
N ILE E 68 -4.42 -0.54 -36.04
CA ILE E 68 -5.71 -1.13 -36.37
C ILE E 68 -6.52 -0.19 -37.28
N PRO E 69 -6.78 -0.63 -38.52
CA PRO E 69 -7.61 0.14 -39.45
C PRO E 69 -9.06 0.17 -38.98
N LEU E 70 -9.68 1.33 -39.14
CA LEU E 70 -11.04 1.58 -38.70
C LEU E 70 -11.92 1.82 -39.92
N PRO E 71 -13.27 1.74 -39.77
CA PRO E 71 -14.13 2.02 -40.92
C PRO E 71 -13.83 3.36 -41.58
N ASN E 72 -13.72 3.36 -42.91
CA ASN E 72 -13.41 4.55 -43.69
C ASN E 72 -14.46 5.63 -43.48
N LEU E 73 -14.02 6.88 -43.32
CA LEU E 73 -14.93 7.98 -43.04
C LEU E 73 -15.07 8.99 -44.17
N ASN E 74 -13.96 9.29 -44.83
CA ASN E 74 -13.92 10.33 -45.86
C ASN E 74 -13.49 9.81 -47.21
N ILE E 82 -14.58 17.44 -42.27
CA ILE E 82 -14.01 16.10 -42.22
C ILE E 82 -14.41 15.35 -40.94
N LEU E 83 -14.54 14.04 -41.03
CA LEU E 83 -14.86 13.21 -39.87
C LEU E 83 -13.67 12.36 -39.44
N MET E 84 -13.50 12.22 -38.13
CA MET E 84 -12.44 11.38 -37.56
C MET E 84 -13.02 10.51 -36.46
N TRP E 85 -12.49 9.29 -36.32
CA TRP E 85 -12.82 8.45 -35.18
C TRP E 85 -12.13 8.98 -33.93
N GLU E 86 -12.91 9.12 -32.86
CA GLU E 86 -12.40 9.62 -31.59
C GLU E 86 -12.49 8.51 -30.55
N ALA E 87 -11.34 8.13 -29.99
CA ALA E 87 -11.30 7.08 -28.97
C ALA E 87 -11.77 7.64 -27.63
N VAL E 88 -12.80 7.02 -27.05
CA VAL E 88 -13.47 7.56 -25.86
C VAL E 88 -13.20 6.79 -24.58
N THR E 89 -13.28 5.47 -24.66
CA THR E 89 -13.10 4.61 -23.49
C THR E 89 -12.19 3.44 -23.80
N LEU E 90 -11.56 2.91 -22.77
CA LEU E 90 -10.71 1.73 -22.86
C LEU E 90 -11.02 0.76 -21.73
N LYS E 91 -11.21 -0.50 -22.09
CA LYS E 91 -11.12 -1.60 -21.13
C LYS E 91 -9.87 -2.39 -21.49
N THR E 92 -9.05 -2.67 -20.49
CA THR E 92 -7.81 -3.41 -20.70
C THR E 92 -7.49 -4.33 -19.53
N GLU E 93 -6.85 -5.45 -19.81
CA GLU E 93 -6.27 -6.29 -18.78
C GLU E 93 -5.25 -7.29 -19.30
N VAL E 94 -4.38 -7.72 -18.40
CA VAL E 94 -3.37 -8.73 -18.68
C VAL E 94 -4.05 -10.10 -18.74
N ILE E 95 -3.71 -10.86 -19.78
CA ILE E 95 -4.34 -12.16 -20.05
C ILE E 95 -3.42 -13.30 -19.61
N GLY E 96 -3.96 -14.17 -18.77
CA GLY E 96 -3.22 -15.35 -18.30
C GLY E 96 -2.48 -15.19 -16.98
N VAL E 97 -3.00 -14.34 -16.09
CA VAL E 97 -2.34 -14.06 -14.81
C VAL E 97 -2.13 -15.32 -13.94
N THR E 98 -3.02 -16.30 -14.08
CA THR E 98 -2.96 -17.52 -13.28
C THR E 98 -1.84 -18.47 -13.69
N SER E 99 -1.32 -18.31 -14.91
CA SER E 99 -0.21 -19.13 -15.40
C SER E 99 1.00 -19.03 -14.47
N LEU E 100 1.11 -17.91 -13.75
CA LEU E 100 2.22 -17.68 -12.83
C LEU E 100 2.12 -18.55 -11.57
N MET E 101 1.03 -19.31 -11.46
CA MET E 101 0.88 -20.27 -10.38
C MET E 101 1.55 -21.60 -10.68
N ASN E 102 2.09 -21.75 -11.89
CA ASN E 102 2.89 -22.94 -12.19
C ASN E 102 4.26 -22.82 -11.55
N VAL E 103 4.35 -23.35 -10.33
CA VAL E 103 5.58 -23.38 -9.54
C VAL E 103 6.15 -24.79 -9.50
N HIS E 104 5.83 -25.59 -10.52
CA HIS E 104 6.25 -26.99 -10.57
C HIS E 104 7.03 -27.34 -11.84
N SER E 105 7.36 -26.33 -12.64
CA SER E 105 7.98 -26.55 -13.95
C SER E 105 9.43 -26.05 -14.00
N ASN E 106 10.38 -26.95 -13.71
CA ASN E 106 11.81 -26.67 -13.82
C ASN E 106 12.26 -25.39 -13.09
N GLY E 107 11.65 -25.14 -11.94
CA GLY E 107 11.96 -23.94 -11.16
C GLY E 107 13.02 -24.22 -10.10
N GLN E 108 13.43 -23.17 -9.41
CA GLN E 108 14.36 -23.31 -8.30
C GLN E 108 13.57 -23.34 -7.00
N ALA E 109 13.78 -24.39 -6.22
CA ALA E 109 13.11 -24.52 -4.92
C ALA E 109 13.50 -23.36 -4.03
N THR E 110 12.51 -22.80 -3.34
CA THR E 110 12.70 -21.68 -2.43
C THR E 110 13.54 -22.09 -1.22
N HIS E 111 13.41 -23.35 -0.83
CA HIS E 111 14.20 -23.97 0.24
C HIS E 111 14.13 -25.49 0.02
N ASP E 112 14.88 -26.25 0.82
CA ASP E 112 14.87 -27.71 0.70
C ASP E 112 13.45 -28.28 0.77
N ASN E 113 13.09 -29.06 -0.25
CA ASN E 113 11.75 -29.68 -0.38
C ASN E 113 10.62 -28.72 -0.77
N GLY E 114 10.96 -27.44 -0.91
CA GLY E 114 9.97 -26.41 -1.20
C GLY E 114 9.48 -26.38 -2.64
N ALA E 115 8.44 -25.57 -2.87
CA ALA E 115 7.91 -25.36 -4.21
C ALA E 115 8.85 -24.46 -5.01
N GLY E 116 8.64 -24.40 -6.32
CA GLY E 116 9.44 -23.53 -7.19
C GLY E 116 9.20 -22.06 -6.88
N LYS E 117 10.27 -21.28 -6.95
CA LYS E 117 10.20 -19.82 -6.82
C LYS E 117 9.34 -19.26 -7.95
N PRO E 118 8.30 -18.48 -7.60
CA PRO E 118 7.40 -17.94 -8.62
C PRO E 118 8.04 -16.77 -9.38
N VAL E 119 7.44 -16.41 -10.51
CA VAL E 119 7.84 -15.22 -11.27
C VAL E 119 7.74 -14.01 -10.35
N GLN E 120 8.83 -13.25 -10.28
CA GLN E 120 8.91 -12.07 -9.44
C GLN E 120 10.05 -11.17 -9.89
N GLY E 121 10.18 -10.02 -9.25
CA GLY E 121 11.22 -9.06 -9.60
C GLY E 121 10.70 -7.96 -10.51
N THR E 122 11.64 -7.16 -11.02
CA THR E 122 11.32 -6.00 -11.84
C THR E 122 10.20 -6.27 -12.86
N SER E 123 9.17 -5.43 -12.82
CA SER E 123 8.10 -5.49 -13.78
C SER E 123 7.91 -4.13 -14.46
N PHE E 124 7.40 -4.16 -15.69
CA PHE E 124 6.93 -2.94 -16.35
C PHE E 124 5.61 -3.24 -17.03
N HIS E 125 4.56 -2.56 -16.57
CA HIS E 125 3.24 -2.70 -17.15
C HIS E 125 2.81 -1.38 -17.75
N PHE E 126 2.58 -1.40 -19.06
CA PHE E 126 2.35 -0.18 -19.81
C PHE E 126 1.32 -0.41 -20.91
N PHE E 127 0.48 0.60 -21.15
CA PHE E 127 -0.43 0.57 -22.28
C PHE E 127 -0.74 1.99 -22.75
N SER E 128 -0.99 2.13 -24.05
CA SER E 128 -1.37 3.42 -24.61
C SER E 128 -2.38 3.25 -25.75
N VAL E 129 -3.20 4.27 -25.93
CA VAL E 129 -4.17 4.33 -27.01
C VAL E 129 -3.99 5.68 -27.69
N GLY E 130 -3.73 5.67 -28.99
CA GLY E 130 -3.53 6.92 -29.73
C GLY E 130 -4.11 6.93 -31.12
N GLY E 131 -4.27 8.14 -31.68
CA GLY E 131 -4.72 8.31 -33.07
C GLY E 131 -3.55 8.37 -34.03
N GLU E 132 -2.36 8.03 -33.52
CA GLU E 132 -1.12 7.98 -34.28
C GLU E 132 -0.09 7.18 -33.48
N ALA E 133 1.05 6.87 -34.09
CA ALA E 133 2.08 6.08 -33.40
C ALA E 133 2.51 6.75 -32.09
N LEU E 134 2.75 5.92 -31.08
CA LEU E 134 3.32 6.39 -29.82
C LEU E 134 4.67 7.03 -30.09
N GLU E 135 4.87 8.23 -29.54
CA GLU E 135 6.14 8.93 -29.71
C GLU E 135 7.08 8.63 -28.56
N LEU E 136 8.32 8.31 -28.90
CA LEU E 136 9.29 7.81 -27.94
C LEU E 136 10.47 8.74 -27.72
N GLN E 137 10.97 8.74 -26.48
CA GLN E 137 12.20 9.42 -26.11
C GLN E 137 13.18 8.36 -25.59
N GLY E 138 14.41 8.39 -26.09
CA GLY E 138 15.43 7.45 -25.65
C GLY E 138 16.13 7.91 -24.39
N VAL E 139 16.24 6.99 -23.41
CA VAL E 139 17.05 7.21 -22.21
C VAL E 139 17.80 5.91 -21.93
N LEU E 140 19.11 6.02 -21.77
CA LEU E 140 19.96 4.85 -21.57
C LEU E 140 20.47 4.74 -20.14
N PHE E 141 20.41 3.55 -19.55
CA PHE E 141 21.01 3.33 -18.24
C PHE E 141 22.52 3.52 -18.34
N ASN E 142 23.09 2.95 -19.41
CA ASN E 142 24.51 2.96 -19.69
C ASN E 142 24.68 3.30 -21.17
N TYR E 143 25.25 4.48 -21.46
CA TYR E 143 25.35 4.98 -22.82
C TYR E 143 26.29 4.17 -23.71
N ARG E 144 27.16 3.37 -23.09
CA ARG E 144 28.10 2.52 -23.82
C ARG E 144 27.57 1.13 -24.13
N THR E 145 26.31 0.87 -23.75
CA THR E 145 25.64 -0.36 -24.13
C THR E 145 25.61 -0.48 -25.66
N LYS E 146 26.08 -1.61 -26.17
CA LYS E 146 25.95 -1.94 -27.57
C LYS E 146 24.66 -2.71 -27.79
N TYR E 147 23.68 -2.06 -28.42
CA TYR E 147 22.42 -2.73 -28.73
C TYR E 147 22.54 -3.53 -30.04
N PRO E 148 21.92 -4.72 -30.09
CA PRO E 148 22.21 -5.69 -31.15
C PRO E 148 21.49 -5.41 -32.46
N ASP E 149 22.00 -5.98 -33.54
CA ASP E 149 21.39 -5.90 -34.86
CA ASP E 149 21.39 -5.90 -34.86
C ASP E 149 19.96 -6.41 -34.80
N GLY E 150 19.05 -5.72 -35.49
CA GLY E 150 17.63 -6.09 -35.48
C GLY E 150 16.79 -5.30 -34.51
N THR E 151 17.45 -4.52 -33.63
CA THR E 151 16.73 -3.63 -32.73
C THR E 151 16.88 -2.17 -33.17
N ILE E 152 15.90 -1.34 -32.84
CA ILE E 152 15.98 0.09 -33.11
C ILE E 152 16.24 0.81 -31.78
N PHE E 153 17.39 1.46 -31.70
CA PHE E 153 17.91 2.01 -30.45
C PHE E 153 18.41 3.44 -30.63
N PRO E 154 18.63 4.17 -29.50
CA PRO E 154 19.18 5.53 -29.60
C PRO E 154 20.54 5.56 -30.27
N LYS E 155 20.62 6.32 -31.36
CA LYS E 155 21.84 6.44 -32.15
C LYS E 155 22.65 7.65 -31.71
N ASN E 156 23.96 7.60 -31.96
CA ASN E 156 24.89 8.66 -31.55
C ASN E 156 24.79 8.96 -30.05
N ALA E 157 24.72 7.89 -29.26
CA ALA E 157 24.65 8.00 -27.81
C ALA E 157 25.87 8.71 -27.24
N THR E 158 25.63 9.59 -26.29
CA THR E 158 26.70 10.26 -25.54
C THR E 158 26.42 10.02 -24.07
N VAL E 159 27.32 10.47 -23.19
CA VAL E 159 27.10 10.34 -21.75
C VAL E 159 25.80 11.06 -21.29
N GLN E 160 25.42 12.11 -22.02
CA GLN E 160 24.19 12.84 -21.73
C GLN E 160 22.93 12.00 -21.98
N SER E 161 23.06 10.98 -22.82
CA SER E 161 21.96 10.04 -23.10
C SER E 161 21.51 9.29 -21.86
N GLN E 162 22.37 9.26 -20.84
CA GLN E 162 22.06 8.61 -19.57
C GLN E 162 21.06 9.41 -18.72
N VAL E 163 20.88 10.68 -19.05
CA VAL E 163 19.90 11.52 -18.35
C VAL E 163 18.85 12.13 -19.28
N MET E 164 19.31 12.80 -20.35
CA MET E 164 18.43 13.35 -21.39
C MET E 164 19.20 13.88 -22.59
N ASN E 165 19.05 13.17 -23.71
CA ASN E 165 19.58 13.60 -24.99
C ASN E 165 18.41 13.71 -25.97
N THR E 166 18.07 14.96 -26.33
CA THR E 166 16.89 15.26 -27.15
C THR E 166 16.96 14.72 -28.58
N GLU E 167 18.14 14.25 -29.01
CA GLU E 167 18.29 13.64 -30.33
C GLU E 167 17.54 12.32 -30.45
N HIS E 168 17.39 11.59 -29.34
CA HIS E 168 16.77 10.26 -29.36
C HIS E 168 15.24 10.30 -29.43
N LYS E 169 14.73 10.67 -30.60
CA LYS E 169 13.29 10.68 -30.86
C LYS E 169 12.95 9.56 -31.83
N ALA E 170 11.85 8.85 -31.56
CA ALA E 170 11.40 7.78 -32.44
C ALA E 170 9.88 7.60 -32.36
N TYR E 171 9.34 6.83 -33.30
CA TYR E 171 7.95 6.42 -33.29
C TYR E 171 7.92 4.92 -33.06
N LEU E 172 7.01 4.47 -32.21
CA LEU E 172 6.76 3.03 -32.06
C LEU E 172 5.96 2.55 -33.27
N ASP E 173 6.69 2.17 -34.32
CA ASP E 173 6.09 1.87 -35.62
C ASP E 173 6.46 0.47 -36.14
N LYS E 174 7.05 -0.34 -35.27
CA LYS E 174 7.48 -1.69 -35.65
C LYS E 174 7.54 -2.60 -34.43
N ASN E 175 7.14 -3.86 -34.62
CA ASN E 175 7.22 -4.87 -33.58
C ASN E 175 8.57 -5.57 -33.52
N LYS E 176 8.88 -6.15 -32.36
CA LYS E 176 10.15 -6.84 -32.10
C LYS E 176 11.36 -5.97 -32.38
N ALA E 177 11.24 -4.67 -32.15
CA ALA E 177 12.25 -3.71 -32.59
C ALA E 177 12.73 -2.74 -31.52
N TYR E 178 11.80 -2.17 -30.76
CA TYR E 178 12.14 -1.12 -29.80
C TYR E 178 12.29 -1.69 -28.38
N PRO E 179 13.53 -1.84 -27.90
CA PRO E 179 13.73 -2.43 -26.58
C PRO E 179 13.13 -1.56 -25.49
N VAL E 180 12.44 -2.20 -24.54
CA VAL E 180 11.81 -1.51 -23.42
C VAL E 180 12.82 -0.64 -22.65
N GLU E 181 14.01 -1.17 -22.40
CA GLU E 181 14.98 -0.52 -21.52
C GLU E 181 15.60 0.78 -22.03
N CYS E 182 15.52 1.06 -23.32
CA CYS E 182 16.11 2.30 -23.84
C CYS E 182 15.11 3.32 -24.38
N TRP E 183 13.82 3.01 -24.29
CA TRP E 183 12.77 3.91 -24.77
C TRP E 183 11.66 4.10 -23.74
N VAL E 184 11.17 5.33 -23.63
CA VAL E 184 9.95 5.65 -22.88
C VAL E 184 9.04 6.54 -23.72
N PRO E 185 7.75 6.62 -23.37
CA PRO E 185 6.89 7.62 -24.01
C PRO E 185 7.48 9.02 -23.83
N ASP E 186 7.51 9.78 -24.92
CA ASP E 186 8.03 11.15 -24.92
C ASP E 186 6.97 12.10 -24.34
N PRO E 187 7.21 12.61 -23.12
CA PRO E 187 6.23 13.49 -22.48
C PRO E 187 6.11 14.86 -23.15
N THR E 188 7.09 15.22 -23.98
CA THR E 188 7.09 16.50 -24.69
C THR E 188 6.20 16.46 -25.93
N ARG E 189 5.80 15.25 -26.32
CA ARG E 189 4.91 15.06 -27.46
CA ARG E 189 4.92 15.05 -27.46
C ARG E 189 3.67 14.26 -27.03
N ASN E 190 3.22 13.33 -27.87
CA ASN E 190 2.06 12.48 -27.56
C ASN E 190 0.76 13.21 -27.19
N GLU E 191 0.52 14.36 -27.81
CA GLU E 191 -0.72 15.11 -27.60
C GLU E 191 -1.96 14.29 -27.99
N ASN E 192 -1.79 13.42 -28.98
CA ASN E 192 -2.89 12.65 -29.57
C ASN E 192 -2.91 11.20 -29.08
N THR E 193 -2.26 10.95 -27.95
CA THR E 193 -2.19 9.63 -27.33
C THR E 193 -2.42 9.75 -25.82
N ARG E 194 -3.00 8.72 -25.22
CA ARG E 194 -3.11 8.61 -23.77
C ARG E 194 -2.30 7.39 -23.33
N TYR E 195 -1.28 7.61 -22.51
CA TYR E 195 -0.41 6.51 -22.08
C TYR E 195 -0.34 6.34 -20.57
N PHE E 196 -0.16 5.10 -20.12
CA PHE E 196 -0.15 4.76 -18.70
C PHE E 196 0.87 3.65 -18.46
N GLY E 197 1.78 3.86 -17.51
CA GLY E 197 2.80 2.86 -17.22
C GLY E 197 3.28 2.87 -15.79
N THR E 198 3.64 1.69 -15.30
CA THR E 198 4.25 1.57 -13.98
C THR E 198 5.46 0.63 -14.02
N LEU E 199 6.61 1.16 -13.63
CA LEU E 199 7.78 0.34 -13.38
C LEU E 199 7.88 0.07 -11.89
N THR E 200 7.91 -1.21 -11.53
CA THR E 200 8.18 -1.63 -10.16
C THR E 200 9.46 -2.43 -10.14
N GLY E 201 10.52 -1.84 -9.60
CA GLY E 201 11.86 -2.44 -9.62
C GLY E 201 12.26 -3.11 -8.32
N GLY E 202 13.20 -4.05 -8.39
CA GLY E 202 13.61 -4.79 -7.20
C GLY E 202 13.55 -6.29 -7.44
N GLU E 203 14.54 -6.99 -6.90
CA GLU E 203 14.73 -8.43 -7.11
C GLU E 203 13.54 -9.30 -6.70
N ASN E 204 12.93 -8.96 -5.57
CA ASN E 204 11.91 -9.81 -4.95
C ASN E 204 10.50 -9.23 -5.01
N VAL E 205 10.32 -8.21 -5.85
CA VAL E 205 9.01 -7.56 -6.02
C VAL E 205 7.94 -8.57 -6.44
N PRO E 206 6.85 -8.65 -5.65
CA PRO E 206 5.75 -9.54 -5.98
C PRO E 206 4.84 -8.98 -7.07
N PRO E 207 4.55 -9.79 -8.12
CA PRO E 207 3.53 -9.35 -9.07
C PRO E 207 2.19 -9.20 -8.37
N VAL E 208 1.51 -8.08 -8.63
CA VAL E 208 0.15 -7.86 -8.16
C VAL E 208 -0.68 -7.56 -9.39
N LEU E 209 -1.44 -8.56 -9.84
CA LEU E 209 -2.17 -8.44 -11.10
C LEU E 209 -3.67 -8.57 -10.88
N HIS E 210 -4.38 -7.49 -11.18
CA HIS E 210 -5.83 -7.42 -11.01
C HIS E 210 -6.51 -7.69 -12.34
N ILE E 211 -7.58 -8.47 -12.30
CA ILE E 211 -8.43 -8.68 -13.48
C ILE E 211 -9.89 -8.36 -13.15
N THR E 212 -10.58 -7.74 -14.11
CA THR E 212 -12.02 -7.46 -14.00
C THR E 212 -12.57 -6.93 -15.32
N ASN E 213 -13.84 -7.24 -15.60
CA ASN E 213 -14.51 -6.69 -16.78
C ASN E 213 -15.45 -5.53 -16.43
N THR E 214 -15.24 -4.95 -15.25
CA THR E 214 -16.11 -3.89 -14.74
C THR E 214 -15.41 -2.53 -14.70
N ALA E 215 -14.15 -2.48 -15.15
CA ALA E 215 -13.34 -1.25 -15.06
C ALA E 215 -13.10 -0.62 -16.43
N THR E 216 -13.44 0.66 -16.54
CA THR E 216 -13.27 1.41 -17.78
C THR E 216 -12.41 2.67 -17.53
N THR E 217 -11.47 2.92 -18.43
CA THR E 217 -10.71 4.18 -18.43
C THR E 217 -11.25 5.12 -19.51
N VAL E 218 -11.56 6.35 -19.13
CA VAL E 218 -12.02 7.37 -20.07
C VAL E 218 -10.82 8.08 -20.68
N LEU E 219 -10.80 8.19 -22.01
CA LEU E 219 -9.63 8.66 -22.75
C LEU E 219 -9.70 10.14 -23.15
N LEU E 220 -10.79 10.80 -22.74
CA LEU E 220 -10.99 12.20 -23.06
C LEU E 220 -10.06 13.09 -22.23
N ASP E 221 -9.54 14.14 -22.85
CA ASP E 221 -8.73 15.13 -22.13
C ASP E 221 -9.62 16.12 -21.37
N GLU E 222 -9.01 17.15 -20.79
CA GLU E 222 -9.74 18.15 -19.99
C GLU E 222 -10.77 18.95 -20.80
N PHE E 223 -10.61 18.95 -22.13
CA PHE E 223 -11.56 19.63 -23.01
C PHE E 223 -12.62 18.66 -23.56
N GLY E 224 -12.61 17.42 -23.06
CA GLY E 224 -13.57 16.40 -23.48
C GLY E 224 -13.27 15.78 -24.84
N VAL E 225 -11.99 15.81 -25.24
CA VAL E 225 -11.57 15.31 -26.54
C VAL E 225 -10.61 14.13 -26.39
N GLY E 226 -10.97 13.01 -27.00
CA GLY E 226 -10.12 11.82 -26.99
C GLY E 226 -9.15 11.83 -28.16
N PRO E 227 -8.27 10.82 -28.24
CA PRO E 227 -7.39 10.65 -29.41
C PRO E 227 -8.19 10.64 -30.70
N LEU E 228 -7.72 11.39 -31.70
CA LEU E 228 -8.38 11.46 -33.00
C LEU E 228 -7.55 10.68 -34.02
N CYS E 229 -8.19 9.71 -34.65
CA CYS E 229 -7.48 8.72 -35.47
C CYS E 229 -7.16 9.18 -36.89
N LYS E 230 -5.91 9.59 -37.10
CA LYS E 230 -5.44 10.10 -38.38
C LYS E 230 -5.41 8.97 -39.41
N GLY E 231 -6.01 9.22 -40.57
CA GLY E 231 -6.09 8.23 -41.64
C GLY E 231 -6.91 6.99 -41.28
N ASP E 232 -7.80 7.15 -40.29
CA ASP E 232 -8.65 6.07 -39.76
C ASP E 232 -7.84 4.88 -39.22
N ASN E 233 -6.77 5.19 -38.49
CA ASN E 233 -5.95 4.17 -37.83
C ASN E 233 -5.90 4.41 -36.32
N LEU E 234 -6.11 3.33 -35.57
CA LEU E 234 -5.97 3.36 -34.12
C LEU E 234 -4.69 2.64 -33.72
N TYR E 235 -3.89 3.27 -32.88
CA TYR E 235 -2.63 2.70 -32.43
C TYR E 235 -2.70 2.24 -30.99
N LEU E 236 -2.44 0.95 -30.78
CA LEU E 236 -2.41 0.37 -29.44
C LEU E 236 -1.01 -0.12 -29.15
N SER E 237 -0.51 0.21 -27.96
CA SER E 237 0.85 -0.16 -27.56
C SER E 237 0.82 -0.73 -26.16
N ALA E 238 1.73 -1.67 -25.89
CA ALA E 238 1.76 -2.37 -24.60
C ALA E 238 3.13 -2.94 -24.26
N VAL E 239 3.41 -2.96 -22.96
CA VAL E 239 4.50 -3.75 -22.41
C VAL E 239 3.97 -4.37 -21.13
N ASP E 240 4.12 -5.69 -21.00
CA ASP E 240 3.76 -6.37 -19.77
C ASP E 240 4.83 -7.37 -19.34
N VAL E 241 5.98 -6.84 -18.95
CA VAL E 241 7.02 -7.64 -18.33
C VAL E 241 6.56 -7.88 -16.90
N CYS E 242 6.24 -9.12 -16.57
CA CYS E 242 5.65 -9.46 -15.27
C CYS E 242 6.69 -9.68 -14.19
N GLY E 243 7.92 -9.91 -14.61
CA GLY E 243 9.02 -10.19 -13.69
C GLY E 243 9.96 -11.20 -14.34
N MET E 244 10.70 -11.91 -13.51
CA MET E 244 11.62 -12.93 -13.99
C MET E 244 11.26 -14.31 -13.48
N PHE E 245 11.40 -15.30 -14.36
CA PHE E 245 11.29 -16.69 -13.98
C PHE E 245 12.69 -17.23 -13.68
N THR E 246 12.84 -17.90 -12.55
CA THR E 246 14.12 -18.48 -12.14
C THR E 246 14.08 -19.99 -12.35
N ASN E 247 14.96 -20.51 -13.21
CA ASN E 247 15.10 -21.94 -13.47
CA ASN E 247 15.01 -21.95 -13.41
C ASN E 247 15.86 -22.64 -12.34
N ARG E 248 15.89 -23.98 -12.39
CA ARG E 248 16.66 -24.81 -11.45
C ARG E 248 18.06 -24.27 -11.14
N SER E 249 18.80 -23.94 -12.20
CA SER E 249 20.21 -23.52 -12.07
C SER E 249 20.37 -22.16 -11.40
N GLY E 250 19.29 -21.39 -11.37
CA GLY E 250 19.34 -20.03 -10.84
C GLY E 250 19.36 -18.95 -11.90
N SER E 251 19.52 -19.34 -13.16
CA SER E 251 19.48 -18.39 -14.26
C SER E 251 18.06 -17.84 -14.42
N GLN E 252 17.95 -16.59 -14.87
CA GLN E 252 16.67 -15.90 -14.88
C GLN E 252 16.30 -15.38 -16.27
N GLN E 253 15.02 -15.49 -16.60
CA GLN E 253 14.46 -15.03 -17.87
C GLN E 253 13.26 -14.13 -17.61
N TRP E 254 13.16 -13.04 -18.35
CA TRP E 254 11.97 -12.20 -18.30
C TRP E 254 10.75 -13.00 -18.75
N ARG E 255 9.62 -12.80 -18.09
CA ARG E 255 8.36 -13.43 -18.51
C ARG E 255 7.29 -12.38 -18.74
N GLY E 256 6.70 -12.41 -19.93
CA GLY E 256 5.64 -11.48 -20.30
C GLY E 256 4.32 -12.17 -20.57
N LEU E 257 3.25 -11.37 -20.54
CA LEU E 257 1.92 -11.84 -20.84
C LEU E 257 1.26 -10.88 -21.82
N SER E 258 0.26 -11.40 -22.54
CA SER E 258 -0.52 -10.61 -23.51
C SER E 258 -1.42 -9.60 -22.80
N ARG E 259 -1.86 -8.58 -23.55
CA ARG E 259 -2.78 -7.58 -23.03
C ARG E 259 -3.99 -7.42 -23.95
N TYR E 260 -5.17 -7.50 -23.34
CA TYR E 260 -6.45 -7.28 -24.00
C TYR E 260 -6.74 -5.78 -24.09
N PHE E 261 -7.29 -5.35 -25.22
CA PHE E 261 -7.76 -3.98 -25.43
C PHE E 261 -9.20 -4.01 -25.96
N LYS E 262 -10.08 -3.23 -25.34
CA LYS E 262 -11.38 -2.90 -25.94
C LYS E 262 -11.55 -1.38 -25.94
N VAL E 263 -11.65 -0.80 -27.13
CA VAL E 263 -11.76 0.65 -27.27
C VAL E 263 -13.08 1.01 -27.95
N GLN E 264 -13.81 1.93 -27.33
CA GLN E 264 -15.03 2.49 -27.93
C GLN E 264 -14.68 3.81 -28.60
N LEU E 265 -15.15 3.97 -29.83
CA LEU E 265 -14.86 5.18 -30.61
C LEU E 265 -16.14 5.79 -31.18
N ARG E 266 -16.12 7.11 -31.36
CA ARG E 266 -17.26 7.83 -31.93
C ARG E 266 -16.78 8.75 -33.06
N LYS E 267 -17.70 9.10 -33.96
CA LYS E 267 -17.40 10.01 -35.07
C LYS E 267 -17.41 11.45 -34.59
N ARG E 268 -16.36 12.18 -34.95
CA ARG E 268 -16.22 13.58 -34.58
C ARG E 268 -15.89 14.42 -35.80
N ARG E 269 -16.61 15.53 -35.96
CA ARG E 269 -16.32 16.47 -37.05
C ARG E 269 -15.18 17.41 -36.67
N VAL E 270 -14.24 17.57 -37.60
CA VAL E 270 -13.07 18.41 -37.41
C VAL E 270 -12.91 19.31 -38.63
N LYS E 271 -12.33 20.49 -38.43
CA LYS E 271 -12.10 21.44 -39.51
C LYS E 271 -10.61 21.50 -39.85
N ASN E 272 -10.31 21.50 -41.15
CA ASN E 272 -8.94 21.59 -41.69
C ASN E 272 -8.02 20.49 -41.18
C2 BGC F . 39.95 -1.68 8.30
C3 BGC F . 38.87 -1.33 9.31
C4 BGC F . 39.45 -1.08 10.71
C5 BGC F . 40.73 -0.20 10.66
C6 BGC F . 41.49 -0.24 11.98
C1 BGC F . 41.06 -0.63 8.34
O1 BGC F . 42.06 -0.96 7.40
O2 BGC F . 39.40 -1.73 7.00
O3 BGC F . 37.91 -2.36 9.37
O4 BGC F . 38.46 -0.43 11.48
O5 BGC F . 41.62 -0.62 9.64
O6 BGC F . 40.97 0.75 12.85
C1 GAL F . 38.08 -1.18 12.65
C2 GAL F . 36.96 -0.42 13.37
C3 GAL F . 36.39 -1.18 14.57
C4 GAL F . 36.15 -2.66 14.22
C5 GAL F . 37.37 -3.27 13.52
C6 GAL F . 37.12 -4.73 13.13
O2 GAL F . 37.43 0.85 13.79
O3 GAL F . 35.17 -0.58 14.95
O4 GAL F . 35.00 -2.79 13.42
O5 GAL F . 37.69 -2.51 12.36
O6 GAL F . 38.31 -5.31 12.67
C1 NAG F . 35.01 -0.55 16.37
C2 NAG F . 34.10 0.61 16.75
C3 NAG F . 33.86 0.66 18.26
C4 NAG F . 33.44 -0.71 18.82
C5 NAG F . 34.34 -1.83 18.27
C6 NAG F . 33.80 -3.22 18.64
C7 NAG F . 34.04 2.75 15.51
C8 NAG F . 34.83 3.97 15.14
N2 NAG F . 34.68 1.86 16.28
O3 NAG F . 32.87 1.63 18.53
O4 NAG F . 33.52 -0.71 20.23
O5 NAG F . 34.47 -1.76 16.87
O6 NAG F . 32.59 -3.45 17.96
O7 NAG F . 32.89 2.61 15.10
C1 GAL F . 32.26 -0.46 20.85
C2 GAL F . 32.20 -1.15 22.22
C3 GAL F . 30.90 -0.82 22.94
C4 GAL F . 30.66 0.69 22.99
C5 GAL F . 30.77 1.26 21.58
C6 GAL F . 30.57 2.76 21.54
O2 GAL F . 32.33 -2.54 22.02
O3 GAL F . 30.88 -1.35 24.25
O4 GAL F . 31.61 1.31 23.83
O5 GAL F . 32.03 0.93 21.03
O6 GAL F . 30.97 3.23 20.27
C1 SIA F . 29.03 2.41 19.09
C2 SIA F . 29.87 3.64 19.43
C3 SIA F . 30.51 4.23 18.17
C4 SIA F . 29.50 4.93 17.26
C5 SIA F . 28.64 5.92 18.04
C6 SIA F . 28.04 5.24 19.29
C7 SIA F . 27.19 6.16 20.18
C8 SIA F . 26.73 5.47 21.47
C9 SIA F . 25.54 6.18 22.09
C10 SIA F . 27.19 7.71 17.20
C11 SIA F . 26.11 8.06 16.23
N5 SIA F . 27.59 6.43 17.17
O1A SIA F . 29.35 1.68 18.13
O1B SIA F . 28.04 2.14 19.79
O4 SIA F . 30.21 5.60 16.21
O6 SIA F . 29.08 4.65 20.07
O7 SIA F . 27.91 7.35 20.52
O8 SIA F . 26.40 4.11 21.21
O9 SIA F . 24.99 5.36 23.11
O10 SIA F . 27.68 8.52 17.96
C2 BGC G . 26.78 -13.34 28.85
C3 BGC G . 25.41 -13.79 28.36
C4 BGC G . 24.81 -14.93 29.18
C5 BGC G . 24.99 -14.70 30.70
C6 BGC G . 24.73 -15.98 31.48
C1 BGC G . 26.72 -13.09 30.36
O1 BGC G . 28.00 -12.72 30.84
O2 BGC G . 27.16 -12.16 28.18
O3 BGC G . 25.49 -14.19 27.00
O4 BGC G . 23.44 -15.00 28.86
O5 BGC G . 26.31 -14.27 31.01
O6 BGC G . 23.96 -15.68 32.62
C1 GAL G . 23.04 -16.32 28.46
C2 GAL G . 21.51 -16.35 28.44
C3 GAL G . 20.96 -17.69 27.95
C4 GAL G . 21.71 -18.18 26.70
C5 GAL G . 23.23 -18.06 26.87
C6 GAL G . 23.97 -18.49 25.60
O2 GAL G . 20.99 -16.06 29.72
O3 GAL G . 19.59 -17.51 27.66
O4 GAL G . 21.28 -17.44 25.58
O5 GAL G . 23.56 -16.72 27.20
O6 GAL G . 25.35 -18.59 25.87
C1 NAG G . 18.81 -18.65 28.04
C2 NAG G . 17.41 -18.20 28.42
C3 NAG G . 16.51 -19.38 28.76
C4 NAG G . 16.60 -20.52 27.72
C5 NAG G . 18.07 -20.80 27.33
C6 NAG G . 18.14 -21.77 26.14
C7 NAG G . 16.90 -16.06 29.49
C8 NAG G . 17.04 -15.25 30.74
N2 NAG G . 17.45 -17.29 29.53
O3 NAG G . 15.18 -18.91 28.85
O4 NAG G . 16.05 -21.70 28.25
O5 NAG G . 18.75 -19.61 27.00
O6 NAG G . 17.77 -21.09 24.96
O7 NAG G . 16.32 -15.60 28.50
C1 GAL G . 14.72 -21.93 27.75
C2 GAL G . 14.47 -23.42 27.60
C3 GAL G . 13.01 -23.69 27.21
C4 GAL G . 12.04 -22.95 28.14
C5 GAL G . 12.43 -21.47 28.20
C6 GAL G . 11.55 -20.64 29.14
O2 GAL G . 15.33 -23.99 26.63
O3 GAL G . 12.76 -25.08 27.25
O4 GAL G . 12.07 -23.52 29.42
O5 GAL G . 13.77 -21.33 28.62
O6 GAL G . 12.14 -19.37 29.38
C1 SIA G . 11.69 -18.55 27.15
C2 SIA G . 11.53 -18.28 28.64
C3 SIA G . 12.30 -17.01 29.03
C4 SIA G . 11.61 -15.72 28.52
C5 SIA G . 10.14 -15.69 28.90
C6 SIA G . 9.47 -17.00 28.45
C7 SIA G . 7.97 -17.10 28.77
C8 SIA G . 7.37 -18.45 28.40
C9 SIA G . 5.87 -18.34 28.18
C10 SIA G . 8.54 -13.82 28.87
C11 SIA G . 8.00 -12.68 28.07
N5 SIA G . 9.49 -14.54 28.28
O1A SIA G . 10.75 -19.11 26.53
O1B SIA G . 12.76 -18.24 26.59
O4 SIA G . 12.28 -14.58 29.06
O6 SIA G . 10.16 -18.12 29.01
O7 SIA G . 7.76 -16.87 30.18
O8 SIA G . 8.00 -18.97 27.22
O9 SIA G . 5.34 -19.64 27.91
O10 SIA G . 8.12 -14.07 30.00
C1 GOL H . 17.85 -1.99 29.18
O1 GOL H . 16.44 -2.06 29.22
C2 GOL H . 18.45 -3.01 30.15
O2 GOL H . 17.57 -3.25 31.22
C3 GOL H . 19.77 -2.48 30.70
O3 GOL H . 20.82 -3.00 29.92
C1 EDO I . -0.94 10.29 11.26
O1 EDO I . -1.32 8.91 11.40
C2 EDO I . 0.56 10.40 11.53
O2 EDO I . 1.28 10.07 10.33
C1 GOL J . 0.75 -27.67 20.41
O1 GOL J . -0.20 -27.62 19.37
C2 GOL J . 1.44 -29.03 20.43
O2 GOL J . 0.59 -30.02 19.89
C3 GOL J . 1.78 -29.40 21.87
O3 GOL J . 3.01 -28.82 22.23
C1 GOL K . 5.25 -32.01 -11.19
O1 GOL K . 4.87 -31.06 -12.16
C2 GOL K . 6.35 -32.91 -11.75
O2 GOL K . 6.19 -33.10 -13.13
C3 GOL K . 6.30 -34.25 -11.05
O3 GOL K . 7.30 -34.29 -10.06
C1 EDO L . -10.36 -10.02 -5.48
O1 EDO L . -9.89 -9.93 -4.14
C2 EDO L . -11.14 -8.76 -5.83
O2 EDO L . -10.40 -7.97 -6.76
C1 EDO M . -10.08 -10.86 1.34
O1 EDO M . -9.90 -9.44 1.45
C2 EDO M . -10.54 -11.21 -0.08
O2 EDO M . -9.55 -12.05 -0.67
C1 GOL N . 32.64 9.69 3.33
O1 GOL N . 31.66 10.26 4.18
C2 GOL N . 33.93 9.48 4.13
O2 GOL N . 34.05 10.46 5.14
C3 GOL N . 35.12 9.56 3.20
O3 GOL N . 35.43 8.25 2.74
C1 EDO O . 4.95 13.24 -4.47
O1 EDO O . 5.20 13.26 -3.06
C2 EDO O . 6.28 13.00 -5.20
O2 EDO O . 6.37 11.60 -5.54
C1 GOL P . 25.04 -8.12 -21.95
O1 GOL P . 24.89 -7.35 -20.78
C2 GOL P . 26.39 -8.83 -21.94
O2 GOL P . 27.39 -7.94 -22.37
C3 GOL P . 26.32 -10.01 -22.89
O3 GOL P . 25.32 -10.89 -22.46
C1 EDO Q . -0.63 -0.08 -15.27
O1 EDO Q . -0.05 -0.67 -14.10
C2 EDO Q . -1.14 1.32 -14.94
O2 EDO Q . -0.05 2.24 -15.00
C1 EDO R . -4.65 3.89 -14.20
O1 EDO R . -4.20 2.85 -15.06
C2 EDO R . -5.51 4.88 -14.98
O2 EDO R . -6.59 4.18 -15.62
#